data_9B3I
#
_entry.id   9B3I
#
_cell.length_a   1.00
_cell.length_b   1.00
_cell.length_c   1.00
_cell.angle_alpha   90.00
_cell.angle_beta   90.00
_cell.angle_gamma   90.00
#
_symmetry.space_group_name_H-M   'P 1'
#
loop_
_entity.id
_entity.type
_entity.pdbx_description
1 polymer 'KAP114 isoform 1'
2 polymer 'Histone H2A'
3 polymer 'Histone H2B'
4 polymer 'GTP-binding nuclear protein'
5 polymer 'NAP1 isoform 1'
6 non-polymer 'MAGNESIUM ION'
7 non-polymer "GUANOSINE-5'-TRIPHOSPHATE"
#
loop_
_entity_poly.entity_id
_entity_poly.type
_entity_poly.pdbx_seq_one_letter_code
_entity_poly.pdbx_strand_id
1 'polypeptide(L)'
;GSPNSRVDMDINELIIGAQSADKHTREVAETQLLQWCDSDASQVFKALANVALQHEASLESRQFALLSLRKLITMYWSPG
FESYRSTSNVEIDVKDFIREVLLKLCLNDNENTKIKNGASYCIVQISAVDFPDQWPQLLTVIYDAISHQHSLNAMSLLNE
IYDDVVSEEMFFEGGIGLATMEIVFKVLNTETSTLIAKIAALKLLKACLLQMSSHNEYDEASRKSFVSQCLATSLQILGQ
LLTLNFGNVDVISQLKFKSIIYENLVFIKNDFSRKHFSSELQKQFKIMAIQDLENVTHINANVETTESEPLLETVHDCSI
YIVEFLTSVCTLQFSVEEMNKIITSLTILCQLSSETREIWTSDFNTFVSKETGLAASYNVRDQANEFFTSLPNPQLSLIF
KVVSNDIEHSTCNYSTLESLLYLLQCILLNDDEITGENIDQSLQILIKTLENILVSQEIPELILARAILTIPRVLDKFID
ALPDIKPLTSAFLAKSLNLALKSDKELIKSATLIAFTYYCYFAELDSVLGPEVCSETQEKVIRIINQVSSDAEEDTNGAL
MEVLSQVISYNPKEPHSRKEILQAEFHLVFTISSEDPANVQVVVQSQECLEKLLDNINMDNYKNYIELCLPSFINVLDSN
NANNYRYSPLLSLVLEFITVFLKKKPNDGFLPDEINQYLFEPLAKVLAFSTEDETLQLATEAFSYLIFNTDTRAMEPRLM
DIMKVLERLLSLEVSDSAAMNVGPLVVAIFTRFSKEIQPLIGRILEAVVVRLIKTQNISTEQNLLSVLCFLTCNDPKQTV
DFLSSFQIDNTDALTLVMRKWIEAFEVIRGEKRIKENIVALSNLFFLNDKRLQKVVVNGNLIPYEGDLIITRSMAKKMPD
RYVQVPLYTKIIKLFVSELSFQSKQPNPEQLITSDIKQEVVNANKDDDNDDWEDVDDVLDYDKLKEYIDDDVDEEADDDS
DDITGLMDVKESVVQLLVRFFKEVASKDVSGFHCIYETLSDSERKVLSEALL
;
A
2 'polypeptide(L)'
;SGGKGGKAGSAAKASQSRSAKAGLTFPVGRVHRLLRRGNYAQRIGSGAPVYLTAVLEYLAAEILELAGNAARDNKKTRII
PRHLQLAIRNDDELNKLLGNVTIAQGGVLPNIHQNLLPKKSAKTAKASQEL
;
B
3 'polypeptide(L)'
;SSAAEKKPASKAPAEKKPAAKKTSTSVDGKKRSKVRKETYSSYIYKVLKQTHPDTGISQKSMSILNSFVNDIFERIATEA
SKLAAYNKKSTISAREIQTAVRLILPGELAKHAVSEGTRAVTKYSSSTQA
;
C
4 'polypeptide(L)'
;MASAPAANGEVPTFKLVLVGDGGTGKTTFVKRHLTGEFEKKYIATIGVEVHPLSFYTNFGEIKFDVWDTAGLEKFGGLRD
GYYINAQCAIIMFDVTSRITYKNVPNWHRDLVRVCENIPIVLCGNKVDVKERKVKAKTITFHRKKNLQYYDISAKSNYNF
EKPFLWLARKLAGNPQLEFVENLYFQ
;
D
5 'polypeptide(L)'
;GSMGTDPIRTKPKSSMQIDNAPTPHNTPASVLNPSYLKNGNPVRAQAQEQDDKIGTINEEDILANQPLLLQSIQDRLGSL
VGQDSGYVGGLPKNVKEKLLSLKTLQSELFEVEKEFQVEMFELENKFLQKYKPIWEQRSRIISGQEQPKPEQIAKGQEIV
ESLNETELLVDEEEKAQNDSEEEQVKGIPSFWLTALENLPIVADTITDRDAEVLEYLQDIGLEYLTDGRPGFKLLFRFDS
SANPFFTNDILAKTYFYQKELGYSGDFIYDHAEGAEISWKDNAHNVTVDLEMRKQRNKTTKQVRTIEKITPIESFFNFFD
PPKIQNEDQDEELEEDLEERLALDYSIGEQLKDKLIPRAVDWFTGAALEFEFEEDEEEADEDEDEEDDDDHGLEDDDGES
AEEQDDFAGRPEQAPECKQS
;
E,F
#
# COMPACT_ATOMS: atom_id res chain seq x y z
N ASP A 10 6.46 -47.96 -2.27
CA ASP A 10 6.60 -46.81 -3.17
C ASP A 10 6.69 -45.52 -2.38
N ILE A 11 5.74 -45.31 -1.48
CA ILE A 11 5.81 -44.15 -0.59
C ILE A 11 7.02 -44.23 0.32
N ASN A 12 7.46 -45.43 0.68
CA ASN A 12 8.51 -45.56 1.68
C ASN A 12 9.84 -45.01 1.18
N GLU A 13 10.26 -45.39 -0.03
CA GLU A 13 11.53 -44.87 -0.53
C GLU A 13 11.43 -43.38 -0.80
N LEU A 14 10.24 -42.87 -1.12
CA LEU A 14 10.08 -41.43 -1.24
C LEU A 14 10.33 -40.73 0.09
N ILE A 15 9.73 -41.23 1.18
CA ILE A 15 9.92 -40.55 2.44
C ILE A 15 11.33 -40.78 2.99
N ILE A 16 12.03 -41.81 2.55
CA ILE A 16 13.44 -41.96 2.91
C ILE A 16 14.29 -40.97 2.12
N GLY A 17 14.09 -40.91 0.81
CA GLY A 17 14.91 -40.03 -0.02
C GLY A 17 14.71 -38.56 0.28
N ALA A 18 13.47 -38.17 0.57
CA ALA A 18 13.19 -36.77 0.85
C ALA A 18 13.84 -36.29 2.14
N GLN A 19 14.27 -37.21 2.99
CA GLN A 19 14.97 -36.83 4.21
C GLN A 19 16.47 -36.67 4.01
N SER A 20 16.99 -37.02 2.84
CA SER A 20 18.43 -37.03 2.63
C SER A 20 19.00 -35.62 2.63
N ALA A 21 20.22 -35.49 3.16
CA ALA A 21 20.92 -34.22 3.11
C ALA A 21 21.40 -33.90 1.69
N ASP A 22 21.77 -34.93 0.92
CA ASP A 22 22.23 -34.73 -0.44
C ASP A 22 21.16 -34.02 -1.27
N LYS A 23 21.57 -32.96 -1.96
CA LYS A 23 20.59 -32.11 -2.65
C LYS A 23 19.87 -32.87 -3.75
N HIS A 24 20.59 -33.71 -4.49
CA HIS A 24 19.99 -34.37 -5.65
C HIS A 24 18.87 -35.33 -5.22
N THR A 25 19.17 -36.23 -4.29
CA THR A 25 18.17 -37.23 -3.89
C THR A 25 16.98 -36.55 -3.22
N ARG A 26 17.24 -35.57 -2.38
CA ARG A 26 16.16 -34.86 -1.71
C ARG A 26 15.26 -34.14 -2.72
N GLU A 27 15.87 -33.43 -3.67
CA GLU A 27 15.07 -32.70 -4.64
C GLU A 27 14.27 -33.65 -5.53
N VAL A 28 14.90 -34.73 -5.99
CA VAL A 28 14.19 -35.64 -6.88
C VAL A 28 13.04 -36.32 -6.15
N ALA A 29 13.26 -36.72 -4.89
CA ALA A 29 12.19 -37.34 -4.12
C ALA A 29 11.04 -36.37 -3.90
N GLU A 30 11.35 -35.12 -3.55
CA GLU A 30 10.29 -34.14 -3.36
C GLU A 30 9.50 -33.93 -4.64
N THR A 31 10.20 -33.83 -5.78
CA THR A 31 9.51 -33.58 -7.03
C THR A 31 8.65 -34.76 -7.44
N GLN A 32 9.15 -35.98 -7.26
CA GLN A 32 8.33 -37.15 -7.54
C GLN A 32 7.11 -37.18 -6.65
N LEU A 33 7.25 -36.82 -5.37
CA LEU A 33 6.10 -36.80 -4.47
C LEU A 33 5.04 -35.82 -4.94
N LEU A 34 5.46 -34.59 -5.29
CA LEU A 34 4.47 -33.63 -5.76
C LEU A 34 3.83 -34.06 -7.07
N GLN A 35 4.60 -34.64 -7.99
CA GLN A 35 4.02 -35.14 -9.23
C GLN A 35 2.97 -36.21 -8.94
N TRP A 36 3.33 -37.19 -8.13
CA TRP A 36 2.41 -38.28 -7.82
C TRP A 36 1.16 -37.77 -7.13
N CYS A 37 1.31 -36.81 -6.22
CA CYS A 37 0.14 -36.25 -5.56
C CYS A 37 -0.71 -35.46 -6.54
N ASP A 38 -0.09 -34.91 -7.58
CA ASP A 38 -0.88 -34.19 -8.61
C ASP A 38 -1.65 -35.22 -9.45
N SER A 39 -1.06 -36.39 -9.70
CA SER A 39 -1.74 -37.39 -10.54
C SER A 39 -2.96 -37.96 -9.83
N ASP A 40 -2.80 -38.44 -8.59
CA ASP A 40 -3.89 -39.00 -7.79
C ASP A 40 -3.66 -38.60 -6.32
N ALA A 41 -4.34 -37.53 -5.90
CA ALA A 41 -4.17 -37.06 -4.53
C ALA A 41 -4.59 -38.11 -3.51
N SER A 42 -5.73 -38.78 -3.76
CA SER A 42 -6.28 -39.69 -2.77
C SER A 42 -5.33 -40.85 -2.48
N GLN A 43 -4.68 -41.38 -3.50
CA GLN A 43 -3.74 -42.48 -3.28
C GLN A 43 -2.60 -42.05 -2.38
N VAL A 44 -2.04 -40.87 -2.62
CA VAL A 44 -0.90 -40.40 -1.84
C VAL A 44 -1.33 -40.07 -0.41
N PHE A 45 -2.46 -39.38 -0.26
CA PHE A 45 -2.98 -39.10 1.08
C PHE A 45 -3.17 -40.37 1.87
N LYS A 46 -3.80 -41.38 1.26
CA LYS A 46 -4.05 -42.62 1.99
C LYS A 46 -2.75 -43.35 2.30
N ALA A 47 -1.79 -43.33 1.39
CA ALA A 47 -0.51 -43.95 1.67
C ALA A 47 0.18 -43.29 2.85
N LEU A 48 0.15 -41.96 2.90
CA LEU A 48 0.78 -41.25 4.01
C LEU A 48 0.06 -41.55 5.32
N ALA A 49 -1.26 -41.60 5.29
CA ALA A 49 -1.99 -41.92 6.52
C ALA A 49 -1.67 -43.32 7.00
N ASN A 50 -1.52 -44.27 6.07
CA ASN A 50 -1.11 -45.62 6.46
C ASN A 50 0.27 -45.62 7.07
N VAL A 51 1.21 -44.86 6.50
CA VAL A 51 2.55 -44.83 7.07
C VAL A 51 2.52 -44.21 8.46
N ALA A 52 1.75 -43.14 8.64
CA ALA A 52 1.65 -42.51 9.95
C ALA A 52 0.98 -43.43 10.95
N LEU A 53 0.15 -44.35 10.49
CA LEU A 53 -0.63 -45.19 11.40
C LEU A 53 0.19 -46.37 11.91
N GLN A 54 1.02 -46.95 11.07
CA GLN A 54 1.73 -48.19 11.40
C GLN A 54 2.78 -47.94 12.47
N HIS A 55 2.79 -48.78 13.51
CA HIS A 55 3.86 -48.71 14.49
C HIS A 55 5.16 -49.35 14.02
N GLU A 56 5.12 -50.15 12.96
CA GLU A 56 6.33 -50.79 12.48
C GLU A 56 7.32 -49.78 11.91
N ALA A 57 6.85 -48.65 11.41
CA ALA A 57 7.73 -47.66 10.82
C ALA A 57 8.53 -46.94 11.89
N SER A 58 9.73 -46.50 11.51
CA SER A 58 10.54 -45.67 12.39
C SER A 58 9.82 -44.36 12.67
N LEU A 59 10.02 -43.84 13.88
CA LEU A 59 9.26 -42.65 14.29
C LEU A 59 9.61 -41.45 13.42
N GLU A 60 10.81 -41.42 12.84
CA GLU A 60 11.13 -40.37 11.89
C GLU A 60 10.22 -40.44 10.67
N SER A 61 9.97 -41.64 10.17
CA SER A 61 9.08 -41.79 9.02
C SER A 61 7.67 -41.35 9.36
N ARG A 62 7.19 -41.68 10.55
CA ARG A 62 5.85 -41.29 10.96
C ARG A 62 5.73 -39.78 11.11
N GLN A 63 6.75 -39.14 11.69
CA GLN A 63 6.76 -37.68 11.75
C GLN A 63 6.77 -37.07 10.37
N PHE A 64 7.61 -37.60 9.48
CA PHE A 64 7.67 -37.07 8.13
C PHE A 64 6.34 -37.22 7.43
N ALA A 65 5.69 -38.36 7.60
CA ALA A 65 4.39 -38.57 6.98
C ALA A 65 3.38 -37.55 7.47
N LEU A 66 3.32 -37.33 8.78
CA LEU A 66 2.34 -36.38 9.31
C LEU A 66 2.65 -34.95 8.89
N LEU A 67 3.93 -34.56 8.87
CA LEU A 67 4.27 -33.19 8.52
C LEU A 67 4.04 -32.92 7.04
N SER A 68 4.46 -33.85 6.18
CA SER A 68 4.19 -33.73 4.76
C SER A 68 2.71 -33.76 4.47
N LEU A 69 1.94 -34.57 5.20
CA LEU A 69 0.50 -34.59 5.02
C LEU A 69 -0.11 -33.25 5.39
N ARG A 70 0.36 -32.63 6.48
CA ARG A 70 -0.13 -31.31 6.84
C ARG A 70 0.15 -30.31 5.73
N LYS A 71 1.33 -30.40 5.12
CA LYS A 71 1.61 -29.51 3.99
C LYS A 71 0.66 -29.79 2.82
N LEU A 72 0.55 -31.06 2.42
CA LEU A 72 -0.23 -31.41 1.24
C LEU A 72 -1.70 -31.09 1.41
N ILE A 73 -2.20 -31.06 2.65
CA ILE A 73 -3.60 -30.73 2.88
C ILE A 73 -3.92 -29.35 2.32
N THR A 74 -3.08 -28.36 2.61
CA THR A 74 -3.40 -27.00 2.22
C THR A 74 -3.63 -26.89 0.72
N MET A 75 -2.84 -27.62 -0.07
CA MET A 75 -2.89 -27.45 -1.51
C MET A 75 -3.82 -28.44 -2.22
N TYR A 76 -4.27 -29.47 -1.48
CA TYR A 76 -5.11 -30.52 -2.12
C TYR A 76 -6.23 -30.96 -1.18
N TRP A 77 -6.72 -30.11 -0.28
CA TRP A 77 -7.84 -30.60 0.53
C TRP A 77 -9.16 -29.94 0.20
N SER A 78 -9.16 -28.63 -0.04
CA SER A 78 -10.39 -27.93 -0.32
C SER A 78 -10.06 -26.58 -0.91
N PRO A 79 -10.83 -26.09 -1.89
CA PRO A 79 -10.56 -24.76 -2.44
C PRO A 79 -10.80 -23.62 -1.47
N GLY A 80 -11.29 -23.89 -0.27
CA GLY A 80 -11.33 -22.87 0.76
C GLY A 80 -9.97 -22.36 1.14
N PHE A 81 -8.93 -23.14 0.90
CA PHE A 81 -7.57 -22.67 1.12
C PHE A 81 -7.18 -21.68 0.04
N GLU A 82 -6.37 -20.70 0.42
CA GLU A 82 -5.86 -19.75 -0.57
C GLU A 82 -5.05 -20.48 -1.64
N SER A 83 -4.10 -21.31 -1.21
CA SER A 83 -3.49 -22.25 -2.13
C SER A 83 -4.51 -23.32 -2.49
N TYR A 84 -4.54 -23.72 -3.75
CA TYR A 84 -5.32 -24.87 -4.15
C TYR A 84 -4.73 -25.39 -5.46
N ARG A 85 -3.90 -26.41 -5.36
CA ARG A 85 -3.29 -27.01 -6.53
C ARG A 85 -4.32 -27.91 -7.19
N SER A 86 -4.75 -27.53 -8.39
CA SER A 86 -5.90 -28.19 -9.01
C SER A 86 -5.57 -29.64 -9.37
N THR A 87 -6.58 -30.33 -9.91
CA THR A 87 -6.60 -31.78 -10.12
C THR A 87 -6.71 -32.53 -8.80
N SER A 88 -7.27 -31.86 -7.78
CA SER A 88 -7.33 -32.40 -6.43
C SER A 88 -8.46 -33.41 -6.32
N ASN A 89 -8.19 -34.63 -6.76
CA ASN A 89 -9.12 -35.74 -6.54
C ASN A 89 -8.97 -36.23 -5.12
N VAL A 90 -9.72 -35.65 -4.20
CA VAL A 90 -9.75 -36.09 -2.81
C VAL A 90 -11.21 -36.23 -2.42
N GLU A 91 -11.72 -37.46 -2.50
CA GLU A 91 -13.13 -37.71 -2.30
C GLU A 91 -13.51 -37.60 -0.82
N ILE A 92 -14.80 -37.45 -0.58
CA ILE A 92 -15.30 -37.44 0.80
C ILE A 92 -14.98 -38.77 1.47
N ASP A 93 -14.78 -39.83 0.68
CA ASP A 93 -14.35 -41.11 1.24
C ASP A 93 -13.00 -40.97 1.93
N VAL A 94 -11.98 -40.52 1.21
CA VAL A 94 -10.64 -40.46 1.77
C VAL A 94 -10.54 -39.40 2.85
N LYS A 95 -11.26 -38.28 2.68
CA LYS A 95 -11.20 -37.24 3.70
C LYS A 95 -11.71 -37.75 5.04
N ASP A 96 -12.77 -38.55 5.03
CA ASP A 96 -13.28 -39.11 6.28
C ASP A 96 -12.31 -40.12 6.87
N PHE A 97 -11.64 -40.91 6.03
CA PHE A 97 -10.63 -41.83 6.53
C PHE A 97 -9.50 -41.10 7.24
N ILE A 98 -9.05 -40.00 6.65
CA ILE A 98 -7.97 -39.23 7.28
C ILE A 98 -8.46 -38.53 8.55
N ARG A 99 -9.69 -38.02 8.53
CA ARG A 99 -10.26 -37.43 9.73
C ARG A 99 -10.32 -38.45 10.87
N GLU A 100 -10.66 -39.69 10.55
CA GLU A 100 -10.65 -40.76 11.54
C GLU A 100 -9.25 -41.03 12.05
N VAL A 101 -8.30 -41.23 11.14
CA VAL A 101 -6.96 -41.65 11.51
C VAL A 101 -6.29 -40.59 12.38
N LEU A 102 -6.50 -39.32 12.08
CA LEU A 102 -5.83 -38.28 12.84
C LEU A 102 -6.33 -38.23 14.28
N LEU A 103 -7.62 -38.40 14.50
CA LEU A 103 -8.10 -38.47 15.89
C LEU A 103 -7.58 -39.71 16.58
N LYS A 104 -7.56 -40.84 15.87
CA LYS A 104 -7.05 -42.07 16.46
C LYS A 104 -5.59 -41.92 16.88
N LEU A 105 -4.82 -41.10 16.17
CA LEU A 105 -3.45 -40.86 16.57
C LEU A 105 -3.35 -39.85 17.70
N CYS A 106 -4.09 -38.74 17.58
CA CYS A 106 -3.94 -37.65 18.54
C CYS A 106 -4.38 -38.06 19.93
N LEU A 107 -5.49 -38.80 20.04
CA LEU A 107 -6.07 -39.06 21.35
C LEU A 107 -5.57 -40.36 21.99
N ASN A 108 -4.71 -41.11 21.32
CA ASN A 108 -4.19 -42.35 21.87
C ASN A 108 -3.06 -42.05 22.84
N ASP A 109 -3.23 -42.47 24.10
CA ASP A 109 -2.17 -42.28 25.09
C ASP A 109 -0.93 -43.10 24.79
N ASN A 110 -1.07 -44.16 23.98
CA ASN A 110 0.06 -45.02 23.63
C ASN A 110 1.08 -44.33 22.73
N GLU A 111 0.75 -43.18 22.16
CA GLU A 111 1.55 -42.59 21.11
C GLU A 111 2.58 -41.63 21.67
N ASN A 112 3.74 -41.56 21.03
CA ASN A 112 4.76 -40.61 21.40
C ASN A 112 4.24 -39.19 21.22
N THR A 113 4.72 -38.28 22.06
CA THR A 113 4.27 -36.89 21.97
C THR A 113 4.59 -36.27 20.61
N LYS A 114 5.62 -36.77 19.92
CA LYS A 114 5.89 -36.29 18.58
C LYS A 114 4.77 -36.65 17.62
N ILE A 115 4.22 -37.86 17.75
CA ILE A 115 3.11 -38.26 16.89
C ILE A 115 1.84 -37.50 17.28
N LYS A 116 1.59 -37.32 18.57
CA LYS A 116 0.45 -36.51 18.98
C LYS A 116 0.55 -35.09 18.43
N ASN A 117 1.74 -34.51 18.46
CA ASN A 117 1.90 -33.15 17.98
C ASN A 117 1.73 -33.07 16.47
N GLY A 118 2.27 -34.03 15.72
CA GLY A 118 2.02 -34.04 14.29
C GLY A 118 0.56 -34.18 13.94
N ALA A 119 -0.12 -35.11 14.63
CA ALA A 119 -1.54 -35.33 14.37
C ALA A 119 -2.37 -34.11 14.72
N SER A 120 -2.08 -33.47 15.86
CA SER A 120 -2.79 -32.24 16.19
C SER A 120 -2.48 -31.14 15.20
N TYR A 121 -1.26 -31.11 14.67
CA TYR A 121 -0.89 -30.11 13.69
C TYR A 121 -1.69 -30.27 12.42
N CYS A 122 -1.97 -31.52 12.03
CA CYS A 122 -2.83 -31.74 10.88
C CYS A 122 -4.29 -31.43 11.17
N ILE A 123 -4.82 -31.92 12.29
CA ILE A 123 -6.19 -31.61 12.69
C ILE A 123 -6.43 -30.10 12.75
N VAL A 124 -5.42 -29.33 13.16
CA VAL A 124 -5.57 -27.89 13.20
C VAL A 124 -5.66 -27.31 11.79
N GLN A 125 -4.89 -27.85 10.85
CA GLN A 125 -4.99 -27.39 9.47
C GLN A 125 -6.36 -27.72 8.87
N ILE A 126 -6.82 -28.96 9.06
CA ILE A 126 -8.12 -29.33 8.52
C ILE A 126 -9.23 -28.50 9.15
N SER A 127 -9.10 -28.20 10.44
CA SER A 127 -10.13 -27.42 11.12
C SER A 127 -10.22 -26.02 10.52
N ALA A 128 -9.11 -25.50 9.99
CA ALA A 128 -9.11 -24.16 9.43
C ALA A 128 -10.26 -23.93 8.44
N VAL A 129 -10.50 -24.89 7.55
CA VAL A 129 -11.53 -24.76 6.55
C VAL A 129 -12.81 -25.51 6.92
N ASP A 130 -12.83 -26.24 8.03
CA ASP A 130 -13.95 -27.12 8.30
C ASP A 130 -14.52 -27.05 9.71
N PHE A 131 -13.90 -26.33 10.64
CA PHE A 131 -14.08 -26.67 12.05
C PHE A 131 -15.52 -26.60 12.55
N PRO A 132 -16.22 -25.47 12.48
CA PRO A 132 -17.55 -25.42 13.07
C PRO A 132 -18.66 -25.93 12.15
N ASP A 133 -18.38 -26.25 10.90
CA ASP A 133 -19.49 -26.56 10.02
C ASP A 133 -19.38 -27.90 9.32
N GLN A 134 -18.18 -28.31 8.94
CA GLN A 134 -18.01 -29.46 8.04
C GLN A 134 -17.51 -30.70 8.76
N TRP A 135 -16.95 -30.57 9.96
CA TRP A 135 -16.47 -31.71 10.74
C TRP A 135 -17.04 -31.64 12.15
N PRO A 136 -18.34 -31.88 12.31
CA PRO A 136 -18.96 -31.75 13.63
C PRO A 136 -18.54 -32.83 14.62
N GLN A 137 -18.06 -33.98 14.15
CA GLN A 137 -17.69 -35.05 15.07
C GLN A 137 -16.51 -34.66 15.94
N LEU A 138 -15.70 -33.69 15.50
CA LEU A 138 -14.47 -33.36 16.20
C LEU A 138 -14.76 -32.88 17.62
N LEU A 139 -15.63 -31.88 17.75
CA LEU A 139 -15.93 -31.36 19.07
C LEU A 139 -16.72 -32.36 19.91
N THR A 140 -17.55 -33.18 19.27
CA THR A 140 -18.26 -34.19 20.03
C THR A 140 -17.28 -35.15 20.69
N VAL A 141 -16.29 -35.63 19.92
CA VAL A 141 -15.30 -36.55 20.47
C VAL A 141 -14.49 -35.86 21.55
N ILE A 142 -14.06 -34.62 21.30
CA ILE A 142 -13.23 -33.90 22.27
C ILE A 142 -13.99 -33.72 23.59
N TYR A 143 -15.21 -33.20 23.52
CA TYR A 143 -15.97 -32.93 24.72
C TYR A 143 -16.31 -34.21 25.45
N ASP A 144 -16.62 -35.28 24.74
CA ASP A 144 -16.84 -36.56 25.40
C ASP A 144 -15.61 -36.98 26.17
N ALA A 145 -14.45 -36.95 25.52
CA ALA A 145 -13.23 -37.40 26.20
C ALA A 145 -12.92 -36.57 27.42
N ILE A 146 -13.01 -35.25 27.31
CA ILE A 146 -12.70 -34.40 28.47
C ILE A 146 -13.71 -34.64 29.58
N SER A 147 -15.00 -34.57 29.26
CA SER A 147 -16.02 -34.54 30.30
C SER A 147 -16.16 -35.87 31.00
N HIS A 148 -16.01 -36.99 30.29
CA HIS A 148 -16.25 -38.28 30.90
C HIS A 148 -14.98 -39.05 31.23
N GLN A 149 -13.81 -38.61 30.77
CA GLN A 149 -12.59 -39.34 31.05
C GLN A 149 -11.45 -38.44 31.49
N HIS A 150 -11.64 -37.12 31.52
CA HIS A 150 -10.59 -36.18 31.89
C HIS A 150 -9.33 -36.40 31.07
N SER A 151 -9.50 -36.69 29.78
CA SER A 151 -8.35 -36.94 28.92
C SER A 151 -7.48 -35.70 28.81
N LEU A 152 -6.19 -35.86 29.09
CA LEU A 152 -5.26 -34.75 28.94
C LEU A 152 -5.00 -34.45 27.47
N ASN A 153 -4.95 -35.50 26.64
CA ASN A 153 -4.74 -35.29 25.21
C ASN A 153 -5.85 -34.46 24.59
N ALA A 154 -7.09 -34.74 24.97
CA ALA A 154 -8.21 -33.98 24.43
C ALA A 154 -8.14 -32.52 24.84
N MET A 155 -7.76 -32.24 26.08
CA MET A 155 -7.62 -30.86 26.52
C MET A 155 -6.50 -30.15 25.78
N SER A 156 -5.38 -30.84 25.56
CA SER A 156 -4.30 -30.21 24.79
C SER A 156 -4.74 -29.91 23.37
N LEU A 157 -5.46 -30.85 22.74
CA LEU A 157 -5.93 -30.65 21.37
C LEU A 157 -6.91 -29.48 21.31
N LEU A 158 -7.84 -29.41 22.27
CA LEU A 158 -8.76 -28.28 22.31
C LEU A 158 -8.03 -26.98 22.55
N ASN A 159 -6.94 -27.02 23.32
CA ASN A 159 -6.16 -25.81 23.55
C ASN A 159 -5.48 -25.34 22.27
N GLU A 160 -4.95 -26.28 21.48
CA GLU A 160 -4.39 -25.90 20.18
C GLU A 160 -5.46 -25.33 19.26
N ILE A 161 -6.66 -25.91 19.30
CA ILE A 161 -7.76 -25.40 18.48
C ILE A 161 -8.09 -23.98 18.88
N TYR A 162 -8.09 -23.72 20.20
CA TYR A 162 -8.36 -22.34 20.69
C TYR A 162 -7.25 -21.41 20.21
N ASP A 163 -6.00 -21.89 20.23
CA ASP A 163 -4.89 -21.03 19.83
C ASP A 163 -5.00 -20.65 18.36
N ASP A 164 -5.30 -21.61 17.48
CA ASP A 164 -5.10 -21.38 16.07
C ASP A 164 -6.36 -21.17 15.23
N VAL A 165 -7.51 -21.72 15.60
CA VAL A 165 -8.65 -21.69 14.69
C VAL A 165 -9.90 -21.06 15.27
N VAL A 166 -10.10 -21.01 16.58
CA VAL A 166 -11.32 -20.42 17.11
C VAL A 166 -11.25 -18.90 17.00
N SER A 167 -12.41 -18.28 16.75
CA SER A 167 -12.48 -16.86 16.48
C SER A 167 -13.58 -16.24 17.33
N GLU A 168 -13.55 -14.91 17.42
CA GLU A 168 -14.44 -14.20 18.32
C GLU A 168 -15.90 -14.49 18.03
N GLU A 169 -16.29 -14.48 16.75
CA GLU A 169 -17.69 -14.67 16.40
C GLU A 169 -18.15 -16.08 16.74
N MET A 170 -17.34 -17.08 16.42
CA MET A 170 -17.69 -18.45 16.73
C MET A 170 -17.47 -18.81 18.20
N PHE A 171 -16.72 -18.00 18.93
CA PHE A 171 -16.65 -18.20 20.38
C PHE A 171 -17.93 -17.70 21.04
N PHE A 172 -18.33 -16.47 20.74
CA PHE A 172 -19.49 -15.90 21.42
C PHE A 172 -20.81 -16.38 20.83
N GLU A 173 -21.04 -16.12 19.54
CA GLU A 173 -22.30 -16.48 18.90
C GLU A 173 -22.34 -17.93 18.48
N GLY A 174 -21.20 -18.52 18.12
CA GLY A 174 -21.12 -19.95 17.95
C GLY A 174 -21.26 -20.64 19.30
N GLY A 175 -21.32 -21.97 19.24
CA GLY A 175 -21.53 -22.72 20.46
C GLY A 175 -20.30 -22.95 21.30
N ILE A 176 -19.12 -22.53 20.83
CA ILE A 176 -17.87 -23.05 21.37
C ILE A 176 -17.65 -22.60 22.81
N GLY A 177 -17.90 -21.33 23.09
CA GLY A 177 -17.52 -20.75 24.36
C GLY A 177 -18.24 -21.31 25.57
N LEU A 178 -19.57 -21.33 25.50
CA LEU A 178 -20.35 -21.83 26.63
C LEU A 178 -20.07 -23.30 26.89
N ALA A 179 -19.98 -24.09 25.83
CA ALA A 179 -19.68 -25.51 26.00
C ALA A 179 -18.34 -25.71 26.68
N THR A 180 -17.32 -24.98 26.22
CA THR A 180 -16.00 -25.16 26.81
C THR A 180 -15.96 -24.70 28.26
N MET A 181 -16.56 -23.56 28.56
CA MET A 181 -16.51 -23.07 29.94
C MET A 181 -17.25 -24.00 30.87
N GLU A 182 -18.37 -24.58 30.41
CA GLU A 182 -19.06 -25.58 31.21
C GLU A 182 -18.18 -26.79 31.48
N ILE A 183 -17.52 -27.29 30.44
CA ILE A 183 -16.66 -28.46 30.61
C ILE A 183 -15.53 -28.16 31.59
N VAL A 184 -14.88 -27.00 31.42
CA VAL A 184 -13.76 -26.62 32.27
C VAL A 184 -14.19 -26.50 33.72
N PHE A 185 -15.30 -25.81 33.97
CA PHE A 185 -15.76 -25.64 35.34
C PHE A 185 -16.10 -26.98 35.96
N LYS A 186 -16.72 -27.88 35.20
CA LYS A 186 -17.01 -29.20 35.73
C LYS A 186 -15.73 -29.96 36.07
N VAL A 187 -14.71 -29.87 35.23
CA VAL A 187 -13.47 -30.59 35.52
C VAL A 187 -12.79 -30.03 36.75
N LEU A 188 -12.83 -28.71 36.95
CA LEU A 188 -12.18 -28.14 38.12
C LEU A 188 -12.98 -28.40 39.40
N ASN A 189 -14.31 -28.49 39.30
CA ASN A 189 -15.12 -28.72 40.49
C ASN A 189 -15.08 -30.16 40.98
N THR A 190 -14.68 -31.11 40.15
CA THR A 190 -14.67 -32.51 40.58
C THR A 190 -13.48 -32.75 41.51
N GLU A 191 -13.79 -33.16 42.75
CA GLU A 191 -12.73 -33.47 43.71
C GLU A 191 -11.89 -34.65 43.25
N THR A 192 -12.50 -35.58 42.52
CA THR A 192 -11.80 -36.80 42.12
C THR A 192 -10.80 -36.55 40.99
N SER A 193 -10.89 -35.42 40.31
CA SER A 193 -10.03 -35.17 39.16
C SER A 193 -8.59 -34.97 39.61
N THR A 194 -7.67 -35.69 38.95
CA THR A 194 -6.27 -35.62 39.31
C THR A 194 -5.75 -34.20 39.12
N LEU A 195 -4.69 -33.88 39.88
CA LEU A 195 -4.17 -32.52 39.89
C LEU A 195 -3.70 -32.08 38.52
N ILE A 196 -3.04 -32.98 37.79
CA ILE A 196 -2.54 -32.64 36.46
C ILE A 196 -3.69 -32.31 35.51
N ALA A 197 -4.83 -32.98 35.67
CA ALA A 197 -6.00 -32.62 34.88
C ALA A 197 -6.49 -31.23 35.24
N LYS A 198 -6.43 -30.86 36.52
CA LYS A 198 -6.82 -29.51 36.90
C LYS A 198 -5.88 -28.48 36.30
N ILE A 199 -4.58 -28.81 36.22
CA ILE A 199 -3.64 -27.90 35.58
C ILE A 199 -3.99 -27.71 34.11
N ALA A 200 -4.26 -28.81 33.41
CA ALA A 200 -4.63 -28.70 32.00
C ALA A 200 -5.91 -27.90 31.81
N ALA A 201 -6.88 -28.11 32.68
CA ALA A 201 -8.12 -27.34 32.61
C ALA A 201 -7.88 -25.87 32.91
N LEU A 202 -6.90 -25.55 33.76
CA LEU A 202 -6.59 -24.15 34.00
C LEU A 202 -5.90 -23.51 32.80
N LYS A 203 -5.07 -24.26 32.09
CA LYS A 203 -4.51 -23.73 30.85
C LYS A 203 -5.62 -23.47 29.83
N LEU A 204 -6.58 -24.38 29.73
CA LEU A 204 -7.69 -24.20 28.82
C LEU A 204 -8.56 -23.02 29.25
N LEU A 205 -8.71 -22.82 30.56
CA LEU A 205 -9.35 -21.61 31.06
C LEU A 205 -8.60 -20.35 30.66
N LYS A 206 -7.27 -20.40 30.67
CA LYS A 206 -6.50 -19.27 30.19
C LYS A 206 -6.82 -18.97 28.73
N ALA A 207 -6.93 -20.01 27.91
CA ALA A 207 -7.28 -19.80 26.51
C ALA A 207 -8.67 -19.17 26.38
N CYS A 208 -9.64 -19.66 27.15
CA CYS A 208 -10.97 -19.07 27.08
C CYS A 208 -10.96 -17.61 27.51
N LEU A 209 -10.22 -17.30 28.57
CA LEU A 209 -10.13 -15.90 29.00
C LEU A 209 -9.46 -15.03 27.94
N LEU A 210 -8.48 -15.59 27.24
CA LEU A 210 -7.85 -14.84 26.16
C LEU A 210 -8.86 -14.51 25.07
N GLN A 211 -9.72 -15.46 24.73
CA GLN A 211 -10.80 -15.18 23.78
C GLN A 211 -11.71 -14.08 24.29
N MET A 212 -12.11 -14.17 25.56
CA MET A 212 -13.07 -13.24 26.12
C MET A 212 -12.54 -11.82 26.26
N SER A 213 -11.22 -11.65 26.26
CA SER A 213 -10.65 -10.34 26.60
C SER A 213 -10.97 -9.28 25.57
N SER A 214 -11.13 -9.65 24.31
CA SER A 214 -11.43 -8.69 23.25
C SER A 214 -12.92 -8.35 23.32
N HIS A 215 -13.27 -7.58 24.34
CA HIS A 215 -14.66 -7.22 24.59
C HIS A 215 -14.72 -5.79 25.10
N ASN A 216 -15.91 -5.21 25.01
CA ASN A 216 -16.10 -3.81 25.32
C ASN A 216 -17.47 -3.66 25.97
N GLU A 217 -17.59 -2.64 26.82
CA GLU A 217 -18.80 -2.46 27.61
C GLU A 217 -20.02 -2.17 26.74
N TYR A 218 -19.84 -1.63 25.54
CA TYR A 218 -20.95 -1.26 24.68
C TYR A 218 -21.49 -2.43 23.87
N ASP A 219 -20.81 -3.57 23.87
CA ASP A 219 -21.08 -4.63 22.91
C ASP A 219 -22.42 -5.31 23.21
N GLU A 220 -22.73 -6.33 22.42
CA GLU A 220 -23.98 -7.06 22.53
C GLU A 220 -24.15 -7.63 23.93
N ALA A 221 -25.37 -7.58 24.44
CA ALA A 221 -25.64 -8.16 25.75
C ALA A 221 -25.40 -9.65 25.77
N SER A 222 -25.60 -10.32 24.64
CA SER A 222 -25.33 -11.76 24.56
C SER A 222 -23.88 -12.07 24.87
N ARG A 223 -22.97 -11.17 24.49
CA ARG A 223 -21.57 -11.33 24.85
C ARG A 223 -21.31 -10.84 26.27
N LYS A 224 -21.88 -9.68 26.61
CA LYS A 224 -21.56 -9.01 27.87
C LYS A 224 -21.97 -9.85 29.07
N SER A 225 -23.20 -10.38 29.07
CA SER A 225 -23.65 -11.13 30.23
C SER A 225 -22.90 -12.45 30.36
N PHE A 226 -22.59 -13.07 29.21
CA PHE A 226 -21.78 -14.28 29.23
C PHE A 226 -20.42 -14.01 29.86
N VAL A 227 -19.77 -12.91 29.46
CA VAL A 227 -18.47 -12.57 30.03
C VAL A 227 -18.59 -12.36 31.53
N SER A 228 -19.57 -11.58 31.97
CA SER A 228 -19.70 -11.31 33.39
C SER A 228 -19.88 -12.58 34.19
N GLN A 229 -20.78 -13.45 33.74
CA GLN A 229 -21.07 -14.68 34.48
C GLN A 229 -19.87 -15.62 34.49
N CYS A 230 -19.17 -15.73 33.37
CA CYS A 230 -18.00 -16.59 33.32
C CYS A 230 -16.90 -16.08 34.25
N LEU A 231 -16.67 -14.76 34.28
CA LEU A 231 -15.66 -14.23 35.17
C LEU A 231 -16.03 -14.46 36.63
N ALA A 232 -17.30 -14.25 36.98
CA ALA A 232 -17.72 -14.50 38.36
C ALA A 232 -17.46 -15.95 38.76
N THR A 233 -17.87 -16.89 37.90
CA THR A 233 -17.68 -18.29 38.25
C THR A 233 -16.20 -18.66 38.31
N SER A 234 -15.39 -18.09 37.41
CA SER A 234 -13.97 -18.40 37.43
C SER A 234 -13.30 -17.87 38.69
N LEU A 235 -13.67 -16.67 39.15
CA LEU A 235 -13.11 -16.17 40.39
C LEU A 235 -13.53 -17.03 41.57
N GLN A 236 -14.79 -17.44 41.61
CA GLN A 236 -15.23 -18.33 42.67
C GLN A 236 -14.42 -19.61 42.69
N ILE A 237 -14.22 -20.22 41.52
CA ILE A 237 -13.55 -21.51 41.46
C ILE A 237 -12.07 -21.36 41.83
N LEU A 238 -11.41 -20.31 41.34
CA LEU A 238 -10.01 -20.12 41.70
C LEU A 238 -9.83 -19.87 43.20
N GLY A 239 -10.72 -19.07 43.79
CA GLY A 239 -10.67 -18.86 45.22
C GLY A 239 -10.87 -20.15 46.00
N GLN A 240 -11.77 -21.01 45.52
CA GLN A 240 -11.96 -22.29 46.17
C GLN A 240 -10.73 -23.18 46.00
N LEU A 241 -10.14 -23.19 44.81
CA LEU A 241 -8.98 -24.04 44.56
C LEU A 241 -7.80 -23.67 45.43
N LEU A 242 -7.61 -22.37 45.70
CA LEU A 242 -6.44 -21.97 46.48
C LEU A 242 -6.50 -22.45 47.93
N THR A 243 -7.65 -22.89 48.41
CA THR A 243 -7.72 -23.42 49.76
C THR A 243 -7.29 -24.88 49.87
N LEU A 244 -7.14 -25.57 48.74
CA LEU A 244 -6.74 -26.97 48.78
C LEU A 244 -5.30 -27.12 49.26
N ASN A 245 -5.00 -28.27 49.83
CA ASN A 245 -3.64 -28.66 50.19
C ASN A 245 -3.43 -30.12 49.79
N PHE A 246 -2.20 -30.45 49.44
CA PHE A 246 -1.89 -31.75 48.89
C PHE A 246 -0.74 -32.46 49.59
N GLY A 247 -0.14 -31.84 50.60
CA GLY A 247 0.91 -32.51 51.35
C GLY A 247 2.21 -32.62 50.56
N ASN A 248 3.00 -33.63 50.93
CA ASN A 248 4.34 -33.78 50.39
C ASN A 248 4.32 -34.34 48.97
N VAL A 249 3.24 -34.99 48.55
CA VAL A 249 3.25 -35.74 47.30
C VAL A 249 3.29 -34.80 46.11
N ASP A 250 4.24 -35.03 45.20
CA ASP A 250 4.34 -34.34 43.92
C ASP A 250 4.28 -32.83 44.10
N VAL A 251 5.28 -32.29 44.80
CA VAL A 251 5.31 -30.86 45.09
C VAL A 251 5.48 -30.05 43.80
N ILE A 252 6.16 -30.60 42.80
CA ILE A 252 6.35 -29.88 41.54
C ILE A 252 5.00 -29.55 40.90
N SER A 253 4.10 -30.52 40.87
CA SER A 253 2.79 -30.26 40.30
C SER A 253 2.01 -29.25 41.12
N GLN A 254 2.18 -29.26 42.45
CA GLN A 254 1.52 -28.24 43.26
C GLN A 254 2.03 -26.86 42.91
N LEU A 255 3.34 -26.73 42.68
CA LEU A 255 3.88 -25.44 42.30
C LEU A 255 3.36 -25.00 40.94
N LYS A 256 3.29 -25.92 39.98
CA LYS A 256 2.75 -25.56 38.66
C LYS A 256 1.27 -25.18 38.76
N PHE A 257 0.53 -25.88 39.61
CA PHE A 257 -0.88 -25.57 39.84
C PHE A 257 -1.05 -24.17 40.41
N LYS A 258 -0.25 -23.83 41.42
CA LYS A 258 -0.26 -22.47 41.96
C LYS A 258 0.15 -21.45 40.91
N SER A 259 1.15 -21.78 40.11
CA SER A 259 1.66 -20.87 39.09
C SER A 259 0.59 -20.52 38.09
N ILE A 260 -0.10 -21.52 37.55
CA ILE A 260 -1.13 -21.24 36.57
C ILE A 260 -2.32 -20.53 37.21
N ILE A 261 -2.64 -20.83 38.48
CA ILE A 261 -3.73 -20.09 39.13
C ILE A 261 -3.40 -18.61 39.19
N TYR A 262 -2.16 -18.29 39.57
CA TYR A 262 -1.79 -16.86 39.73
C TYR A 262 -1.71 -16.20 38.35
N GLU A 263 -1.23 -16.94 37.34
CA GLU A 263 -1.21 -16.39 35.99
C GLU A 263 -2.62 -16.03 35.53
N ASN A 264 -3.58 -16.89 35.79
CA ASN A 264 -4.97 -16.55 35.47
C ASN A 264 -5.44 -15.35 36.26
N LEU A 265 -5.08 -15.28 37.55
CA LEU A 265 -5.53 -14.15 38.36
C LEU A 265 -4.96 -12.83 37.86
N VAL A 266 -3.68 -12.80 37.47
CA VAL A 266 -3.14 -11.54 36.96
C VAL A 266 -3.79 -11.19 35.64
N PHE A 267 -4.09 -12.19 34.80
CA PHE A 267 -4.80 -11.91 33.56
C PHE A 267 -6.16 -11.27 33.82
N ILE A 268 -6.92 -11.85 34.74
CA ILE A 268 -8.23 -11.28 35.06
C ILE A 268 -8.08 -9.89 35.66
N LYS A 269 -7.04 -9.67 36.47
CA LYS A 269 -6.86 -8.39 37.13
C LYS A 269 -6.53 -7.29 36.13
N ASN A 270 -5.70 -7.58 35.14
CA ASN A 270 -5.23 -6.55 34.23
C ASN A 270 -6.18 -6.31 33.05
N ASP A 271 -6.69 -7.38 32.45
CA ASP A 271 -7.31 -7.28 31.13
C ASP A 271 -8.82 -7.09 31.17
N PHE A 272 -9.42 -6.93 32.34
CA PHE A 272 -10.85 -6.77 32.44
C PHE A 272 -11.19 -5.59 33.34
N SER A 273 -12.44 -5.13 33.23
CA SER A 273 -12.89 -3.96 33.96
C SER A 273 -12.77 -4.16 35.46
N ARG A 274 -12.72 -3.04 36.19
CA ARG A 274 -12.61 -3.10 37.63
C ARG A 274 -13.83 -3.75 38.27
N LYS A 275 -14.98 -3.71 37.60
CA LYS A 275 -16.18 -4.29 38.19
C LYS A 275 -16.17 -5.81 38.15
N HIS A 276 -15.38 -6.41 37.26
CA HIS A 276 -15.35 -7.87 37.16
C HIS A 276 -14.48 -8.53 38.21
N PHE A 277 -13.62 -7.78 38.92
CA PHE A 277 -12.73 -8.39 39.92
C PHE A 277 -12.76 -7.44 41.12
N SER A 278 -13.71 -7.68 42.01
CA SER A 278 -14.08 -6.73 43.06
C SER A 278 -12.94 -6.49 44.03
N SER A 279 -13.00 -5.34 44.71
CA SER A 279 -11.98 -4.99 45.69
C SER A 279 -11.94 -5.97 46.85
N GLU A 280 -13.10 -6.42 47.32
CA GLU A 280 -13.11 -7.38 48.42
C GLU A 280 -12.49 -8.71 48.00
N LEU A 281 -12.74 -9.13 46.77
CA LEU A 281 -12.05 -10.30 46.25
C LEU A 281 -10.57 -10.03 46.11
N GLN A 282 -10.20 -8.79 45.78
CA GLN A 282 -8.78 -8.44 45.75
C GLN A 282 -8.13 -8.64 47.11
N LYS A 283 -8.79 -8.20 48.17
CA LYS A 283 -8.24 -8.38 49.52
C LYS A 283 -8.10 -9.85 49.86
N GLN A 284 -9.15 -10.64 49.60
CA GLN A 284 -9.10 -12.06 49.89
C GLN A 284 -7.95 -12.74 49.15
N PHE A 285 -7.81 -12.46 47.86
CA PHE A 285 -6.73 -13.06 47.10
C PHE A 285 -5.37 -12.51 47.52
N LYS A 286 -5.31 -11.28 48.03
CA LYS A 286 -4.07 -10.77 48.57
C LYS A 286 -3.61 -11.60 49.75
N ILE A 287 -4.53 -11.88 50.67
CA ILE A 287 -4.18 -12.69 51.84
C ILE A 287 -3.69 -14.06 51.40
N MET A 288 -4.42 -14.68 50.48
CA MET A 288 -4.01 -16.01 50.02
C MET A 288 -2.68 -15.95 49.28
N ALA A 289 -2.40 -14.86 48.58
CA ALA A 289 -1.15 -14.74 47.85
C ALA A 289 0.03 -14.61 48.80
N ILE A 290 -0.11 -13.80 49.85
CA ILE A 290 0.95 -13.68 50.84
C ILE A 290 1.21 -15.03 51.50
N GLN A 291 0.14 -15.74 51.87
CA GLN A 291 0.33 -17.04 52.49
C GLN A 291 0.98 -18.03 51.54
N ASP A 292 0.61 -18.01 50.26
CA ASP A 292 1.23 -18.89 49.29
C ASP A 292 2.69 -18.55 49.09
N LEU A 293 3.05 -17.26 49.14
CA LEU A 293 4.45 -16.87 49.08
C LEU A 293 5.23 -17.46 50.23
N GLU A 294 4.70 -17.30 51.45
CA GLU A 294 5.36 -17.86 52.63
C GLU A 294 5.53 -19.37 52.50
N ASN A 295 4.48 -20.06 52.05
CA ASN A 295 4.56 -21.50 51.89
C ASN A 295 5.62 -21.89 50.86
N VAL A 296 5.60 -21.24 49.70
CA VAL A 296 6.56 -21.53 48.65
C VAL A 296 7.97 -21.32 49.16
N THR A 297 8.17 -20.41 50.10
CA THR A 297 9.49 -20.25 50.71
C THR A 297 9.93 -21.52 51.47
N HIS A 298 9.01 -22.19 52.15
CA HIS A 298 9.41 -23.33 52.98
C HIS A 298 9.70 -24.58 52.16
N ILE A 299 9.09 -24.73 50.98
CA ILE A 299 9.58 -25.76 50.05
C ILE A 299 11.02 -25.46 49.67
N ASN A 300 11.37 -24.17 49.55
CA ASN A 300 12.73 -23.79 49.24
C ASN A 300 13.72 -24.24 50.32
N ALA A 301 13.25 -24.53 51.53
CA ALA A 301 14.09 -25.23 52.50
C ALA A 301 14.15 -26.72 52.19
N ASN A 302 13.04 -27.29 51.73
CA ASN A 302 13.04 -28.66 51.24
C ASN A 302 13.90 -28.82 49.98
N VAL A 303 14.17 -27.71 49.28
CA VAL A 303 15.09 -27.75 48.13
C VAL A 303 16.43 -28.33 48.54
N GLU A 304 16.86 -28.08 49.78
CA GLU A 304 18.15 -28.57 50.26
C GLU A 304 18.25 -30.09 50.17
N THR A 305 17.13 -30.79 50.22
CA THR A 305 17.14 -32.23 50.02
C THR A 305 17.60 -32.61 48.63
N THR A 306 17.50 -31.70 47.66
CA THR A 306 17.83 -31.96 46.26
C THR A 306 17.07 -33.17 45.73
N GLU A 307 15.83 -33.34 46.21
CA GLU A 307 15.02 -34.48 45.79
C GLU A 307 14.81 -34.47 44.28
N SER A 308 14.58 -33.30 43.71
CA SER A 308 14.56 -33.13 42.26
C SER A 308 15.26 -31.83 41.92
N GLU A 309 16.15 -31.88 40.93
CA GLU A 309 16.87 -30.67 40.53
C GLU A 309 15.95 -29.52 40.12
N PRO A 310 14.86 -29.74 39.36
CA PRO A 310 14.03 -28.60 38.96
C PRO A 310 13.31 -27.92 40.12
N LEU A 311 13.52 -28.33 41.37
CA LEU A 311 12.69 -27.80 42.44
C LEU A 311 12.94 -26.32 42.67
N LEU A 312 14.21 -25.90 42.76
CA LEU A 312 14.51 -24.48 42.94
C LEU A 312 14.00 -23.67 41.76
N GLU A 313 14.21 -24.17 40.55
CA GLU A 313 13.74 -23.49 39.35
C GLU A 313 12.23 -23.28 39.41
N THR A 314 11.49 -24.33 39.77
CA THR A 314 10.03 -24.23 39.81
C THR A 314 9.56 -23.34 40.94
N VAL A 315 10.26 -23.35 42.08
CA VAL A 315 9.91 -22.44 43.16
C VAL A 315 10.04 -21.00 42.71
N HIS A 316 11.13 -20.66 42.04
CA HIS A 316 11.29 -19.30 41.55
C HIS A 316 10.23 -18.96 40.51
N ASP A 317 9.95 -19.89 39.59
CA ASP A 317 8.95 -19.62 38.56
C ASP A 317 7.57 -19.35 39.18
N CYS A 318 7.17 -20.15 40.17
CA CYS A 318 5.89 -19.92 40.83
C CYS A 318 5.89 -18.59 41.58
N SER A 319 6.98 -18.30 42.28
CA SER A 319 7.05 -17.06 43.03
C SER A 319 7.02 -15.84 42.12
N ILE A 320 7.50 -15.98 40.88
CA ILE A 320 7.39 -14.86 39.94
C ILE A 320 5.94 -14.46 39.77
N TYR A 321 5.06 -15.44 39.56
CA TYR A 321 3.65 -15.13 39.36
C TYR A 321 2.99 -14.65 40.64
N ILE A 322 3.38 -15.19 41.79
CA ILE A 322 2.79 -14.71 43.04
C ILE A 322 3.16 -13.25 43.28
N VAL A 323 4.44 -12.91 43.10
CA VAL A 323 4.86 -11.53 43.26
C VAL A 323 4.22 -10.64 42.20
N GLU A 324 4.00 -11.17 41.00
CA GLU A 324 3.33 -10.38 39.98
C GLU A 324 1.89 -10.08 40.35
N PHE A 325 1.19 -11.04 40.96
CA PHE A 325 -0.15 -10.74 41.46
C PHE A 325 -0.10 -9.71 42.58
N LEU A 326 0.85 -9.85 43.50
CA LEU A 326 0.97 -8.83 44.54
C LEU A 326 1.30 -7.46 43.95
N THR A 327 2.06 -7.42 42.88
CA THR A 327 2.31 -6.18 42.18
C THR A 327 1.01 -5.59 41.64
N SER A 328 0.18 -6.45 41.04
CA SER A 328 -1.04 -5.97 40.43
C SER A 328 -2.01 -5.40 41.47
N VAL A 329 -2.06 -5.97 42.68
CA VAL A 329 -2.92 -5.46 43.74
C VAL A 329 -2.15 -4.62 44.75
N CYS A 330 -1.01 -4.06 44.36
CA CYS A 330 -0.14 -3.36 45.30
C CYS A 330 -0.77 -2.11 45.88
N THR A 331 -1.87 -1.63 45.31
CA THR A 331 -2.53 -0.45 45.87
C THR A 331 -3.36 -0.78 47.11
N LEU A 332 -3.56 -2.06 47.41
CA LEU A 332 -4.25 -2.43 48.64
C LEU A 332 -3.37 -2.17 49.84
N GLN A 333 -4.01 -1.82 50.96
CA GLN A 333 -3.28 -1.58 52.19
C GLN A 333 -2.68 -2.87 52.73
N PHE A 334 -1.45 -2.80 53.21
CA PHE A 334 -0.77 -3.92 53.86
C PHE A 334 -0.59 -3.64 55.34
N SER A 335 -0.96 -4.61 56.16
CA SER A 335 -0.72 -4.55 57.59
C SER A 335 0.72 -4.86 57.90
N VAL A 336 1.14 -4.54 59.13
CA VAL A 336 2.55 -4.65 59.49
C VAL A 336 3.03 -6.09 59.44
N GLU A 337 2.23 -7.03 59.95
CA GLU A 337 2.69 -8.40 60.01
C GLU A 337 2.78 -9.02 58.63
N GLU A 338 1.91 -8.64 57.72
CA GLU A 338 2.00 -9.17 56.38
C GLU A 338 3.11 -8.51 55.57
N MET A 339 3.47 -7.26 55.88
CA MET A 339 4.70 -6.71 55.30
C MET A 339 5.92 -7.47 55.82
N ASN A 340 5.93 -7.82 57.11
CA ASN A 340 7.04 -8.61 57.62
C ASN A 340 7.11 -9.96 56.93
N LYS A 341 5.96 -10.59 56.70
CA LYS A 341 5.94 -11.86 55.99
C LYS A 341 6.47 -11.70 54.58
N ILE A 342 6.03 -10.65 53.88
CA ILE A 342 6.49 -10.40 52.52
C ILE A 342 8.00 -10.22 52.49
N ILE A 343 8.51 -9.39 53.40
CA ILE A 343 9.93 -9.06 53.40
C ILE A 343 10.77 -10.30 53.71
N THR A 344 10.36 -11.07 54.71
CA THR A 344 11.10 -12.30 55.03
C THR A 344 11.09 -13.25 53.84
N SER A 345 9.92 -13.44 53.23
CA SER A 345 9.82 -14.35 52.10
C SER A 345 10.71 -13.90 50.95
N LEU A 346 10.72 -12.60 50.67
CA LEU A 346 11.54 -12.08 49.59
C LEU A 346 13.03 -12.20 49.89
N THR A 347 13.45 -11.93 51.13
CA THR A 347 14.86 -12.10 51.46
C THR A 347 15.29 -13.54 51.27
N ILE A 348 14.38 -14.50 51.51
CA ILE A 348 14.73 -15.87 51.18
C ILE A 348 14.77 -16.04 49.66
N LEU A 349 13.83 -15.43 48.94
CA LEU A 349 13.73 -15.66 47.50
C LEU A 349 14.73 -14.86 46.70
N CYS A 350 14.95 -13.59 47.06
CA CYS A 350 15.89 -12.78 46.30
C CYS A 350 17.34 -13.11 46.58
N GLN A 351 17.58 -14.09 47.45
CA GLN A 351 18.94 -14.52 47.74
C GLN A 351 19.60 -15.10 46.50
N LEU A 352 20.84 -14.71 46.26
CA LEU A 352 21.59 -15.22 45.11
C LEU A 352 21.87 -16.71 45.30
N SER A 353 21.72 -17.47 44.23
CA SER A 353 22.10 -18.87 44.30
C SER A 353 23.62 -18.99 44.38
N SER A 354 24.08 -20.14 44.85
CA SER A 354 25.52 -20.40 44.83
C SER A 354 26.05 -20.41 43.39
N GLU A 355 25.22 -20.78 42.43
CA GLU A 355 25.65 -20.79 41.04
C GLU A 355 25.87 -19.38 40.50
N THR A 356 24.90 -18.48 40.70
CA THR A 356 25.09 -17.12 40.24
C THR A 356 26.22 -16.44 40.97
N ARG A 357 26.34 -16.72 42.27
CA ARG A 357 27.44 -16.16 43.06
C ARG A 357 28.77 -16.62 42.50
N GLU A 358 28.90 -17.91 42.19
CA GLU A 358 30.15 -18.42 41.64
C GLU A 358 30.42 -17.83 40.27
N ILE A 359 29.39 -17.67 39.45
CA ILE A 359 29.58 -17.10 38.11
C ILE A 359 30.07 -15.67 38.20
N TRP A 360 29.42 -14.85 39.03
CA TRP A 360 29.84 -13.47 39.18
C TRP A 360 31.25 -13.37 39.73
N THR A 361 31.58 -14.18 40.74
CA THR A 361 32.94 -14.14 41.28
C THR A 361 33.95 -14.58 40.24
N SER A 362 33.60 -15.55 39.40
CA SER A 362 34.56 -16.06 38.43
C SER A 362 34.77 -15.08 37.27
N ASP A 363 33.69 -14.46 36.78
CA ASP A 363 33.74 -13.62 35.59
C ASP A 363 32.89 -12.37 35.86
N PHE A 364 33.56 -11.30 36.30
CA PHE A 364 32.87 -10.07 36.67
C PHE A 364 32.09 -9.46 35.51
N ASN A 365 32.42 -9.81 34.27
CA ASN A 365 31.70 -9.24 33.13
C ASN A 365 30.22 -9.57 33.17
N THR A 366 29.86 -10.76 33.63
CA THR A 366 28.45 -11.11 33.74
C THR A 366 27.78 -10.28 34.82
N PHE A 367 28.48 -10.01 35.92
CA PHE A 367 27.94 -9.13 36.94
C PHE A 367 27.70 -7.74 36.36
N VAL A 368 28.65 -7.22 35.61
CA VAL A 368 28.50 -5.89 35.02
C VAL A 368 27.31 -5.86 34.09
N SER A 369 27.19 -6.88 33.23
CA SER A 369 26.09 -6.91 32.27
C SER A 369 24.74 -6.97 32.96
N LYS A 370 24.64 -7.76 34.03
CA LYS A 370 23.38 -7.82 34.76
C LYS A 370 23.09 -6.53 35.51
N GLU A 371 24.12 -5.92 36.09
CA GLU A 371 23.90 -4.74 36.91
C GLU A 371 23.54 -3.53 36.06
N THR A 372 24.18 -3.37 34.91
CA THR A 372 23.91 -2.24 34.05
C THR A 372 22.55 -2.35 33.37
N GLY A 373 21.87 -3.48 33.49
CA GLY A 373 20.54 -3.65 32.97
C GLY A 373 20.45 -4.21 31.57
N LEU A 374 21.57 -4.68 31.00
CA LEU A 374 21.58 -5.13 29.63
C LEU A 374 21.59 -6.65 29.49
N ALA A 375 21.66 -7.38 30.60
CA ALA A 375 21.56 -8.83 30.53
C ALA A 375 20.16 -9.24 30.09
N ALA A 376 20.08 -10.36 29.37
CA ALA A 376 18.82 -10.80 28.80
C ALA A 376 17.90 -11.45 29.84
N SER A 377 18.47 -12.07 30.86
CA SER A 377 17.69 -12.88 31.79
C SER A 377 16.70 -12.04 32.59
N TYR A 378 15.57 -12.66 32.94
CA TYR A 378 14.58 -12.07 33.81
C TYR A 378 14.23 -13.10 34.87
N ASN A 379 14.28 -12.70 36.15
CA ASN A 379 14.13 -13.66 37.24
C ASN A 379 13.35 -12.99 38.37
N VAL A 380 13.32 -13.66 39.52
CA VAL A 380 12.51 -13.20 40.64
C VAL A 380 13.03 -11.90 41.23
N ARG A 381 14.30 -11.60 41.06
CA ARG A 381 14.85 -10.36 41.58
C ARG A 381 14.33 -9.17 40.78
N ASP A 382 14.18 -9.36 39.46
CA ASP A 382 13.56 -8.35 38.63
C ASP A 382 12.10 -8.13 39.01
N GLN A 383 11.38 -9.21 39.31
CA GLN A 383 9.99 -9.04 39.70
C GLN A 383 9.87 -8.37 41.05
N ALA A 384 10.82 -8.61 41.96
CA ALA A 384 10.83 -7.87 43.21
C ALA A 384 11.11 -6.40 42.98
N ASN A 385 11.99 -6.10 42.03
CA ASN A 385 12.20 -4.71 41.64
C ASN A 385 10.89 -4.08 41.16
N GLU A 386 10.15 -4.81 40.34
CA GLU A 386 8.85 -4.34 39.88
C GLU A 386 7.90 -4.11 41.04
N PHE A 387 7.89 -5.02 42.01
CA PHE A 387 6.98 -4.89 43.14
C PHE A 387 7.28 -3.63 43.96
N PHE A 388 8.54 -3.45 44.34
CA PHE A 388 8.89 -2.28 45.16
C PHE A 388 8.84 -0.98 44.38
N THR A 389 9.15 -1.01 43.09
CA THR A 389 9.05 0.19 42.27
C THR A 389 7.61 0.67 42.15
N SER A 390 6.66 -0.23 42.36
CA SER A 390 5.25 0.05 42.10
C SER A 390 4.48 0.53 43.33
N LEU A 391 5.02 0.36 44.52
CA LEU A 391 4.26 0.66 45.73
C LEU A 391 3.95 2.15 45.81
N PRO A 392 2.75 2.53 46.27
CA PRO A 392 2.49 3.93 46.59
C PRO A 392 3.08 4.32 47.93
N ASN A 393 3.04 5.62 48.20
CA ASN A 393 3.80 6.20 49.31
C ASN A 393 3.49 5.60 50.67
N PRO A 394 2.22 5.46 51.10
CA PRO A 394 1.99 4.90 52.44
C PRO A 394 2.56 3.50 52.60
N GLN A 395 2.55 2.69 51.55
CA GLN A 395 3.12 1.36 51.65
C GLN A 395 4.64 1.42 51.62
N LEU A 396 5.19 2.29 50.76
CA LEU A 396 6.62 2.36 50.57
C LEU A 396 7.34 2.87 51.81
N SER A 397 6.77 3.88 52.47
CA SER A 397 7.39 4.40 53.67
C SER A 397 7.39 3.38 54.80
N LEU A 398 6.42 2.46 54.81
CA LEU A 398 6.39 1.43 55.83
C LEU A 398 7.37 0.30 55.50
N ILE A 399 7.40 -0.11 54.23
CA ILE A 399 8.31 -1.17 53.83
C ILE A 399 9.75 -0.74 54.03
N PHE A 400 10.04 0.54 53.81
CA PHE A 400 11.42 0.99 54.00
C PHE A 400 11.84 0.84 55.46
N LYS A 401 10.96 1.21 56.39
CA LYS A 401 11.27 1.03 57.80
C LYS A 401 11.48 -0.44 58.11
N VAL A 402 10.62 -1.30 57.58
CA VAL A 402 10.76 -2.74 57.83
C VAL A 402 12.11 -3.25 57.35
N VAL A 403 12.49 -2.93 56.11
CA VAL A 403 13.71 -3.48 55.55
C VAL A 403 14.93 -2.88 56.23
N SER A 404 14.91 -1.58 56.52
CA SER A 404 16.05 -0.98 57.20
C SER A 404 16.22 -1.57 58.59
N ASN A 405 15.12 -1.82 59.30
CA ASN A 405 15.22 -2.46 60.60
C ASN A 405 15.81 -3.87 60.48
N ASP A 406 15.38 -4.63 59.46
CA ASP A 406 15.91 -5.98 59.31
C ASP A 406 17.36 -5.98 58.88
N ILE A 407 17.83 -4.92 58.22
CA ILE A 407 19.25 -4.82 57.89
C ILE A 407 20.08 -4.70 59.17
N GLU A 408 19.59 -3.89 60.10
CA GLU A 408 20.29 -3.69 61.36
C GLU A 408 20.54 -5.02 62.07
N HIS A 409 19.49 -5.82 62.21
CA HIS A 409 19.61 -7.07 62.96
C HIS A 409 20.38 -8.14 62.21
N SER A 410 20.52 -8.03 60.91
CA SER A 410 21.23 -9.04 60.12
C SER A 410 22.68 -8.67 59.83
N THR A 411 23.18 -7.57 60.37
CA THR A 411 24.54 -7.15 60.08
C THR A 411 25.54 -8.23 60.44
N CYS A 412 25.20 -9.11 61.37
CA CYS A 412 26.09 -10.18 61.78
C CYS A 412 26.08 -11.36 60.80
N ASN A 413 25.07 -11.47 59.96
CA ASN A 413 24.92 -12.59 59.04
C ASN A 413 25.43 -12.20 57.66
N TYR A 414 26.18 -13.09 57.04
CA TYR A 414 26.69 -12.84 55.71
C TYR A 414 25.90 -13.60 54.66
N SER A 415 24.75 -14.15 55.03
CA SER A 415 23.86 -14.82 54.09
C SER A 415 22.73 -13.90 53.61
N THR A 416 21.93 -13.37 54.54
CA THR A 416 20.77 -12.57 54.19
C THR A 416 21.07 -11.09 54.00
N LEU A 417 22.26 -10.63 54.36
CA LEU A 417 22.54 -9.20 54.28
C LEU A 417 22.57 -8.70 52.85
N GLU A 418 23.12 -9.48 51.93
CA GLU A 418 23.14 -9.07 50.53
C GLU A 418 21.72 -8.92 49.98
N SER A 419 20.86 -9.89 50.27
CA SER A 419 19.48 -9.82 49.84
C SER A 419 18.78 -8.61 50.43
N LEU A 420 19.02 -8.34 51.70
CA LEU A 420 18.38 -7.18 52.32
C LEU A 420 18.86 -5.88 51.68
N LEU A 421 20.14 -5.81 51.32
CA LEU A 421 20.64 -4.61 50.64
C LEU A 421 20.01 -4.46 49.27
N TYR A 422 19.85 -5.56 48.53
CA TYR A 422 19.18 -5.48 47.24
C TYR A 422 17.73 -5.03 47.37
N LEU A 423 17.02 -5.54 48.39
CA LEU A 423 15.66 -5.11 48.62
C LEU A 423 15.59 -3.62 48.91
N LEU A 424 16.52 -3.12 49.73
CA LEU A 424 16.57 -1.69 50.00
C LEU A 424 16.85 -0.91 48.72
N GLN A 425 17.77 -1.40 47.90
CA GLN A 425 18.05 -0.78 46.60
C GLN A 425 16.80 -0.66 45.76
N CYS A 426 16.02 -1.75 45.68
CA CYS A 426 14.78 -1.71 44.90
C CYS A 426 13.80 -0.71 45.50
N ILE A 427 13.79 -0.59 46.83
CA ILE A 427 12.93 0.42 47.44
C ILE A 427 13.35 1.83 47.01
N LEU A 428 14.66 2.08 46.96
CA LEU A 428 15.15 3.43 46.71
C LEU A 428 14.99 3.85 45.26
N LEU A 429 14.74 2.91 44.35
CA LEU A 429 14.49 3.26 42.96
C LEU A 429 13.06 3.68 42.69
N ASN A 430 12.15 3.45 43.64
CA ASN A 430 10.81 3.98 43.51
C ASN A 430 10.85 5.49 43.47
N ASP A 431 10.00 6.09 42.63
CA ASP A 431 10.08 7.52 42.40
C ASP A 431 9.53 8.35 43.56
N ASP A 432 8.72 7.77 44.42
CA ASP A 432 8.09 8.56 45.47
C ASP A 432 9.08 8.93 46.57
N GLU A 433 8.67 9.89 47.40
CA GLU A 433 9.49 10.36 48.51
C GLU A 433 9.19 9.53 49.76
N ILE A 434 10.24 8.93 50.33
CA ILE A 434 10.12 8.14 51.55
C ILE A 434 10.12 9.12 52.71
N THR A 435 8.96 9.30 53.35
CA THR A 435 8.80 10.26 54.44
C THR A 435 7.97 9.61 55.54
N GLY A 436 8.31 9.91 56.79
CA GLY A 436 7.66 9.25 57.90
C GLY A 436 8.17 9.81 59.21
N GLU A 437 7.58 9.30 60.30
CA GLU A 437 7.84 9.85 61.61
C GLU A 437 9.25 9.58 62.09
N ASN A 438 9.78 8.39 61.81
CA ASN A 438 11.06 7.97 62.38
C ASN A 438 12.08 7.60 61.32
N ILE A 439 11.91 8.08 60.09
CA ILE A 439 12.89 7.77 59.04
C ILE A 439 14.20 8.51 59.26
N ASP A 440 14.20 9.61 60.03
CA ASP A 440 15.46 10.25 60.35
C ASP A 440 16.38 9.31 61.13
N GLN A 441 15.84 8.70 62.20
CA GLN A 441 16.60 7.80 63.05
C GLN A 441 17.05 6.55 62.29
N SER A 442 16.11 5.93 61.57
CA SER A 442 16.44 4.74 60.80
C SER A 442 17.45 5.07 59.72
N LEU A 443 17.35 6.25 59.13
CA LEU A 443 18.27 6.67 58.09
C LEU A 443 19.68 6.87 58.64
N GLN A 444 19.79 7.46 59.82
CA GLN A 444 21.10 7.63 60.42
C GLN A 444 21.74 6.27 60.73
N ILE A 445 20.95 5.34 61.27
CA ILE A 445 21.50 4.00 61.51
C ILE A 445 21.89 3.34 60.20
N LEU A 446 21.10 3.54 59.15
CA LEU A 446 21.40 2.93 57.87
C LEU A 446 22.72 3.44 57.31
N ILE A 447 22.94 4.75 57.36
CA ILE A 447 24.20 5.26 56.82
C ILE A 447 25.37 4.81 57.69
N LYS A 448 25.17 4.72 59.01
CA LYS A 448 26.24 4.23 59.88
C LYS A 448 26.61 2.79 59.55
N THR A 449 25.62 1.93 59.38
CA THR A 449 25.92 0.53 59.09
C THR A 449 26.53 0.38 57.71
N LEU A 450 26.09 1.17 56.73
CA LEU A 450 26.72 1.13 55.41
C LEU A 450 28.19 1.51 55.51
N GLU A 451 28.49 2.54 56.29
CA GLU A 451 29.88 2.94 56.49
C GLU A 451 30.69 1.83 57.13
N ASN A 452 30.10 1.12 58.10
CA ASN A 452 30.81 -0.02 58.70
C ASN A 452 31.00 -1.15 57.70
N ILE A 453 30.06 -1.37 56.79
CA ILE A 453 30.28 -2.36 55.74
C ILE A 453 31.48 -1.96 54.91
N LEU A 454 31.62 -0.67 54.63
CA LEU A 454 32.80 -0.22 53.87
C LEU A 454 34.09 -0.47 54.65
N VAL A 455 34.08 -0.15 55.95
CA VAL A 455 35.32 -0.19 56.73
C VAL A 455 35.78 -1.63 56.94
N SER A 456 34.86 -2.56 57.18
CA SER A 456 35.20 -3.90 57.62
C SER A 456 36.00 -4.66 56.56
N GLN A 457 36.97 -5.46 57.04
CA GLN A 457 37.79 -6.28 56.17
C GLN A 457 37.27 -7.70 56.02
N GLU A 458 36.32 -8.12 56.85
CA GLU A 458 35.79 -9.48 56.77
C GLU A 458 34.76 -9.64 55.66
N ILE A 459 34.19 -8.55 55.16
CA ILE A 459 32.98 -8.61 54.33
C ILE A 459 33.29 -9.37 53.05
N PRO A 460 32.47 -10.34 52.66
CA PRO A 460 32.67 -11.01 51.37
C PRO A 460 32.49 -10.04 50.22
N GLU A 461 32.96 -10.46 49.04
CA GLU A 461 32.96 -9.58 47.87
C GLU A 461 31.58 -8.99 47.59
N LEU A 462 30.56 -9.84 47.49
CA LEU A 462 29.30 -9.40 46.94
C LEU A 462 28.55 -8.46 47.87
N ILE A 463 28.68 -8.66 49.17
CA ILE A 463 28.03 -7.72 50.09
C ILE A 463 28.68 -6.35 49.97
N LEU A 464 30.01 -6.33 49.84
CA LEU A 464 30.71 -5.06 49.64
C LEU A 464 30.28 -4.39 48.35
N ALA A 465 30.17 -5.17 47.27
CA ALA A 465 29.76 -4.60 45.98
C ALA A 465 28.35 -4.02 46.07
N ARG A 466 27.43 -4.75 46.70
CA ARG A 466 26.07 -4.25 46.84
C ARG A 466 26.03 -2.98 47.68
N ALA A 467 26.84 -2.91 48.74
CA ALA A 467 26.87 -1.69 49.53
C ALA A 467 27.43 -0.52 48.74
N ILE A 468 28.51 -0.77 48.01
CA ILE A 468 29.11 0.25 47.15
C ILE A 468 28.06 0.80 46.20
N LEU A 469 27.27 -0.09 45.60
CA LEU A 469 26.26 0.32 44.64
C LEU A 469 25.05 0.97 45.29
N THR A 470 24.76 0.67 46.56
CA THR A 470 23.54 1.18 47.14
C THR A 470 23.71 2.48 47.92
N ILE A 471 24.92 2.82 48.38
CA ILE A 471 25.10 4.13 49.03
C ILE A 471 24.72 5.30 48.12
N PRO A 472 25.08 5.33 46.83
CA PRO A 472 24.62 6.43 45.99
C PRO A 472 23.11 6.56 46.00
N ARG A 473 22.40 5.43 46.01
CA ARG A 473 20.94 5.47 46.03
C ARG A 473 20.41 6.04 47.33
N VAL A 474 21.04 5.69 48.46
CA VAL A 474 20.60 6.23 49.74
C VAL A 474 20.78 7.73 49.77
N LEU A 475 21.95 8.21 49.32
CA LEU A 475 22.19 9.65 49.30
C LEU A 475 21.21 10.35 48.35
N ASP A 476 21.00 9.77 47.16
CA ASP A 476 20.14 10.40 46.18
C ASP A 476 18.72 10.53 46.68
N LYS A 477 18.14 9.44 47.19
CA LYS A 477 16.75 9.48 47.64
C LYS A 477 16.56 10.47 48.77
N PHE A 478 17.48 10.50 49.73
CA PHE A 478 17.31 11.28 50.96
C PHE A 478 18.11 12.56 50.96
N ILE A 479 18.41 13.11 49.78
CA ILE A 479 19.30 14.26 49.67
C ILE A 479 18.76 15.46 50.44
N ASP A 480 17.43 15.54 50.59
CA ASP A 480 16.84 16.62 51.37
C ASP A 480 16.78 16.34 52.86
N ALA A 481 16.79 15.07 53.26
CA ALA A 481 16.69 14.74 54.68
C ALA A 481 18.04 14.71 55.36
N LEU A 482 19.09 14.36 54.64
CA LEU A 482 20.44 14.38 55.21
C LEU A 482 20.87 15.83 55.38
N PRO A 483 21.17 16.27 56.61
CA PRO A 483 21.52 17.68 56.80
C PRO A 483 22.90 18.04 56.28
N ASP A 484 23.78 17.05 56.15
CA ASP A 484 25.16 17.29 55.76
C ASP A 484 25.53 16.45 54.54
N ILE A 485 24.73 16.55 53.49
CA ILE A 485 24.87 15.68 52.33
C ILE A 485 26.25 15.81 51.69
N LYS A 486 26.80 17.02 51.65
CA LYS A 486 28.04 17.24 50.91
C LYS A 486 29.25 16.50 51.48
N PRO A 487 29.60 16.63 52.76
CA PRO A 487 30.72 15.84 53.28
C PRO A 487 30.46 14.34 53.23
N LEU A 488 29.23 13.90 53.49
CA LEU A 488 28.90 12.49 53.37
C LEU A 488 29.20 11.99 51.96
N THR A 489 28.71 12.70 50.96
CA THR A 489 28.93 12.30 49.57
C THR A 489 30.42 12.25 49.26
N SER A 490 31.16 13.27 49.69
CA SER A 490 32.58 13.33 49.40
C SER A 490 33.31 12.15 50.05
N ALA A 491 33.01 11.88 51.32
CA ALA A 491 33.69 10.81 52.04
C ALA A 491 33.36 9.45 51.46
N PHE A 492 32.08 9.20 51.18
CA PHE A 492 31.68 7.93 50.59
C PHE A 492 32.35 7.71 49.24
N LEU A 493 32.36 8.74 48.39
CA LEU A 493 32.96 8.57 47.08
C LEU A 493 34.46 8.32 47.21
N ALA A 494 35.14 9.09 48.06
CA ALA A 494 36.58 8.88 48.24
C ALA A 494 36.88 7.49 48.77
N LYS A 495 36.11 7.04 49.77
CA LYS A 495 36.32 5.71 50.34
C LYS A 495 36.10 4.62 49.31
N SER A 496 35.02 4.74 48.52
CA SER A 496 34.76 3.75 47.49
C SER A 496 35.88 3.70 46.47
N LEU A 497 36.37 4.87 46.06
CA LEU A 497 37.45 4.92 45.08
C LEU A 497 38.74 4.31 45.66
N ASN A 498 39.03 4.60 46.93
CA ASN A 498 40.22 4.03 47.54
C ASN A 498 40.12 2.52 47.64
N LEU A 499 38.96 1.99 48.04
CA LEU A 499 38.78 0.55 48.08
C LEU A 499 38.98 -0.06 46.70
N ALA A 500 38.39 0.56 45.67
CA ALA A 500 38.53 0.05 44.33
C ALA A 500 40.00 0.02 43.91
N LEU A 501 40.75 1.06 44.25
CA LEU A 501 42.17 1.08 43.91
C LEU A 501 42.95 0.03 44.67
N LYS A 502 42.69 -0.12 45.96
CA LYS A 502 43.44 -1.09 46.77
C LYS A 502 43.02 -2.52 46.46
N SER A 503 41.76 -2.73 46.13
CA SER A 503 41.25 -4.08 45.89
C SER A 503 41.92 -4.70 44.68
N ASP A 504 42.01 -6.03 44.70
CA ASP A 504 42.48 -6.79 43.56
C ASP A 504 41.35 -7.59 42.89
N LYS A 505 40.10 -7.30 43.22
CA LYS A 505 38.96 -7.94 42.59
C LYS A 505 38.39 -7.00 41.54
N GLU A 506 38.36 -7.45 40.28
CA GLU A 506 37.78 -6.63 39.24
C GLU A 506 36.31 -6.33 39.51
N LEU A 507 35.62 -7.24 40.18
CA LEU A 507 34.19 -7.04 40.43
C LEU A 507 33.93 -5.81 41.28
N ILE A 508 34.74 -5.60 42.32
CA ILE A 508 34.53 -4.44 43.17
C ILE A 508 34.95 -3.16 42.45
N LYS A 509 35.96 -3.25 41.59
CA LYS A 509 36.35 -2.09 40.78
C LYS A 509 35.22 -1.66 39.86
N SER A 510 34.63 -2.61 39.13
CA SER A 510 33.53 -2.26 38.24
C SER A 510 32.32 -1.78 39.01
N ALA A 511 32.04 -2.39 40.16
CA ALA A 511 30.96 -1.90 41.00
C ALA A 511 31.20 -0.45 41.40
N THR A 512 32.45 -0.11 41.73
CA THR A 512 32.75 1.26 42.11
C THR A 512 32.61 2.21 40.93
N LEU A 513 32.96 1.76 39.73
CA LEU A 513 32.79 2.61 38.55
C LEU A 513 31.31 2.90 38.30
N ILE A 514 30.47 1.88 38.41
CA ILE A 514 29.05 2.10 38.20
C ILE A 514 28.47 3.00 39.30
N ALA A 515 28.94 2.81 40.54
CA ALA A 515 28.51 3.69 41.62
C ALA A 515 28.94 5.12 41.37
N PHE A 516 30.15 5.32 40.84
CA PHE A 516 30.58 6.64 40.41
C PHE A 516 29.61 7.22 39.40
N THR A 517 29.17 6.39 38.45
CA THR A 517 28.16 6.86 37.51
C THR A 517 26.91 7.35 38.23
N TYR A 518 26.52 6.68 39.31
CA TYR A 518 25.35 7.15 40.06
C TYR A 518 25.61 8.45 40.81
N TYR A 519 26.81 8.62 41.38
CA TYR A 519 27.12 9.90 42.01
C TYR A 519 27.10 11.02 40.99
N CYS A 520 27.68 10.77 39.81
CA CYS A 520 27.62 11.77 38.72
C CYS A 520 26.15 12.03 38.38
N TYR A 521 25.28 11.09 38.74
CA TYR A 521 23.84 11.22 38.40
C TYR A 521 23.12 12.10 39.42
N PHE A 522 23.42 11.94 40.72
CA PHE A 522 22.66 12.69 41.73
C PHE A 522 23.48 13.85 42.32
N ALA A 523 24.57 14.26 41.66
CA ALA A 523 25.31 15.40 42.16
C ALA A 523 26.26 15.92 41.10
N GLU A 524 26.49 17.23 41.13
CA GLU A 524 27.53 17.85 40.30
C GLU A 524 28.83 17.74 41.07
N LEU A 525 29.70 16.84 40.62
CA LEU A 525 30.88 16.53 41.41
C LEU A 525 31.79 17.74 41.58
N ASP A 526 31.95 18.53 40.52
CA ASP A 526 32.87 19.67 40.57
C ASP A 526 32.52 20.62 41.70
N SER A 527 31.23 20.92 41.86
CA SER A 527 30.80 21.88 42.87
C SER A 527 30.92 21.31 44.28
N VAL A 528 30.54 20.04 44.46
CA VAL A 528 30.53 19.49 45.82
C VAL A 528 31.93 19.14 46.30
N LEU A 529 32.84 18.79 45.39
CA LEU A 529 34.18 18.38 45.80
C LEU A 529 35.18 19.51 45.83
N GLY A 530 35.03 20.51 44.97
CA GLY A 530 36.07 21.49 44.77
C GLY A 530 37.03 21.05 43.69
N PRO A 531 37.68 22.00 43.05
CA PRO A 531 38.43 21.67 41.82
C PRO A 531 39.55 20.67 42.01
N GLU A 532 40.32 20.80 43.10
CA GLU A 532 41.47 19.92 43.29
C GLU A 532 41.02 18.50 43.64
N VAL A 533 40.01 18.37 44.49
CA VAL A 533 39.48 17.06 44.82
C VAL A 533 38.82 16.44 43.60
N CYS A 534 38.13 17.24 42.80
CA CYS A 534 37.53 16.73 41.57
C CYS A 534 38.60 16.22 40.62
N SER A 535 39.72 16.95 40.51
CA SER A 535 40.80 16.50 39.64
C SER A 535 41.41 15.19 40.13
N GLU A 536 41.60 15.07 41.45
CA GLU A 536 42.14 13.82 41.97
C GLU A 536 41.16 12.68 41.79
N THR A 537 39.86 12.95 41.91
CA THR A 537 38.85 11.94 41.63
C THR A 537 38.94 11.48 40.18
N GLN A 538 39.08 12.43 39.25
CA GLN A 538 39.23 12.06 37.84
C GLN A 538 40.44 11.19 37.63
N GLU A 539 41.55 11.53 38.28
CA GLU A 539 42.76 10.73 38.14
C GLU A 539 42.53 9.31 38.66
N LYS A 540 41.90 9.17 39.83
CA LYS A 540 41.63 7.84 40.36
C LYS A 540 40.73 7.05 39.42
N VAL A 541 39.67 7.68 38.92
CA VAL A 541 38.73 6.96 38.06
C VAL A 541 39.40 6.50 36.79
N ILE A 542 40.22 7.36 36.16
CA ILE A 542 40.88 6.90 34.95
C ILE A 542 41.86 5.79 35.27
N ARG A 543 42.46 5.80 36.47
CA ARG A 543 43.33 4.70 36.83
C ARG A 543 42.56 3.39 36.95
N ILE A 544 41.41 3.43 37.61
CA ILE A 544 40.61 2.21 37.76
C ILE A 544 40.13 1.72 36.41
N ILE A 545 39.68 2.63 35.55
CA ILE A 545 39.28 2.24 34.19
C ILE A 545 40.44 1.57 33.48
N ASN A 546 41.65 2.10 33.64
CA ASN A 546 42.81 1.44 33.07
C ASN A 546 42.95 0.03 33.60
N GLN A 547 42.78 -0.16 34.91
CA GLN A 547 42.92 -1.50 35.48
C GLN A 547 41.83 -2.44 35.00
N VAL A 548 40.59 -1.95 34.92
CA VAL A 548 39.47 -2.81 34.54
C VAL A 548 39.52 -3.13 33.04
N SER A 549 39.92 -2.15 32.22
CA SER A 549 39.79 -2.29 30.78
C SER A 549 40.58 -3.45 30.21
N SER A 550 41.57 -3.95 30.94
CA SER A 550 42.39 -5.03 30.43
C SER A 550 41.60 -6.32 30.23
N ASP A 551 40.43 -6.45 30.86
CA ASP A 551 39.68 -7.70 30.84
C ASP A 551 38.21 -7.49 30.55
N ALA A 552 37.88 -6.42 29.83
CA ALA A 552 36.48 -6.13 29.53
C ALA A 552 35.97 -7.02 28.41
N GLU A 553 34.74 -7.50 28.56
CA GLU A 553 34.04 -8.25 27.54
C GLU A 553 32.57 -7.86 27.61
N GLU A 554 31.81 -8.34 26.64
CA GLU A 554 30.35 -8.09 26.58
C GLU A 554 30.12 -6.58 26.69
N ASP A 555 29.22 -6.13 27.56
CA ASP A 555 28.84 -4.74 27.70
C ASP A 555 29.81 -3.93 28.55
N THR A 556 30.91 -4.53 29.00
CA THR A 556 31.81 -3.80 29.88
C THR A 556 32.48 -2.65 29.15
N ASN A 557 32.81 -2.82 27.87
CA ASN A 557 33.35 -1.70 27.10
C ASN A 557 32.35 -0.56 27.01
N GLY A 558 31.08 -0.86 26.77
CA GLY A 558 30.08 0.20 26.75
C GLY A 558 29.96 0.91 28.09
N ALA A 559 30.00 0.15 29.18
CA ALA A 559 29.91 0.77 30.49
C ALA A 559 31.13 1.62 30.79
N LEU A 560 32.32 1.13 30.42
CA LEU A 560 33.53 1.92 30.60
C LEU A 560 33.47 3.20 29.77
N MET A 561 32.91 3.12 28.57
CA MET A 561 32.83 4.32 27.75
C MET A 561 31.85 5.31 28.35
N GLU A 562 30.78 4.83 28.98
CA GLU A 562 29.84 5.73 29.64
C GLU A 562 30.48 6.43 30.84
N VAL A 563 31.22 5.67 31.66
CA VAL A 563 31.87 6.31 32.80
C VAL A 563 32.98 7.24 32.35
N LEU A 564 33.68 6.91 31.26
CA LEU A 564 34.66 7.83 30.71
C LEU A 564 34.02 9.10 30.19
N SER A 565 32.86 8.99 29.55
CA SER A 565 32.11 10.17 29.16
C SER A 565 31.78 11.04 30.36
N GLN A 566 31.42 10.40 31.49
CA GLN A 566 31.15 11.20 32.69
C GLN A 566 32.41 11.86 33.22
N VAL A 567 33.54 11.17 33.16
CA VAL A 567 34.80 11.77 33.59
C VAL A 567 35.13 12.99 32.74
N ILE A 568 35.02 12.85 31.42
CA ILE A 568 35.38 13.93 30.51
C ILE A 568 34.55 15.18 30.77
N SER A 569 33.28 15.00 31.14
CA SER A 569 32.41 16.16 31.30
C SER A 569 32.81 17.04 32.48
N TYR A 570 33.71 16.57 33.34
CA TYR A 570 34.15 17.36 34.48
C TYR A 570 35.51 18.01 34.27
N ASN A 571 36.02 18.01 33.04
CA ASN A 571 37.31 18.61 32.77
C ASN A 571 37.28 20.10 33.11
N PRO A 572 38.35 20.64 33.71
CA PRO A 572 38.37 22.06 34.04
C PRO A 572 38.43 22.91 32.78
N LYS A 573 38.17 24.20 32.96
CA LYS A 573 38.26 25.15 31.86
C LYS A 573 39.71 25.41 31.48
N GLU A 574 39.89 26.00 30.30
CA GLU A 574 41.22 26.18 29.71
C GLU A 574 42.22 26.87 30.63
N PRO A 575 41.90 27.97 31.32
CA PRO A 575 42.92 28.63 32.15
C PRO A 575 43.42 27.77 33.30
N HIS A 576 42.82 26.61 33.55
CA HIS A 576 43.33 25.70 34.57
C HIS A 576 43.29 24.25 34.10
N SER A 577 43.11 24.02 32.80
CA SER A 577 43.07 22.66 32.29
C SER A 577 44.44 22.01 32.42
N ARG A 578 44.43 20.71 32.65
CA ARG A 578 45.64 19.94 32.92
C ARG A 578 45.91 19.02 31.75
N LYS A 579 47.13 19.10 31.20
CA LYS A 579 47.44 18.45 29.95
C LYS A 579 47.33 16.92 30.05
N GLU A 580 47.91 16.32 31.08
CA GLU A 580 48.04 14.86 31.06
C GLU A 580 46.69 14.17 31.23
N ILE A 581 45.75 14.79 31.95
CA ILE A 581 44.45 14.15 32.04
C ILE A 581 43.74 14.17 30.70
N LEU A 582 43.93 15.22 29.90
CA LEU A 582 43.37 15.21 28.55
C LEU A 582 44.04 14.15 27.69
N GLN A 583 45.35 14.01 27.81
CA GLN A 583 46.03 12.94 27.09
C GLN A 583 45.51 11.58 27.51
N ALA A 584 45.30 11.39 28.82
CA ALA A 584 44.80 10.12 29.32
C ALA A 584 43.38 9.85 28.83
N GLU A 585 42.53 10.87 28.83
CA GLU A 585 41.17 10.70 28.33
C GLU A 585 41.17 10.30 26.86
N PHE A 586 41.97 10.98 26.04
CA PHE A 586 42.04 10.60 24.63
C PHE A 586 42.57 9.18 24.48
N HIS A 587 43.62 8.84 25.23
CA HIS A 587 44.19 7.51 25.11
C HIS A 587 43.16 6.45 25.49
N LEU A 588 42.37 6.69 26.53
CA LEU A 588 41.36 5.73 26.93
C LEU A 588 40.27 5.60 25.89
N VAL A 589 39.72 6.73 25.41
CA VAL A 589 38.63 6.60 24.44
C VAL A 589 39.13 5.87 23.20
N PHE A 590 40.31 6.23 22.73
CA PHE A 590 40.88 5.56 21.56
C PHE A 590 41.11 4.08 21.81
N THR A 591 41.68 3.74 22.97
CA THR A 591 42.05 2.35 23.24
C THR A 591 40.81 1.47 23.44
N ILE A 592 39.88 1.92 24.28
CA ILE A 592 38.65 1.15 24.47
C ILE A 592 37.91 0.98 23.16
N SER A 593 37.81 2.06 22.37
CA SER A 593 37.07 1.95 21.13
C SER A 593 37.75 1.00 20.16
N SER A 594 39.05 1.17 19.95
CA SER A 594 39.75 0.33 18.99
C SER A 594 39.90 -1.11 19.49
N GLU A 595 39.68 -1.35 20.77
CA GLU A 595 39.69 -2.72 21.27
C GLU A 595 38.45 -3.48 20.87
N ASP A 596 37.35 -2.78 20.56
CA ASP A 596 36.09 -3.40 20.16
C ASP A 596 35.46 -2.56 19.05
N PRO A 597 36.05 -2.55 17.86
CA PRO A 597 35.63 -1.59 16.83
C PRO A 597 34.26 -1.86 16.25
N ALA A 598 33.76 -3.09 16.31
CA ALA A 598 32.48 -3.40 15.68
C ALA A 598 31.29 -3.17 16.60
N ASN A 599 31.52 -3.04 17.90
CA ASN A 599 30.44 -2.82 18.85
C ASN A 599 29.86 -1.44 18.60
N VAL A 600 28.64 -1.38 18.09
CA VAL A 600 28.06 -0.10 17.69
C VAL A 600 27.87 0.83 18.89
N GLN A 601 27.52 0.28 20.04
CA GLN A 601 27.34 1.14 21.22
C GLN A 601 28.66 1.76 21.65
N VAL A 602 29.74 0.99 21.64
CA VAL A 602 31.05 1.52 21.97
C VAL A 602 31.44 2.59 20.98
N VAL A 603 31.18 2.36 19.69
CA VAL A 603 31.50 3.35 18.67
C VAL A 603 30.75 4.64 18.92
N VAL A 604 29.44 4.56 19.14
CA VAL A 604 28.67 5.79 19.30
C VAL A 604 29.06 6.51 20.58
N GLN A 605 29.31 5.78 21.66
CA GLN A 605 29.70 6.47 22.89
C GLN A 605 31.09 7.06 22.77
N SER A 606 31.97 6.44 22.00
CA SER A 606 33.23 7.08 21.68
C SER A 606 33.01 8.32 20.84
N GLN A 607 31.94 8.34 20.06
CA GLN A 607 31.60 9.55 19.32
C GLN A 607 31.26 10.71 20.25
N GLU A 608 30.36 10.48 21.22
CA GLU A 608 30.10 11.57 22.17
C GLU A 608 31.35 11.94 22.96
N CYS A 609 32.11 10.95 23.41
CA CYS A 609 33.31 11.28 24.18
C CYS A 609 34.28 12.11 23.37
N LEU A 610 34.51 11.75 22.12
CA LEU A 610 35.48 12.47 21.30
C LEU A 610 34.99 13.86 20.95
N GLU A 611 33.69 14.03 20.71
CA GLU A 611 33.20 15.38 20.41
C GLU A 611 33.28 16.27 21.64
N LYS A 612 33.08 15.70 22.83
CA LYS A 612 33.26 16.50 24.04
C LYS A 612 34.70 17.00 24.17
N LEU A 613 35.67 16.12 23.90
CA LEU A 613 37.06 16.51 24.03
C LEU A 613 37.40 17.67 23.09
N LEU A 614 36.94 17.60 21.86
CA LEU A 614 37.20 18.62 20.87
C LEU A 614 36.25 19.79 20.97
N ASP A 615 35.46 19.86 22.05
CA ASP A 615 34.56 20.99 22.23
C ASP A 615 35.25 22.17 22.88
N ASN A 616 36.31 21.92 23.66
CA ASN A 616 37.14 22.98 24.22
C ASN A 616 38.16 23.51 23.21
N ILE A 617 37.98 23.21 21.92
CA ILE A 617 38.98 23.56 20.93
C ILE A 617 39.09 25.08 20.80
N ASN A 618 40.32 25.56 20.74
CA ASN A 618 40.61 26.96 20.47
C ASN A 618 41.74 27.06 19.47
N MET A 619 41.72 28.13 18.68
CA MET A 619 42.88 28.46 17.86
C MET A 619 44.12 28.70 18.70
N ASP A 620 43.94 29.03 19.98
CA ASP A 620 45.07 29.24 20.88
C ASP A 620 45.71 27.94 21.33
N ASN A 621 44.99 26.82 21.21
CA ASN A 621 45.53 25.52 21.63
C ASN A 621 45.29 24.44 20.57
N TYR A 622 45.07 24.84 19.32
CA TYR A 622 44.72 23.87 18.28
C TYR A 622 45.89 22.95 17.98
N LYS A 623 47.11 23.49 17.98
CA LYS A 623 48.29 22.69 17.66
C LYS A 623 48.44 21.51 18.63
N ASN A 624 48.16 21.73 19.91
CA ASN A 624 48.28 20.66 20.89
C ASN A 624 47.34 19.51 20.55
N TYR A 625 46.08 19.84 20.25
CA TYR A 625 45.13 18.80 19.89
C TYR A 625 45.56 18.07 18.64
N ILE A 626 46.05 18.82 17.64
CA ILE A 626 46.56 18.18 16.43
C ILE A 626 47.60 17.13 16.79
N GLU A 627 48.65 17.55 17.50
CA GLU A 627 49.75 16.65 17.82
C GLU A 627 49.31 15.52 18.74
N LEU A 628 48.23 15.72 19.50
CA LEU A 628 47.75 14.67 20.38
C LEU A 628 46.98 13.60 19.62
N CYS A 629 46.03 14.02 18.79
CA CYS A 629 45.14 13.08 18.11
C CYS A 629 45.79 12.45 16.89
N LEU A 630 46.29 13.29 15.98
CA LEU A 630 46.52 12.86 14.60
C LEU A 630 47.37 11.60 14.46
N PRO A 631 48.46 11.39 15.20
CA PRO A 631 49.21 10.14 15.00
C PRO A 631 48.38 8.89 15.25
N SER A 632 47.49 8.91 16.23
CA SER A 632 46.66 7.74 16.51
C SER A 632 45.72 7.44 15.35
N PHE A 633 45.08 8.47 14.80
CA PHE A 633 44.20 8.27 13.66
C PHE A 633 44.95 7.70 12.47
N ILE A 634 46.16 8.20 12.23
CA ILE A 634 46.96 7.68 11.13
C ILE A 634 47.32 6.21 11.40
N ASN A 635 47.53 5.87 12.67
CA ASN A 635 47.74 4.46 13.01
C ASN A 635 46.52 3.63 12.67
N VAL A 636 45.32 4.15 12.94
CA VAL A 636 44.09 3.45 12.56
C VAL A 636 44.03 3.25 11.06
N LEU A 637 44.33 4.32 10.31
CA LEU A 637 44.27 4.23 8.86
C LEU A 637 45.24 3.18 8.34
N ASP A 638 46.44 3.13 8.93
CA ASP A 638 47.42 2.15 8.48
C ASP A 638 47.03 0.73 8.88
N SER A 639 46.41 0.57 10.06
CA SER A 639 46.00 -0.76 10.50
C SER A 639 44.81 -1.29 9.70
N ASN A 640 43.93 -0.39 9.23
CA ASN A 640 42.90 -0.81 8.29
C ASN A 640 43.47 -1.03 6.90
N ASN A 641 44.53 -0.30 6.55
CA ASN A 641 45.19 -0.51 5.26
C ASN A 641 45.75 -1.92 5.16
N ALA A 642 46.31 -2.44 6.25
CA ALA A 642 46.78 -3.81 6.25
C ALA A 642 45.64 -4.80 6.06
N ASN A 643 44.41 -4.39 6.37
CA ASN A 643 43.24 -5.25 6.28
C ASN A 643 42.39 -4.91 5.06
N ASN A 644 42.93 -4.11 4.13
CA ASN A 644 42.30 -3.82 2.85
C ASN A 644 41.07 -2.93 2.98
N TYR A 645 40.94 -2.18 4.07
CA TYR A 645 39.85 -1.23 4.28
C TYR A 645 38.49 -1.90 4.23
N ARG A 646 38.42 -3.12 4.73
CA ARG A 646 37.13 -3.76 4.88
C ARG A 646 36.33 -3.03 5.95
N TYR A 647 35.01 -3.01 5.78
CA TYR A 647 34.13 -2.23 6.65
C TYR A 647 34.40 -2.51 8.12
N SER A 648 34.75 -1.45 8.85
CA SER A 648 34.91 -1.50 10.31
C SER A 648 34.44 -0.15 10.83
N PRO A 649 33.27 -0.09 11.48
CA PRO A 649 32.62 1.21 11.72
C PRO A 649 33.43 2.18 12.57
N LEU A 650 34.43 1.71 13.32
CA LEU A 650 35.32 2.65 13.99
C LEU A 650 36.11 3.46 12.96
N LEU A 651 36.55 2.81 11.88
CA LEU A 651 37.16 3.54 10.79
C LEU A 651 36.21 4.61 10.27
N SER A 652 34.92 4.29 10.21
CA SER A 652 33.93 5.28 9.80
C SER A 652 33.90 6.48 10.74
N LEU A 653 33.84 6.23 12.05
CA LEU A 653 33.80 7.34 13.00
C LEU A 653 35.09 8.16 12.94
N VAL A 654 36.22 7.48 12.80
CA VAL A 654 37.51 8.16 12.66
C VAL A 654 37.45 9.12 11.48
N LEU A 655 36.99 8.65 10.33
CA LEU A 655 36.94 9.51 9.15
C LEU A 655 35.98 10.68 9.36
N GLU A 656 34.81 10.43 9.97
CA GLU A 656 33.87 11.51 10.24
C GLU A 656 34.51 12.61 11.08
N PHE A 657 35.13 12.22 12.20
CA PHE A 657 35.75 13.24 13.04
C PHE A 657 37.00 13.82 12.42
N ILE A 658 37.67 13.11 11.52
CA ILE A 658 38.71 13.77 10.74
C ILE A 658 38.11 14.95 9.98
N THR A 659 36.97 14.73 9.33
CA THR A 659 36.32 15.82 8.62
C THR A 659 35.98 16.97 9.56
N VAL A 660 35.28 16.67 10.66
CA VAL A 660 34.81 17.74 11.52
C VAL A 660 35.95 18.43 12.26
N PHE A 661 36.96 17.66 12.66
CA PHE A 661 38.20 18.21 13.21
C PHE A 661 38.82 19.20 12.25
N LEU A 662 38.82 18.88 10.96
CA LEU A 662 39.30 19.85 9.98
C LEU A 662 38.39 21.07 9.87
N LYS A 663 37.09 20.89 10.12
CA LYS A 663 36.18 22.03 10.05
C LYS A 663 36.12 22.87 11.33
N LYS A 664 36.80 22.48 12.40
CA LYS A 664 36.61 23.16 13.68
C LYS A 664 37.24 24.55 13.68
N LYS A 665 38.55 24.63 13.48
CA LYS A 665 39.19 25.94 13.61
C LYS A 665 39.89 26.43 12.33
N PRO A 666 39.22 26.44 11.15
CA PRO A 666 39.80 27.11 9.97
C PRO A 666 39.58 28.62 9.99
N ASN A 667 39.85 29.23 11.15
CA ASN A 667 39.69 30.67 11.26
C ASN A 667 40.79 31.41 10.53
N ASP A 668 41.99 30.82 10.48
CA ASP A 668 42.99 31.23 9.50
C ASP A 668 42.48 30.92 8.10
N GLY A 669 42.97 31.68 7.12
CA GLY A 669 42.55 31.45 5.76
C GLY A 669 42.80 30.03 5.30
N PHE A 670 43.91 29.44 5.72
CA PHE A 670 44.21 28.04 5.48
C PHE A 670 44.58 27.36 6.78
N LEU A 671 44.19 26.09 6.89
CA LEU A 671 44.50 25.31 8.08
C LEU A 671 46.01 25.14 8.22
N PRO A 672 46.52 24.95 9.43
CA PRO A 672 47.96 24.81 9.62
C PRO A 672 48.51 23.63 8.84
N ASP A 673 49.70 23.83 8.26
CA ASP A 673 50.29 22.84 7.38
C ASP A 673 50.58 21.52 8.09
N GLU A 674 50.58 21.51 9.41
CA GLU A 674 50.70 20.25 10.14
C GLU A 674 49.58 19.29 9.74
N ILE A 675 48.37 19.81 9.60
CA ILE A 675 47.25 18.95 9.22
C ILE A 675 47.46 18.35 7.84
N ASN A 676 47.92 19.17 6.89
CA ASN A 676 48.25 18.66 5.57
C ASN A 676 49.31 17.57 5.65
N GLN A 677 50.42 17.87 6.34
CA GLN A 677 51.53 16.93 6.43
C GLN A 677 51.10 15.61 7.06
N TYR A 678 50.23 15.68 8.07
CA TYR A 678 49.77 14.47 8.73
C TYR A 678 48.83 13.69 7.82
N LEU A 679 47.76 14.33 7.35
CA LEU A 679 46.64 13.61 6.79
C LEU A 679 46.80 13.25 5.33
N PHE A 680 47.42 14.12 4.53
CA PHE A 680 47.24 14.02 3.09
C PHE A 680 47.73 12.67 2.56
N GLU A 681 48.89 12.22 3.02
CA GLU A 681 49.42 10.96 2.51
C GLU A 681 48.54 9.76 2.88
N PRO A 682 48.21 9.52 4.16
CA PRO A 682 47.33 8.38 4.46
C PRO A 682 45.94 8.53 3.87
N LEU A 683 45.41 9.75 3.78
CA LEU A 683 44.04 9.89 3.32
C LEU A 683 43.95 9.61 1.81
N ALA A 684 44.93 10.06 1.04
CA ALA A 684 45.04 9.63 -0.35
C ALA A 684 45.32 8.13 -0.43
N LYS A 685 46.10 7.59 0.50
CA LYS A 685 46.34 6.15 0.54
C LYS A 685 45.04 5.39 0.78
N VAL A 686 44.05 6.09 1.30
CA VAL A 686 42.72 5.50 1.48
C VAL A 686 41.86 5.67 0.24
N LEU A 687 41.92 6.83 -0.41
CA LEU A 687 41.15 6.98 -1.64
C LEU A 687 41.66 6.04 -2.72
N ALA A 688 42.98 5.89 -2.82
CA ALA A 688 43.54 4.79 -3.60
C ALA A 688 43.48 3.51 -2.78
N PHE A 689 43.55 2.37 -3.48
CA PHE A 689 43.68 1.06 -2.83
C PHE A 689 42.53 0.78 -1.87
N SER A 690 41.31 1.17 -2.26
CA SER A 690 40.13 0.81 -1.50
C SER A 690 38.96 0.64 -2.45
N THR A 691 38.00 -0.20 -2.02
CA THR A 691 36.95 -0.66 -2.94
C THR A 691 35.57 -0.73 -2.30
N GLU A 692 35.24 0.14 -1.35
CA GLU A 692 33.96 0.02 -0.67
C GLU A 692 33.28 1.38 -0.60
N ASP A 693 31.95 1.36 -0.69
CA ASP A 693 31.19 2.60 -0.88
C ASP A 693 31.34 3.53 0.32
N GLU A 694 31.17 3.00 1.53
CA GLU A 694 31.16 3.86 2.71
C GLU A 694 32.54 4.40 3.03
N THR A 695 33.57 3.55 2.96
CA THR A 695 34.91 4.00 3.27
C THR A 695 35.39 5.06 2.29
N LEU A 696 35.15 4.86 0.99
CA LEU A 696 35.52 5.90 0.03
C LEU A 696 34.64 7.13 0.15
N GLN A 697 33.37 6.97 0.49
CA GLN A 697 32.53 8.15 0.66
C GLN A 697 33.06 9.03 1.78
N LEU A 698 33.37 8.42 2.92
CA LEU A 698 33.90 9.19 4.05
C LEU A 698 35.27 9.76 3.72
N ALA A 699 36.15 8.96 3.11
CA ALA A 699 37.47 9.45 2.79
C ALA A 699 37.43 10.58 1.78
N THR A 700 36.49 10.51 0.83
CA THR A 700 36.44 11.57 -0.17
C THR A 700 35.83 12.84 0.40
N GLU A 701 34.86 12.75 1.31
CA GLU A 701 34.40 14.00 1.91
C GLU A 701 35.48 14.61 2.78
N ALA A 702 36.23 13.79 3.52
CA ALA A 702 37.34 14.31 4.32
C ALA A 702 38.39 14.97 3.43
N PHE A 703 38.78 14.28 2.37
CA PHE A 703 39.83 14.79 1.49
C PHE A 703 39.37 16.04 0.77
N SER A 704 38.11 16.07 0.33
CA SER A 704 37.58 17.25 -0.32
C SER A 704 37.55 18.43 0.63
N TYR A 705 37.21 18.21 1.91
CA TYR A 705 37.22 19.33 2.83
C TYR A 705 38.65 19.79 3.10
N LEU A 706 39.58 18.84 3.23
CA LEU A 706 40.99 19.20 3.38
C LEU A 706 41.44 20.11 2.24
N ILE A 707 41.18 19.70 1.00
CA ILE A 707 41.51 20.53 -0.15
C ILE A 707 40.78 21.85 -0.07
N PHE A 708 39.56 21.83 0.48
CA PHE A 708 38.72 23.02 0.55
C PHE A 708 39.32 24.11 1.43
N ASN A 709 40.21 23.76 2.37
CA ASN A 709 40.78 24.76 3.26
C ASN A 709 42.29 24.67 3.44
N THR A 710 43.00 23.86 2.67
CA THR A 710 44.46 23.88 2.80
C THR A 710 45.03 24.91 1.85
N ASP A 711 46.27 25.32 2.12
CA ASP A 711 46.90 26.34 1.32
C ASP A 711 47.31 25.77 -0.02
N THR A 712 46.95 26.49 -1.09
CA THR A 712 47.38 26.09 -2.42
C THR A 712 48.90 25.99 -2.51
N ARG A 713 49.59 26.97 -1.93
CA ARG A 713 51.05 26.98 -1.99
C ARG A 713 51.66 25.76 -1.31
N ALA A 714 51.10 25.32 -0.18
CA ALA A 714 51.56 24.08 0.43
C ALA A 714 51.08 22.86 -0.34
N MET A 715 49.95 22.97 -1.04
CA MET A 715 49.34 21.86 -1.75
C MET A 715 49.88 21.64 -3.15
N GLU A 716 50.48 22.65 -3.78
CA GLU A 716 51.05 22.48 -5.11
C GLU A 716 51.94 21.26 -5.26
N PRO A 717 52.81 20.90 -4.29
CA PRO A 717 53.61 19.67 -4.44
C PRO A 717 52.82 18.40 -4.68
N ARG A 718 51.58 18.32 -4.16
CA ARG A 718 50.77 17.11 -4.26
C ARG A 718 49.66 17.25 -5.29
N LEU A 719 49.82 18.13 -6.28
CA LEU A 719 48.77 18.36 -7.26
C LEU A 719 48.58 17.15 -8.16
N MET A 720 49.68 16.46 -8.51
CA MET A 720 49.54 15.22 -9.26
C MET A 720 48.76 14.19 -8.45
N ASP A 721 48.86 14.24 -7.13
CA ASP A 721 48.12 13.29 -6.31
C ASP A 721 46.63 13.58 -6.36
N ILE A 722 46.22 14.85 -6.36
CA ILE A 722 44.81 15.14 -6.50
C ILE A 722 44.34 14.77 -7.92
N MET A 723 45.20 14.89 -8.92
CA MET A 723 44.87 14.31 -10.22
C MET A 723 44.61 12.82 -10.13
N LYS A 724 45.49 12.08 -9.46
CA LYS A 724 45.27 10.64 -9.32
C LYS A 724 43.96 10.36 -8.58
N VAL A 725 43.62 11.20 -7.60
CA VAL A 725 42.36 11.05 -6.90
C VAL A 725 41.19 11.21 -7.86
N LEU A 726 41.21 12.30 -8.63
CA LEU A 726 40.11 12.55 -9.61
C LEU A 726 40.02 11.38 -10.59
N GLU A 727 41.14 10.92 -11.14
CA GLU A 727 41.12 9.90 -12.18
C GLU A 727 40.64 8.56 -11.63
N ARG A 728 41.18 8.15 -10.47
CA ARG A 728 40.83 6.86 -9.91
C ARG A 728 39.41 6.86 -9.33
N LEU A 729 38.90 8.04 -8.97
CA LEU A 729 37.50 8.15 -8.56
C LEU A 729 36.56 8.16 -9.75
N LEU A 730 37.02 8.59 -10.92
CA LEU A 730 36.24 8.41 -12.15
C LEU A 730 36.52 7.08 -12.81
N SER A 731 37.65 6.44 -12.48
CA SER A 731 37.96 5.12 -13.00
C SER A 731 36.91 4.12 -12.52
N LEU A 732 36.62 3.14 -13.37
CA LEU A 732 35.57 2.17 -13.08
C LEU A 732 35.95 1.17 -12.00
N GLU A 733 37.12 1.32 -11.38
CA GLU A 733 37.43 0.51 -10.20
C GLU A 733 36.40 0.77 -9.10
N VAL A 734 35.92 1.99 -9.00
CA VAL A 734 34.92 2.37 -8.01
C VAL A 734 33.54 2.21 -8.63
N SER A 735 32.56 1.93 -7.78
CA SER A 735 31.17 1.85 -8.24
C SER A 735 30.67 3.24 -8.65
N ASP A 736 29.60 3.24 -9.43
CA ASP A 736 28.96 4.50 -9.80
C ASP A 736 28.44 5.23 -8.57
N SER A 737 28.06 4.50 -7.52
CA SER A 737 27.69 5.13 -6.27
C SER A 737 28.83 5.98 -5.72
N ALA A 738 30.05 5.45 -5.81
CA ALA A 738 31.22 6.22 -5.39
C ALA A 738 31.53 7.36 -6.35
N ALA A 739 31.28 7.13 -7.65
CA ALA A 739 31.62 8.15 -8.65
C ALA A 739 30.80 9.42 -8.46
N MET A 740 29.54 9.30 -8.03
CA MET A 740 28.67 10.47 -7.94
C MET A 740 29.21 11.51 -6.96
N ASN A 741 30.07 11.09 -6.03
CA ASN A 741 30.61 12.00 -5.04
C ASN A 741 31.61 12.99 -5.63
N VAL A 742 31.88 12.94 -6.93
CA VAL A 742 32.97 13.70 -7.52
C VAL A 742 32.71 15.20 -7.47
N GLY A 743 31.46 15.62 -7.54
CA GLY A 743 31.10 17.02 -7.67
C GLY A 743 31.82 17.94 -6.71
N PRO A 744 31.67 17.69 -5.41
CA PRO A 744 32.35 18.54 -4.42
C PRO A 744 33.85 18.61 -4.63
N LEU A 745 34.46 17.48 -4.98
CA LEU A 745 35.93 17.43 -5.06
C LEU A 745 36.42 18.18 -6.30
N VAL A 746 35.73 18.05 -7.43
CA VAL A 746 36.13 18.79 -8.62
C VAL A 746 35.87 20.28 -8.44
N VAL A 747 34.78 20.63 -7.77
CA VAL A 747 34.53 22.04 -7.47
C VAL A 747 35.65 22.59 -6.58
N ALA A 748 36.06 21.82 -5.58
CA ALA A 748 37.13 22.25 -4.69
C ALA A 748 38.43 22.46 -5.46
N ILE A 749 38.79 21.52 -6.33
CA ILE A 749 40.04 21.67 -7.06
C ILE A 749 39.99 22.87 -8.01
N PHE A 750 38.83 23.13 -8.62
CA PHE A 750 38.75 24.32 -9.44
C PHE A 750 38.86 25.59 -8.61
N THR A 751 38.36 25.56 -7.37
CA THR A 751 38.56 26.69 -6.48
C THR A 751 40.04 26.86 -6.16
N ARG A 752 40.69 25.77 -5.79
CA ARG A 752 42.04 25.86 -5.24
C ARG A 752 43.11 25.61 -6.27
N PHE A 753 42.72 25.24 -7.50
CA PHE A 753 43.74 25.10 -8.58
C PHE A 753 43.23 25.83 -9.83
N SER A 754 42.38 26.84 -9.61
CA SER A 754 41.72 27.61 -10.71
C SER A 754 42.69 27.80 -11.88
N LYS A 755 43.90 28.30 -11.60
CA LYS A 755 44.88 28.51 -12.66
C LYS A 755 45.80 27.33 -12.91
N GLU A 756 46.07 26.50 -11.89
CA GLU A 756 47.02 25.41 -12.09
C GLU A 756 46.41 24.20 -12.78
N ILE A 757 45.08 24.12 -12.87
CA ILE A 757 44.42 22.93 -13.41
C ILE A 757 44.46 22.90 -14.93
N GLN A 758 44.56 24.05 -15.58
CA GLN A 758 44.47 24.14 -17.03
C GLN A 758 45.41 23.19 -17.79
N PRO A 759 46.69 23.05 -17.45
CA PRO A 759 47.53 22.11 -18.18
C PRO A 759 47.10 20.66 -18.06
N LEU A 760 46.32 20.30 -17.04
CA LEU A 760 45.99 18.91 -16.78
C LEU A 760 44.52 18.59 -17.05
N ILE A 761 43.79 19.52 -17.68
CA ILE A 761 42.35 19.34 -17.87
C ILE A 761 42.06 18.16 -18.80
N GLY A 762 42.97 17.85 -19.72
CA GLY A 762 42.78 16.67 -20.54
C GLY A 762 42.82 15.39 -19.73
N ARG A 763 43.74 15.33 -18.77
CA ARG A 763 43.73 14.25 -17.79
C ARG A 763 42.45 14.26 -16.97
N ILE A 764 41.92 15.45 -16.70
CA ILE A 764 40.55 15.55 -16.16
C ILE A 764 39.54 15.06 -17.19
N LEU A 765 39.65 15.56 -18.42
CA LEU A 765 38.63 15.30 -19.44
C LEU A 765 38.57 13.82 -19.79
N GLU A 766 39.73 13.16 -19.91
CA GLU A 766 39.73 11.76 -20.32
C GLU A 766 39.01 10.89 -19.31
N ALA A 767 39.24 11.12 -18.02
CA ALA A 767 38.57 10.32 -17.00
C ALA A 767 37.07 10.63 -16.95
N VAL A 768 36.70 11.90 -17.09
CA VAL A 768 35.29 12.27 -16.98
C VAL A 768 34.49 11.71 -18.15
N VAL A 769 35.09 11.67 -19.34
CA VAL A 769 34.37 11.21 -20.52
C VAL A 769 34.23 9.68 -20.49
N VAL A 770 35.32 8.99 -20.12
CA VAL A 770 35.29 7.53 -20.18
C VAL A 770 34.22 6.97 -19.25
N ARG A 771 34.08 7.55 -18.06
CA ARG A 771 32.97 7.17 -17.19
C ARG A 771 31.64 7.60 -17.80
N LEU A 772 31.62 8.76 -18.44
CA LEU A 772 30.39 9.30 -19.03
C LEU A 772 29.76 8.31 -20.01
N ILE A 773 30.52 7.90 -21.04
CA ILE A 773 29.94 7.05 -22.07
C ILE A 773 29.63 5.67 -21.54
N LYS A 774 30.38 5.21 -20.53
CA LYS A 774 30.13 3.87 -20.00
C LYS A 774 28.90 3.83 -19.09
N THR A 775 28.67 4.88 -18.32
CA THR A 775 27.62 4.83 -17.30
C THR A 775 26.24 4.98 -17.92
N GLN A 776 25.28 4.24 -17.35
CA GLN A 776 23.87 4.41 -17.64
C GLN A 776 23.12 5.02 -16.47
N ASN A 777 23.82 5.27 -15.36
CA ASN A 777 23.22 5.93 -14.20
C ASN A 777 22.95 7.39 -14.57
N ILE A 778 21.70 7.82 -14.40
CA ILE A 778 21.36 9.17 -14.80
C ILE A 778 22.10 10.20 -13.97
N SER A 779 21.87 10.19 -12.65
CA SER A 779 22.39 11.27 -11.80
C SER A 779 23.90 11.37 -11.90
N THR A 780 24.56 10.28 -12.26
CA THR A 780 26.01 10.33 -12.50
C THR A 780 26.33 11.22 -13.69
N GLU A 781 25.70 10.95 -14.84
CA GLU A 781 26.20 11.52 -16.09
C GLU A 781 26.04 13.04 -16.14
N GLN A 782 24.97 13.61 -15.60
CA GLN A 782 24.88 15.06 -15.53
C GLN A 782 26.04 15.64 -14.73
N ASN A 783 26.39 14.97 -13.62
CA ASN A 783 27.49 15.46 -12.80
C ASN A 783 28.78 15.52 -13.60
N LEU A 784 29.04 14.48 -14.39
CA LEU A 784 30.17 14.51 -15.31
C LEU A 784 29.95 15.53 -16.41
N LEU A 785 28.71 15.65 -16.90
CA LEU A 785 28.44 16.60 -17.97
C LEU A 785 28.48 18.04 -17.47
N SER A 786 28.05 18.28 -16.23
CA SER A 786 28.22 19.61 -15.65
C SER A 786 29.70 19.99 -15.62
N VAL A 787 30.56 19.05 -15.24
CA VAL A 787 32.00 19.28 -15.29
C VAL A 787 32.44 19.61 -16.71
N LEU A 788 32.02 18.80 -17.68
CA LEU A 788 32.40 19.05 -19.06
C LEU A 788 31.84 20.37 -19.56
N CYS A 789 30.64 20.74 -19.12
CA CYS A 789 30.16 22.10 -19.32
C CYS A 789 31.12 23.09 -18.67
N PHE A 790 31.53 22.78 -17.43
CA PHE A 790 32.35 23.69 -16.65
C PHE A 790 33.70 23.89 -17.30
N LEU A 791 34.27 22.82 -17.88
CA LEU A 791 35.54 22.92 -18.58
C LEU A 791 35.47 23.92 -19.73
N THR A 792 34.40 23.86 -20.52
CA THR A 792 34.25 24.79 -21.64
C THR A 792 33.94 26.20 -21.18
N CYS A 793 33.29 26.35 -20.02
CA CYS A 793 33.16 27.68 -19.44
C CYS A 793 34.53 28.22 -19.04
N ASN A 794 35.43 27.35 -18.59
CA ASN A 794 36.81 27.73 -18.37
C ASN A 794 37.48 28.12 -19.69
N ASP A 795 37.64 27.15 -20.60
CA ASP A 795 38.12 27.43 -21.93
C ASP A 795 37.67 26.32 -22.88
N PRO A 796 36.79 26.64 -23.85
CA PRO A 796 36.36 25.61 -24.80
C PRO A 796 37.46 25.18 -25.76
N LYS A 797 38.44 26.04 -26.02
CA LYS A 797 39.52 25.69 -26.94
C LYS A 797 40.36 24.55 -26.40
N GLN A 798 40.87 24.70 -25.17
CA GLN A 798 41.65 23.64 -24.56
C GLN A 798 40.82 22.38 -24.37
N THR A 799 39.55 22.54 -23.98
CA THR A 799 38.70 21.39 -23.72
C THR A 799 38.54 20.53 -24.97
N VAL A 800 38.28 21.19 -26.10
CA VAL A 800 38.02 20.46 -27.33
C VAL A 800 39.30 19.86 -27.91
N ASP A 801 40.42 20.57 -27.79
CA ASP A 801 41.69 20.00 -28.26
C ASP A 801 41.92 18.64 -27.61
N PHE A 802 41.57 18.53 -26.34
CA PHE A 802 41.54 17.21 -25.69
C PHE A 802 40.44 16.35 -26.28
N LEU A 803 39.22 16.91 -26.41
CA LEU A 803 38.09 16.13 -26.91
C LEU A 803 38.38 15.59 -28.31
N SER A 804 38.97 16.42 -29.17
CA SER A 804 39.30 15.96 -30.52
C SER A 804 40.41 14.92 -30.49
N SER A 805 41.41 15.12 -29.62
CA SER A 805 42.51 14.19 -29.54
C SER A 805 42.16 12.92 -28.77
N PHE A 806 41.30 13.02 -27.76
CA PHE A 806 40.98 11.87 -26.94
C PHE A 806 40.05 10.93 -27.68
N GLN A 807 40.21 9.63 -27.43
CA GLN A 807 39.44 8.61 -28.11
C GLN A 807 39.08 7.47 -27.17
N ILE A 808 37.93 6.87 -27.43
CA ILE A 808 37.57 5.57 -26.90
C ILE A 808 37.20 4.72 -28.11
N ASP A 809 37.66 3.47 -28.12
CA ASP A 809 37.53 2.59 -29.27
C ASP A 809 38.03 3.28 -30.53
N ASN A 810 39.16 3.98 -30.38
CA ASN A 810 39.84 4.69 -31.46
C ASN A 810 38.90 5.56 -32.27
N THR A 811 38.03 6.32 -31.61
CA THR A 811 37.22 7.33 -32.27
C THR A 811 37.23 8.62 -31.45
N ASP A 812 37.22 9.75 -32.15
CA ASP A 812 37.34 11.06 -31.53
C ASP A 812 36.25 11.23 -30.48
N ALA A 813 36.64 11.75 -29.31
CA ALA A 813 35.70 11.88 -28.22
C ALA A 813 34.59 12.88 -28.52
N LEU A 814 34.83 13.85 -29.41
CA LEU A 814 33.75 14.75 -29.80
C LEU A 814 32.59 13.99 -30.40
N THR A 815 32.89 12.99 -31.24
CA THR A 815 31.84 12.16 -31.80
C THR A 815 31.09 11.40 -30.71
N LEU A 816 31.75 11.13 -29.59
CA LEU A 816 31.10 10.48 -28.46
C LEU A 816 30.44 11.50 -27.54
N VAL A 817 31.14 12.59 -27.24
CA VAL A 817 30.68 13.52 -26.21
C VAL A 817 29.52 14.36 -26.71
N MET A 818 29.66 14.97 -27.89
CA MET A 818 28.67 15.94 -28.34
C MET A 818 27.28 15.32 -28.44
N ARG A 819 27.19 14.12 -28.99
CA ARG A 819 25.92 13.41 -29.07
C ARG A 819 25.36 13.11 -27.68
N LYS A 820 26.17 12.47 -26.82
CA LYS A 820 25.64 12.02 -25.54
C LYS A 820 25.28 13.19 -24.64
N TRP A 821 26.13 14.22 -24.62
CA TRP A 821 25.86 15.42 -23.84
C TRP A 821 24.58 16.12 -24.29
N ILE A 822 24.39 16.27 -25.60
CA ILE A 822 23.23 17.00 -26.05
C ILE A 822 21.99 16.11 -26.01
N GLU A 823 22.17 14.78 -26.11
CA GLU A 823 21.07 13.87 -25.81
C GLU A 823 20.62 14.03 -24.37
N ALA A 824 21.56 14.02 -23.44
CA ALA A 824 21.23 14.21 -22.03
C ALA A 824 20.83 15.64 -21.71
N PHE A 825 21.08 16.59 -22.61
CA PHE A 825 20.64 17.96 -22.37
C PHE A 825 19.12 18.06 -22.39
N GLU A 826 18.42 17.02 -22.85
CA GLU A 826 16.98 16.90 -22.73
C GLU A 826 16.53 16.59 -21.31
N VAL A 827 17.43 16.16 -20.43
CA VAL A 827 17.05 15.74 -19.10
C VAL A 827 17.89 16.50 -18.08
N ILE A 828 18.89 17.25 -18.55
CA ILE A 828 19.63 18.13 -17.64
C ILE A 828 18.71 19.19 -17.09
N ARG A 829 18.80 19.45 -15.80
CA ARG A 829 17.78 20.20 -15.11
C ARG A 829 18.40 20.99 -13.98
N GLY A 830 17.77 22.12 -13.65
CA GLY A 830 18.28 22.96 -12.59
C GLY A 830 18.92 24.22 -13.11
N GLU A 831 18.44 25.36 -12.63
CA GLU A 831 18.71 26.65 -13.28
C GLU A 831 20.21 26.91 -13.42
N LYS A 832 20.93 26.93 -12.30
CA LYS A 832 22.40 27.13 -12.35
C LYS A 832 23.02 26.12 -13.33
N ARG A 833 22.86 24.83 -13.06
CA ARG A 833 23.39 23.78 -13.98
C ARG A 833 23.02 24.15 -15.41
N ILE A 834 21.76 24.48 -15.64
CA ILE A 834 21.30 24.85 -16.99
C ILE A 834 22.01 26.10 -17.47
N LYS A 835 22.22 27.08 -16.58
CA LYS A 835 23.04 28.24 -16.94
C LYS A 835 24.43 27.80 -17.36
N GLU A 836 25.02 26.89 -16.60
CA GLU A 836 26.33 26.35 -16.95
C GLU A 836 26.32 25.76 -18.35
N ASN A 837 25.22 25.12 -18.74
CA ASN A 837 25.09 24.63 -20.11
C ASN A 837 25.07 25.78 -21.10
N ILE A 838 24.25 26.80 -20.84
CA ILE A 838 24.12 27.92 -21.77
C ILE A 838 25.48 28.60 -21.95
N VAL A 839 26.19 28.82 -20.84
CA VAL A 839 27.53 29.36 -20.93
C VAL A 839 28.45 28.42 -21.68
N ALA A 840 28.32 27.11 -21.41
CA ALA A 840 29.11 26.13 -22.13
C ALA A 840 28.85 26.21 -23.63
N LEU A 841 27.58 26.15 -24.03
CA LEU A 841 27.28 26.19 -25.46
C LEU A 841 27.74 27.50 -26.09
N SER A 842 27.65 28.59 -25.34
CA SER A 842 28.15 29.87 -25.84
C SER A 842 29.65 29.78 -26.10
N ASN A 843 30.38 29.18 -25.17
CA ASN A 843 31.82 28.99 -25.38
C ASN A 843 32.08 28.13 -26.60
N LEU A 844 31.30 27.06 -26.78
CA LEU A 844 31.41 26.26 -28.00
C LEU A 844 31.02 27.07 -29.22
N PHE A 845 29.77 27.56 -29.25
CA PHE A 845 29.26 28.23 -30.44
C PHE A 845 30.19 29.37 -30.85
N PHE A 846 30.80 30.04 -29.88
CA PHE A 846 31.70 31.14 -30.18
C PHE A 846 33.11 30.67 -30.50
N LEU A 847 33.44 29.41 -30.19
CA LEU A 847 34.64 28.80 -30.76
C LEU A 847 34.43 28.51 -32.24
N ASN A 848 33.27 27.92 -32.58
CA ASN A 848 32.75 27.86 -33.94
C ASN A 848 33.65 27.12 -34.92
N ASP A 849 34.43 26.15 -34.46
CA ASP A 849 35.19 25.34 -35.40
C ASP A 849 34.24 24.50 -36.24
N LYS A 850 34.71 24.09 -37.43
CA LYS A 850 33.84 23.43 -38.41
C LYS A 850 33.15 22.20 -37.84
N ARG A 851 33.81 21.53 -36.89
CA ARG A 851 33.15 20.38 -36.22
C ARG A 851 31.82 20.86 -35.65
N LEU A 852 31.85 21.92 -34.83
CA LEU A 852 30.61 22.41 -34.17
C LEU A 852 29.57 22.80 -35.22
N GLN A 853 30.00 23.27 -36.40
CA GLN A 853 29.05 23.72 -37.39
C GLN A 853 28.32 22.55 -38.04
N LYS A 854 28.98 21.39 -38.11
CA LYS A 854 28.54 20.30 -38.97
C LYS A 854 28.47 18.92 -38.31
N VAL A 855 28.99 18.75 -37.09
CA VAL A 855 28.91 17.42 -36.47
C VAL A 855 27.46 17.05 -36.28
N VAL A 856 27.12 15.82 -36.68
CA VAL A 856 25.70 15.35 -36.55
C VAL A 856 25.46 14.92 -35.10
N VAL A 857 24.44 15.47 -34.45
CA VAL A 857 24.13 15.11 -33.04
C VAL A 857 22.78 14.38 -33.02
N ASN A 858 22.30 13.94 -34.18
CA ASN A 858 21.03 13.17 -34.25
C ASN A 858 20.02 13.82 -33.29
N GLY A 859 19.70 15.10 -33.51
CA GLY A 859 18.82 15.79 -32.58
C GLY A 859 17.34 15.57 -32.77
N ASN A 860 16.91 15.15 -33.96
CA ASN A 860 15.48 15.10 -34.28
C ASN A 860 15.00 13.67 -34.38
N LEU A 861 13.93 13.36 -33.65
CA LEU A 861 13.24 12.08 -33.80
C LEU A 861 12.51 12.00 -35.14
N ILE A 862 12.52 10.81 -35.72
CA ILE A 862 11.58 10.46 -36.78
C ILE A 862 10.90 9.16 -36.34
N PRO A 863 9.70 9.26 -35.77
CA PRO A 863 9.06 8.08 -35.16
C PRO A 863 8.86 6.96 -36.17
N TYR A 864 9.01 5.72 -35.69
CA TYR A 864 8.64 4.57 -36.50
C TYR A 864 7.12 4.57 -36.70
N GLU A 865 6.70 4.11 -37.86
CA GLU A 865 5.29 4.19 -38.22
C GLU A 865 4.43 3.27 -37.35
N GLY A 866 3.15 3.60 -37.25
CA GLY A 866 2.20 2.87 -36.44
C GLY A 866 1.96 3.50 -35.08
N ASP A 867 0.70 3.58 -34.66
CA ASP A 867 0.35 4.16 -33.37
C ASP A 867 0.44 3.17 -32.21
N LEU A 868 0.76 1.91 -32.47
CA LEU A 868 1.01 0.96 -31.40
C LEU A 868 2.28 1.33 -30.64
N ILE A 869 2.32 0.95 -29.37
CA ILE A 869 3.36 1.40 -28.43
C ILE A 869 4.48 0.36 -28.45
N ILE A 870 5.69 0.83 -28.73
CA ILE A 870 6.83 -0.04 -29.06
C ILE A 870 7.48 -0.46 -27.75
N THR A 871 7.24 -1.71 -27.34
CA THR A 871 7.88 -2.23 -26.14
C THR A 871 9.37 -2.48 -26.40
N ARG A 872 10.11 -2.69 -25.31
CA ARG A 872 11.52 -3.05 -25.43
C ARG A 872 11.70 -4.22 -26.38
N SER A 873 10.91 -5.29 -26.16
CA SER A 873 10.93 -6.41 -27.08
C SER A 873 10.46 -5.99 -28.48
N MET A 874 9.42 -5.16 -28.53
CA MET A 874 8.90 -4.74 -29.82
C MET A 874 9.93 -3.87 -30.53
N ALA A 875 10.73 -3.14 -29.76
CA ALA A 875 11.79 -2.31 -30.34
C ALA A 875 12.85 -3.16 -31.04
N LYS A 876 12.95 -4.44 -30.72
CA LYS A 876 13.88 -5.30 -31.44
C LYS A 876 13.50 -5.45 -32.90
N LYS A 877 12.26 -5.13 -33.27
CA LYS A 877 11.84 -5.19 -34.66
C LYS A 877 11.23 -3.91 -35.19
N MET A 878 10.88 -2.94 -34.35
CA MET A 878 10.56 -1.58 -34.78
C MET A 878 11.22 -0.57 -33.85
N PRO A 879 12.56 -0.47 -33.88
CA PRO A 879 13.22 0.55 -33.07
C PRO A 879 12.88 1.94 -33.59
N ASP A 880 12.85 2.91 -32.66
CA ASP A 880 12.59 4.28 -33.04
C ASP A 880 13.77 4.85 -33.81
N ARG A 881 13.50 5.88 -34.60
CA ARG A 881 14.50 6.44 -35.50
C ARG A 881 14.60 7.95 -35.30
N TYR A 882 15.76 8.49 -35.65
CA TYR A 882 16.13 9.87 -35.33
C TYR A 882 16.89 10.48 -36.49
N VAL A 883 16.93 11.81 -36.51
CA VAL A 883 17.53 12.59 -37.60
C VAL A 883 18.83 13.22 -37.11
N GLN A 884 19.89 13.08 -37.92
CA GLN A 884 21.23 13.52 -37.59
C GLN A 884 21.45 15.02 -37.84
N VAL A 885 20.68 15.88 -37.17
CA VAL A 885 20.83 17.31 -37.37
C VAL A 885 22.18 17.76 -36.81
N PRO A 886 22.74 18.87 -37.28
CA PRO A 886 24.01 19.33 -36.71
C PRO A 886 23.85 19.88 -35.31
N LEU A 887 24.99 20.04 -34.63
CA LEU A 887 25.03 20.43 -33.23
C LEU A 887 24.19 21.67 -32.96
N TYR A 888 24.42 22.73 -33.74
CA TYR A 888 23.75 24.01 -33.48
C TYR A 888 22.23 23.88 -33.57
N THR A 889 21.75 23.01 -34.45
CA THR A 889 20.30 22.89 -34.65
C THR A 889 19.61 22.42 -33.38
N LYS A 890 20.07 21.32 -32.80
CA LYS A 890 19.40 20.75 -31.64
C LYS A 890 19.52 21.66 -30.42
N ILE A 891 20.70 22.24 -30.20
CA ILE A 891 20.93 23.02 -29.00
C ILE A 891 20.07 24.28 -28.97
N ILE A 892 19.90 24.94 -30.12
CA ILE A 892 19.10 26.14 -30.16
C ILE A 892 17.62 25.80 -30.00
N LYS A 893 17.18 24.70 -30.59
CA LYS A 893 15.84 24.18 -30.34
C LYS A 893 15.60 24.01 -28.85
N LEU A 894 16.56 23.37 -28.16
CA LEU A 894 16.47 23.23 -26.71
C LEU A 894 16.48 24.57 -26.01
N PHE A 895 17.36 25.48 -26.45
CA PHE A 895 17.34 26.84 -25.92
C PHE A 895 15.95 27.46 -26.04
N VAL A 896 15.51 27.69 -27.28
CA VAL A 896 14.24 28.36 -27.49
C VAL A 896 13.12 27.64 -26.77
N SER A 897 13.24 26.32 -26.62
CA SER A 897 12.23 25.56 -25.89
C SER A 897 12.12 26.04 -24.44
N GLU A 898 13.24 26.20 -23.75
CA GLU A 898 13.14 26.67 -22.38
C GLU A 898 12.76 28.14 -22.34
N LEU A 899 13.19 28.93 -23.34
CA LEU A 899 12.64 30.27 -23.48
C LEU A 899 11.11 30.23 -23.57
N SER A 900 10.56 29.22 -24.25
CA SER A 900 9.12 29.05 -24.27
C SER A 900 8.57 28.75 -22.88
N PHE A 901 9.27 27.91 -22.12
CA PHE A 901 8.77 27.53 -20.80
C PHE A 901 9.01 28.62 -19.76
N GLN A 902 10.00 29.47 -19.96
CA GLN A 902 10.26 30.58 -19.04
C GLN A 902 9.22 31.69 -19.18
N ASP A 942 17.84 37.74 -40.87
CA ASP A 942 18.53 38.97 -40.48
C ASP A 942 17.58 40.16 -40.42
N LYS A 943 16.40 40.01 -41.04
CA LYS A 943 15.37 41.04 -40.93
C LYS A 943 14.96 41.26 -39.48
N LEU A 944 15.04 40.21 -38.66
CA LEU A 944 14.90 40.39 -37.23
C LEU A 944 16.10 41.14 -36.65
N LYS A 945 17.31 40.73 -37.06
CA LYS A 945 18.52 41.39 -36.59
C LYS A 945 18.46 42.89 -36.85
N GLU A 946 17.97 43.29 -38.03
CA GLU A 946 17.84 44.71 -38.34
C GLU A 946 17.00 45.43 -37.31
N TYR A 947 15.92 44.79 -36.84
CA TYR A 947 15.08 45.43 -35.85
C TYR A 947 15.68 45.37 -34.44
N ILE A 948 16.45 44.32 -34.14
CA ILE A 948 17.20 44.30 -32.89
C ILE A 948 18.20 45.44 -32.86
N ASP A 949 18.82 45.72 -34.00
CA ASP A 949 19.69 46.88 -34.15
C ASP A 949 18.90 48.16 -34.47
N ASP A 950 17.58 48.06 -34.52
CA ASP A 950 16.71 49.20 -34.81
C ASP A 950 17.01 49.80 -36.18
N GLU A 971 22.07 37.45 -15.86
CA GLU A 971 22.15 36.99 -14.48
C GLU A 971 21.20 35.81 -14.26
N SER A 972 20.16 35.76 -15.10
CA SER A 972 19.19 34.67 -15.07
C SER A 972 19.03 34.14 -16.48
N VAL A 973 18.56 32.90 -16.57
CA VAL A 973 18.60 32.11 -17.80
C VAL A 973 18.09 32.91 -18.98
N VAL A 974 16.93 33.57 -18.82
CA VAL A 974 16.40 34.36 -19.92
C VAL A 974 17.35 35.51 -20.26
N GLN A 975 17.80 36.26 -19.26
CA GLN A 975 18.78 37.30 -19.51
C GLN A 975 20.07 36.71 -20.06
N LEU A 976 20.49 35.58 -19.50
CA LEU A 976 21.75 34.99 -19.92
C LEU A 976 21.72 34.55 -21.37
N LEU A 977 20.67 33.85 -21.78
CA LEU A 977 20.66 33.24 -23.11
C LEU A 977 20.30 34.23 -24.21
N VAL A 978 19.54 35.28 -23.87
CA VAL A 978 19.14 36.26 -24.87
C VAL A 978 20.37 36.98 -25.43
N ARG A 979 21.34 37.32 -24.58
CA ARG A 979 22.53 37.97 -25.13
C ARG A 979 23.25 37.01 -26.07
N PHE A 980 23.28 35.72 -25.73
CA PHE A 980 23.90 34.73 -26.60
C PHE A 980 23.32 34.81 -28.00
N PHE A 981 21.99 34.79 -28.10
CA PHE A 981 21.34 34.92 -29.40
C PHE A 981 21.64 36.28 -30.01
N LYS A 982 21.67 37.33 -29.18
CA LYS A 982 22.14 38.63 -29.66
C LYS A 982 23.60 38.55 -30.07
N GLU A 983 24.43 37.89 -29.27
CA GLU A 983 25.84 37.74 -29.60
C GLU A 983 26.03 36.84 -30.82
N VAL A 984 25.23 35.78 -30.93
CA VAL A 984 25.28 34.94 -32.12
C VAL A 984 24.91 35.75 -33.35
N ALA A 985 23.79 36.48 -33.29
CA ALA A 985 23.39 37.33 -34.40
C ALA A 985 24.42 38.41 -34.67
N SER A 986 25.20 38.80 -33.67
CA SER A 986 26.25 39.79 -33.85
C SER A 986 27.54 39.21 -34.42
N LYS A 987 27.69 37.88 -34.44
CA LYS A 987 28.96 37.27 -34.81
C LYS A 987 28.86 36.17 -35.86
N ASP A 988 27.72 35.48 -35.99
CA ASP A 988 27.54 34.53 -37.08
C ASP A 988 26.12 34.70 -37.62
N VAL A 989 25.98 35.57 -38.62
CA VAL A 989 24.68 35.75 -39.27
C VAL A 989 24.35 34.53 -40.12
N SER A 990 25.32 34.05 -40.90
CA SER A 990 25.05 32.97 -41.85
C SER A 990 24.62 31.71 -41.14
N GLY A 991 25.36 31.29 -40.12
CA GLY A 991 24.93 30.17 -39.31
C GLY A 991 23.57 30.43 -38.69
N PHE A 992 23.38 31.64 -38.14
CA PHE A 992 22.10 32.00 -37.54
C PHE A 992 20.97 31.86 -38.55
N HIS A 993 21.16 32.36 -39.78
CA HIS A 993 20.15 32.16 -40.81
C HIS A 993 20.05 30.69 -41.19
N CYS A 994 21.19 30.01 -41.33
CA CYS A 994 21.17 28.59 -41.62
C CYS A 994 20.35 27.83 -40.57
N ILE A 995 20.65 28.09 -39.29
CA ILE A 995 19.89 27.47 -38.22
C ILE A 995 18.42 27.90 -38.29
N TYR A 996 18.19 29.17 -38.64
CA TYR A 996 16.83 29.66 -38.80
C TYR A 996 16.03 28.80 -39.78
N GLU A 997 16.66 28.40 -40.88
CA GLU A 997 15.97 27.57 -41.86
C GLU A 997 15.61 26.19 -41.29
N THR A 998 16.39 25.69 -40.33
CA THR A 998 16.06 24.43 -39.66
C THR A 998 15.13 24.63 -38.47
N LEU A 999 14.92 25.89 -38.06
CA LEU A 999 14.09 26.17 -36.89
C LEU A 999 12.62 26.10 -37.26
N SER A 1000 11.81 25.75 -36.27
CA SER A 1000 10.37 25.68 -36.47
C SER A 1000 9.75 27.07 -36.29
N ASP A 1001 8.57 27.25 -36.88
CA ASP A 1001 7.92 28.57 -36.87
C ASP A 1001 7.62 29.02 -35.45
N SER A 1002 7.12 28.10 -34.61
CA SER A 1002 6.85 28.46 -33.22
C SER A 1002 8.13 28.81 -32.48
N GLU A 1003 9.22 28.07 -32.73
CA GLU A 1003 10.51 28.42 -32.14
C GLU A 1003 11.05 29.72 -32.73
N ARG A 1004 10.88 29.91 -34.04
CA ARG A 1004 11.32 31.15 -34.66
C ARG A 1004 10.66 32.36 -34.00
N LYS A 1005 9.34 32.27 -33.76
CA LYS A 1005 8.62 33.36 -33.12
C LYS A 1005 9.16 33.62 -31.72
N VAL A 1006 9.25 32.57 -30.90
CA VAL A 1006 9.72 32.73 -29.52
C VAL A 1006 11.13 33.30 -29.52
N LEU A 1007 12.00 32.75 -30.37
CA LEU A 1007 13.33 33.32 -30.53
C LEU A 1007 13.23 34.79 -30.93
N SER A 1008 12.34 35.10 -31.88
CA SER A 1008 12.17 36.48 -32.30
C SER A 1008 11.65 37.34 -31.15
N GLU A 1009 10.56 36.91 -30.51
CA GLU A 1009 9.93 37.76 -29.50
C GLU A 1009 10.79 37.87 -28.25
N ALA A 1010 11.62 36.87 -27.95
CA ALA A 1010 12.54 37.01 -26.83
C ALA A 1010 13.63 38.02 -27.14
N LEU A 1011 14.15 37.99 -28.38
CA LEU A 1011 15.18 38.94 -28.76
C LEU A 1011 14.63 40.36 -28.77
N LEU A 1012 13.42 40.54 -29.27
CA LEU A 1012 12.80 41.87 -29.38
C LEU A 1012 12.58 42.49 -28.01
N SER B 17 -10.07 12.95 -31.01
CA SER B 17 -9.69 13.31 -29.66
C SER B 17 -8.19 13.58 -29.55
N ARG B 18 -7.79 14.21 -28.44
CA ARG B 18 -6.38 14.53 -28.25
C ARG B 18 -5.53 13.27 -28.12
N SER B 19 -6.07 12.23 -27.51
CA SER B 19 -5.35 10.96 -27.42
C SER B 19 -5.09 10.39 -28.82
N ALA B 20 -6.10 10.43 -29.69
CA ALA B 20 -5.91 9.94 -31.05
C ALA B 20 -4.91 10.80 -31.81
N LYS B 21 -4.96 12.12 -31.61
CA LYS B 21 -4.00 13.00 -32.25
C LYS B 21 -2.58 12.72 -31.79
N ALA B 22 -2.41 12.38 -30.50
CA ALA B 22 -1.11 12.01 -29.97
C ALA B 22 -0.68 10.61 -30.37
N GLY B 23 -1.56 9.85 -31.03
CA GLY B 23 -1.27 8.45 -31.31
C GLY B 23 -1.27 7.58 -30.08
N LEU B 24 -2.15 7.87 -29.12
CA LEU B 24 -2.22 7.15 -27.86
C LEU B 24 -3.65 6.68 -27.60
N THR B 25 -3.76 5.54 -26.94
CA THR B 25 -5.08 5.07 -26.51
C THR B 25 -5.46 5.64 -25.15
N PHE B 26 -4.51 5.68 -24.22
CA PHE B 26 -4.81 6.07 -22.85
C PHE B 26 -5.18 7.56 -22.77
N PRO B 27 -6.03 7.94 -21.79
CA PRO B 27 -6.65 9.27 -21.82
C PRO B 27 -5.68 10.40 -21.50
N VAL B 28 -5.44 11.29 -22.46
CA VAL B 28 -4.63 12.48 -22.17
C VAL B 28 -5.38 13.40 -21.20
N GLY B 29 -6.70 13.47 -21.33
CA GLY B 29 -7.47 14.32 -20.43
C GLY B 29 -7.41 13.88 -18.98
N ARG B 30 -7.52 12.57 -18.72
CA ARG B 30 -7.41 12.09 -17.35
C ARG B 30 -6.02 12.33 -16.79
N VAL B 31 -5.00 12.13 -17.62
CA VAL B 31 -3.64 12.43 -17.20
C VAL B 31 -3.51 13.91 -16.84
N HIS B 32 -4.07 14.78 -17.66
CA HIS B 32 -4.00 16.21 -17.39
C HIS B 32 -4.74 16.57 -16.10
N ARG B 33 -5.89 15.93 -15.88
CA ARG B 33 -6.65 16.19 -14.65
C ARG B 33 -5.92 15.68 -13.41
N LEU B 34 -5.30 14.50 -13.52
CA LEU B 34 -4.48 13.98 -12.41
C LEU B 34 -3.30 14.90 -12.14
N LEU B 35 -2.70 15.44 -13.20
CA LEU B 35 -1.62 16.41 -13.05
C LEU B 35 -2.14 17.68 -12.37
N ARG B 36 -3.33 18.12 -12.75
CA ARG B 36 -3.93 19.31 -12.17
C ARG B 36 -4.16 19.13 -10.67
N ARG B 37 -4.71 17.97 -10.29
CA ARG B 37 -5.08 17.75 -8.90
C ARG B 37 -3.88 17.84 -7.97
N GLY B 38 -2.69 17.57 -8.48
CA GLY B 38 -1.48 17.73 -7.68
C GLY B 38 -0.92 19.12 -7.63
N ASN B 39 -1.39 20.02 -8.49
CA ASN B 39 -0.88 21.40 -8.56
C ASN B 39 0.64 21.42 -8.67
N TYR B 40 1.16 20.57 -9.56
CA TYR B 40 2.59 20.35 -9.63
C TYR B 40 3.35 21.54 -10.20
N ALA B 41 2.68 22.42 -10.95
CA ALA B 41 3.30 23.64 -11.45
C ALA B 41 2.23 24.70 -11.65
N GLN B 42 2.68 25.95 -11.69
CA GLN B 42 1.76 27.09 -11.83
C GLN B 42 1.14 27.19 -13.22
N ARG B 43 1.84 26.73 -14.27
CA ARG B 43 1.23 26.60 -15.58
C ARG B 43 1.76 25.33 -16.21
N ILE B 44 1.00 24.76 -17.13
CA ILE B 44 1.19 23.38 -17.56
C ILE B 44 1.49 23.39 -19.05
N GLY B 45 2.54 22.68 -19.45
CA GLY B 45 2.81 22.50 -20.86
C GLY B 45 1.95 21.38 -21.44
N SER B 46 1.39 21.66 -22.62
CA SER B 46 0.58 20.65 -23.31
C SER B 46 1.40 19.43 -23.71
N GLY B 47 2.73 19.56 -23.70
CA GLY B 47 3.58 18.38 -23.97
C GLY B 47 3.65 17.46 -22.77
N ALA B 48 3.63 18.02 -21.56
CA ALA B 48 3.76 17.21 -20.32
C ALA B 48 2.78 16.03 -20.33
N PRO B 49 1.44 16.24 -20.34
CA PRO B 49 0.49 15.13 -20.24
C PRO B 49 0.66 14.16 -21.42
N VAL B 50 0.63 14.69 -22.64
CA VAL B 50 0.74 13.82 -23.85
C VAL B 50 1.95 12.91 -23.66
N TYR B 51 3.14 13.50 -23.44
CA TYR B 51 4.36 12.71 -23.20
C TYR B 51 4.10 11.67 -22.11
N LEU B 52 3.69 12.13 -20.92
CA LEU B 52 3.46 11.19 -19.80
C LEU B 52 2.45 10.12 -20.21
N THR B 53 1.30 10.54 -20.79
CA THR B 53 0.31 9.54 -21.27
C THR B 53 1.04 8.46 -22.05
N ALA B 54 1.96 8.85 -22.94
CA ALA B 54 2.66 7.85 -23.74
C ALA B 54 3.55 6.98 -22.87
N VAL B 55 4.19 7.60 -21.88
CA VAL B 55 5.06 6.85 -20.97
C VAL B 55 4.26 5.80 -20.21
N LEU B 56 3.11 6.18 -19.67
CA LEU B 56 2.31 5.25 -18.87
C LEU B 56 1.62 4.22 -19.76
N GLU B 57 1.25 4.60 -20.99
CA GLU B 57 0.77 3.61 -21.93
C GLU B 57 1.87 2.63 -22.30
N TYR B 58 3.11 3.10 -22.36
CA TYR B 58 4.26 2.21 -22.52
C TYR B 58 4.41 1.25 -21.35
N LEU B 59 4.30 1.76 -20.12
CA LEU B 59 4.37 0.88 -18.97
C LEU B 59 3.25 -0.14 -19.01
N ALA B 60 2.06 0.28 -19.39
CA ALA B 60 0.95 -0.65 -19.57
C ALA B 60 1.29 -1.69 -20.62
N ALA B 61 1.86 -1.25 -21.74
CA ALA B 61 2.23 -2.19 -22.80
C ALA B 61 3.23 -3.22 -22.32
N GLU B 62 4.28 -2.78 -21.63
CA GLU B 62 5.30 -3.71 -21.16
C GLU B 62 4.74 -4.66 -20.11
N ILE B 63 4.05 -4.12 -19.10
CA ILE B 63 3.48 -4.95 -18.06
C ILE B 63 2.53 -5.98 -18.67
N LEU B 64 1.65 -5.49 -19.55
CA LEU B 64 0.64 -6.38 -20.19
C LEU B 64 1.36 -7.45 -21.01
N GLU B 65 2.34 -7.05 -21.83
CA GLU B 65 3.05 -8.02 -22.64
C GLU B 65 3.59 -9.14 -21.76
N LEU B 66 4.29 -8.78 -20.68
CA LEU B 66 4.79 -9.80 -19.77
C LEU B 66 3.64 -10.56 -19.13
N ALA B 67 2.50 -9.91 -18.94
CA ALA B 67 1.36 -10.58 -18.33
C ALA B 67 0.77 -11.63 -19.25
N GLY B 68 0.61 -11.31 -20.53
CA GLY B 68 0.19 -12.31 -21.49
C GLY B 68 1.21 -13.41 -21.63
N ASN B 69 2.49 -13.05 -21.58
CA ASN B 69 3.55 -14.04 -21.60
C ASN B 69 3.39 -15.02 -20.45
N ALA B 70 3.13 -14.50 -19.25
CA ALA B 70 2.92 -15.36 -18.09
C ALA B 70 1.64 -16.17 -18.24
N ALA B 71 0.59 -15.56 -18.76
CA ALA B 71 -0.66 -16.27 -18.91
C ALA B 71 -0.46 -17.49 -19.80
N ARG B 72 0.26 -17.30 -20.90
CA ARG B 72 0.61 -18.45 -21.71
C ARG B 72 1.62 -19.32 -20.99
N ASP B 73 2.42 -18.75 -20.11
CA ASP B 73 3.22 -19.59 -19.23
C ASP B 73 2.29 -20.43 -18.36
N ASN B 74 1.13 -19.87 -18.04
CA ASN B 74 0.07 -20.67 -17.46
C ASN B 74 -0.81 -21.32 -18.53
N LYS B 75 -0.30 -21.45 -19.76
CA LYS B 75 -0.92 -22.29 -20.79
C LYS B 75 -2.34 -21.84 -21.14
N LYS B 76 -2.60 -20.54 -20.95
CA LYS B 76 -3.99 -20.08 -21.14
C LYS B 76 -4.04 -18.65 -21.67
N THR B 77 -5.24 -18.17 -21.99
CA THR B 77 -5.46 -16.82 -22.51
C THR B 77 -5.88 -15.80 -21.47
N ARG B 78 -6.30 -16.20 -20.26
CA ARG B 78 -6.94 -15.28 -19.32
C ARG B 78 -5.99 -14.91 -18.18
N ILE B 79 -5.62 -13.63 -18.11
CA ILE B 79 -4.73 -13.15 -17.06
C ILE B 79 -5.53 -12.81 -15.81
N ILE B 80 -5.00 -13.16 -14.64
CA ILE B 80 -5.54 -12.70 -13.36
C ILE B 80 -4.37 -12.18 -12.53
N PRO B 81 -4.60 -11.56 -11.36
CA PRO B 81 -3.49 -10.91 -10.64
C PRO B 81 -2.26 -11.78 -10.36
N ARG B 82 -2.43 -13.07 -10.04
CA ARG B 82 -1.26 -13.92 -9.87
C ARG B 82 -0.35 -13.84 -11.09
N HIS B 83 -0.97 -13.77 -12.26
CA HIS B 83 -0.25 -13.83 -13.52
C HIS B 83 0.41 -12.51 -13.83
N LEU B 84 -0.22 -11.41 -13.41
CA LEU B 84 0.47 -10.12 -13.38
C LEU B 84 1.69 -10.18 -12.47
N GLN B 85 1.56 -10.82 -11.31
CA GLN B 85 2.69 -10.92 -10.39
C GLN B 85 3.85 -11.69 -11.02
N LEU B 86 3.53 -12.83 -11.66
CA LEU B 86 4.57 -13.58 -12.36
C LEU B 86 5.13 -12.79 -13.53
N ALA B 87 4.31 -11.92 -14.15
CA ALA B 87 4.84 -11.02 -15.16
C ALA B 87 5.89 -10.09 -14.58
N ILE B 88 5.62 -9.55 -13.38
CA ILE B 88 6.60 -8.70 -12.73
C ILE B 88 7.85 -9.50 -12.36
N ARG B 89 7.65 -10.76 -11.97
CA ARG B 89 8.78 -11.65 -11.73
C ARG B 89 9.62 -11.85 -12.99
N ASN B 90 8.98 -11.91 -14.16
CA ASN B 90 9.68 -12.20 -15.41
C ASN B 90 10.58 -11.05 -15.87
N ASP B 91 10.51 -9.87 -15.24
CA ASP B 91 11.30 -8.74 -15.73
C ASP B 91 11.73 -7.93 -14.50
N ASP B 92 13.01 -8.06 -14.17
CA ASP B 92 13.54 -7.57 -12.89
C ASP B 92 13.39 -6.06 -12.73
N GLU B 93 13.43 -5.30 -13.84
CA GLU B 93 13.34 -3.85 -13.68
C GLU B 93 11.93 -3.42 -13.26
N LEU B 94 10.91 -4.10 -13.76
CA LEU B 94 9.58 -3.94 -13.18
C LEU B 94 9.53 -4.47 -11.75
N ASN B 95 10.32 -5.50 -11.46
CA ASN B 95 10.36 -6.03 -10.10
C ASN B 95 10.82 -4.97 -9.11
N LYS B 96 11.87 -4.21 -9.47
CA LYS B 96 12.34 -3.14 -8.60
C LYS B 96 11.50 -1.88 -8.71
N LEU B 97 10.79 -1.68 -9.83
CA LEU B 97 9.93 -0.51 -9.96
C LEU B 97 8.66 -0.65 -9.12
N LEU B 98 8.06 -1.83 -9.11
CA LEU B 98 6.76 -2.04 -8.46
C LEU B 98 6.88 -2.77 -7.12
N GLY B 99 7.93 -3.54 -6.92
CA GLY B 99 8.08 -4.29 -5.68
C GLY B 99 7.18 -5.50 -5.58
N GLU C 38 -10.29 4.54 -10.08
CA GLU C 38 -9.71 4.94 -11.36
C GLU C 38 -9.95 3.80 -12.35
N THR C 39 -10.12 4.14 -13.63
CA THR C 39 -10.49 3.14 -14.64
C THR C 39 -9.82 3.47 -15.97
N TYR C 40 -8.91 2.59 -16.41
CA TYR C 40 -8.39 2.58 -17.77
C TYR C 40 -8.79 1.31 -18.53
N SER C 41 -9.92 0.70 -18.18
CA SER C 41 -10.20 -0.68 -18.58
C SER C 41 -10.20 -0.87 -20.10
N SER C 42 -10.97 -0.06 -20.82
CA SER C 42 -11.10 -0.26 -22.26
C SER C 42 -9.76 -0.05 -22.96
N TYR C 43 -9.01 0.95 -22.52
CA TYR C 43 -7.71 1.23 -23.14
C TYR C 43 -6.72 0.13 -22.80
N ILE C 44 -6.84 -0.46 -21.62
CA ILE C 44 -6.07 -1.66 -21.29
C ILE C 44 -6.42 -2.78 -22.26
N TYR C 45 -7.71 -2.96 -22.53
CA TYR C 45 -8.13 -3.98 -23.49
C TYR C 45 -7.49 -3.74 -24.85
N LYS C 46 -7.54 -2.49 -25.32
CA LYS C 46 -6.98 -2.16 -26.63
C LYS C 46 -5.48 -2.44 -26.67
N VAL C 47 -4.76 -1.99 -25.65
CA VAL C 47 -3.32 -2.27 -25.58
C VAL C 47 -3.07 -3.77 -25.57
N LEU C 48 -3.91 -4.52 -24.84
CA LEU C 48 -3.70 -5.96 -24.75
C LEU C 48 -3.85 -6.60 -26.13
N LYS C 49 -4.93 -6.28 -26.83
CA LYS C 49 -5.13 -6.81 -28.17
C LYS C 49 -3.99 -6.41 -29.09
N GLN C 50 -3.54 -5.15 -29.01
CA GLN C 50 -2.45 -4.69 -29.86
C GLN C 50 -1.15 -5.42 -29.54
N THR C 51 -0.98 -5.87 -28.29
CA THR C 51 0.21 -6.61 -27.91
C THR C 51 -0.03 -8.11 -27.81
N HIS C 52 -1.28 -8.54 -27.57
CA HIS C 52 -1.64 -9.95 -27.44
C HIS C 52 -3.11 -10.12 -27.81
N PRO C 53 -3.42 -10.31 -29.08
CA PRO C 53 -4.84 -10.43 -29.49
C PRO C 53 -5.55 -11.62 -28.88
N ASP C 54 -4.83 -12.68 -28.51
CA ASP C 54 -5.47 -13.91 -28.04
C ASP C 54 -5.86 -13.84 -26.58
N THR C 55 -5.43 -12.82 -25.85
CA THR C 55 -5.30 -12.89 -24.40
C THR C 55 -6.49 -12.23 -23.71
N GLY C 56 -6.88 -12.79 -22.55
CA GLY C 56 -7.87 -12.20 -21.69
C GLY C 56 -7.28 -11.65 -20.40
N ILE C 57 -8.11 -10.91 -19.68
CA ILE C 57 -7.66 -10.09 -18.55
C ILE C 57 -8.84 -9.85 -17.62
N SER C 58 -8.59 -10.01 -16.32
CA SER C 58 -9.65 -9.89 -15.31
C SER C 58 -9.77 -8.46 -14.80
N GLN C 59 -10.98 -8.11 -14.33
CA GLN C 59 -11.22 -6.75 -13.84
C GLN C 59 -10.28 -6.40 -12.69
N LYS C 60 -10.05 -7.33 -11.77
CA LYS C 60 -9.12 -7.08 -10.67
C LYS C 60 -7.72 -6.82 -11.21
N SER C 61 -7.35 -7.53 -12.28
CA SER C 61 -6.06 -7.28 -12.91
C SER C 61 -5.99 -5.87 -13.50
N MET C 62 -7.08 -5.41 -14.13
CA MET C 62 -7.09 -4.02 -14.58
C MET C 62 -6.95 -3.06 -13.41
N SER C 63 -7.62 -3.33 -12.29
CA SER C 63 -7.48 -2.44 -11.14
C SER C 63 -6.04 -2.38 -10.65
N ILE C 64 -5.38 -3.53 -10.56
CA ILE C 64 -3.99 -3.56 -10.08
C ILE C 64 -3.07 -2.83 -11.05
N LEU C 65 -3.24 -3.08 -12.36
CA LEU C 65 -2.44 -2.39 -13.35
C LEU C 65 -2.66 -0.89 -13.30
N ASN C 66 -3.92 -0.47 -13.11
CA ASN C 66 -4.25 0.94 -13.01
C ASN C 66 -3.62 1.55 -11.76
N SER C 67 -3.58 0.79 -10.66
CA SER C 67 -2.91 1.25 -9.46
C SER C 67 -1.43 1.49 -9.72
N PHE C 68 -0.79 0.55 -10.40
CA PHE C 68 0.61 0.76 -10.81
C PHE C 68 0.75 2.03 -11.65
N VAL C 69 -0.16 2.21 -12.61
CA VAL C 69 -0.11 3.36 -13.50
C VAL C 69 -0.19 4.65 -12.70
N ASN C 70 -1.14 4.72 -11.77
CA ASN C 70 -1.33 5.95 -11.01
C ASN C 70 -0.19 6.20 -10.04
N ASP C 71 0.36 5.14 -9.43
CA ASP C 71 1.50 5.33 -8.54
C ASP C 71 2.71 5.85 -9.30
N ILE C 72 2.97 5.30 -10.48
CA ILE C 72 4.10 5.76 -11.27
C ILE C 72 3.85 7.17 -11.77
N PHE C 73 2.61 7.48 -12.15
CA PHE C 73 2.26 8.85 -12.50
C PHE C 73 2.57 9.80 -11.36
N GLU C 74 2.16 9.43 -10.15
CA GLU C 74 2.33 10.35 -9.02
C GLU C 74 3.80 10.54 -8.68
N ARG C 75 4.60 9.47 -8.72
CA ARG C 75 6.02 9.65 -8.44
C ARG C 75 6.70 10.51 -9.51
N ILE C 76 6.37 10.27 -10.79
CA ILE C 76 6.94 11.07 -11.86
C ILE C 76 6.54 12.53 -11.70
N ALA C 77 5.26 12.78 -11.42
CA ALA C 77 4.77 14.14 -11.30
C ALA C 77 5.36 14.84 -10.08
N THR C 78 5.57 14.11 -8.98
CA THR C 78 6.22 14.71 -7.82
C THR C 78 7.66 15.09 -8.13
N GLU C 79 8.39 14.23 -8.85
CA GLU C 79 9.74 14.59 -9.24
C GLU C 79 9.74 15.79 -10.19
N ALA C 80 8.76 15.83 -11.10
CA ALA C 80 8.62 16.96 -12.00
C ALA C 80 8.35 18.25 -11.23
N SER C 81 7.50 18.16 -10.20
CA SER C 81 7.23 19.32 -9.36
C SER C 81 8.47 19.73 -8.57
N LYS C 82 9.27 18.76 -8.16
CA LYS C 82 10.56 19.07 -7.53
C LYS C 82 11.43 19.89 -8.47
N LEU C 83 11.52 19.46 -9.72
CA LEU C 83 12.27 20.24 -10.71
C LEU C 83 11.67 21.63 -10.88
N ALA C 84 10.36 21.72 -11.03
CA ALA C 84 9.72 23.02 -11.22
C ALA C 84 9.87 23.92 -10.01
N ALA C 85 10.08 23.35 -8.83
CA ALA C 85 10.35 24.14 -7.63
C ALA C 85 11.80 24.58 -7.57
N TYR C 86 12.71 23.74 -8.05
CA TYR C 86 14.13 24.11 -7.99
C TYR C 86 14.42 25.33 -8.87
N ASN C 87 13.79 25.41 -10.04
CA ASN C 87 13.99 26.51 -10.97
C ASN C 87 12.74 27.39 -10.98
N LYS C 88 12.95 28.71 -10.95
CA LYS C 88 11.82 29.64 -10.89
C LYS C 88 10.91 29.51 -12.10
N LYS C 89 11.41 28.90 -13.19
CA LYS C 89 10.61 28.62 -14.37
C LYS C 89 9.21 28.11 -14.00
N SER C 90 9.15 27.12 -13.10
CA SER C 90 7.91 26.73 -12.42
C SER C 90 6.83 26.27 -13.40
N THR C 91 7.24 25.80 -14.57
CA THR C 91 6.32 25.37 -15.60
C THR C 91 6.67 23.95 -15.99
N ILE C 92 5.67 23.08 -16.05
CA ILE C 92 5.92 21.69 -16.37
C ILE C 92 5.40 21.39 -17.77
N SER C 93 6.31 20.91 -18.63
CA SER C 93 6.10 20.57 -20.03
C SER C 93 6.72 19.18 -20.31
N ALA C 94 7.22 18.99 -21.52
CA ALA C 94 7.87 17.73 -21.87
C ALA C 94 9.14 17.48 -21.03
N ARG C 95 9.92 18.53 -20.77
CA ARG C 95 11.29 18.34 -20.30
C ARG C 95 11.34 17.67 -18.94
N GLU C 96 10.71 18.29 -17.93
CA GLU C 96 10.76 17.77 -16.53
C GLU C 96 10.24 16.34 -16.48
N ILE C 97 9.34 15.99 -17.38
CA ILE C 97 8.76 14.65 -17.42
C ILE C 97 9.79 13.66 -17.93
N GLN C 98 10.48 14.04 -19.01
CA GLN C 98 11.56 13.19 -19.49
C GLN C 98 12.61 12.99 -18.38
N THR C 99 12.92 14.06 -17.65
CA THR C 99 13.88 13.96 -16.55
C THR C 99 13.39 12.98 -15.48
N ALA C 100 12.13 13.14 -15.05
CA ALA C 100 11.59 12.31 -13.98
C ALA C 100 11.53 10.84 -14.39
N VAL C 101 11.09 10.59 -15.63
CA VAL C 101 11.05 9.22 -16.14
C VAL C 101 12.46 8.62 -16.17
N ARG C 102 13.44 9.42 -16.61
CA ARG C 102 14.80 8.91 -16.68
C ARG C 102 15.35 8.60 -15.28
N LEU C 103 15.07 9.48 -14.32
CA LEU C 103 15.55 9.26 -12.96
C LEU C 103 14.88 8.06 -12.31
N ILE C 104 13.58 7.89 -12.55
CA ILE C 104 12.80 6.90 -11.81
C ILE C 104 12.85 5.53 -12.47
N LEU C 105 12.60 5.47 -13.78
CA LEU C 105 12.53 4.16 -14.42
C LEU C 105 13.93 3.60 -14.65
N PRO C 106 14.10 2.28 -14.58
CA PRO C 106 15.38 1.67 -14.93
C PRO C 106 15.73 1.92 -16.39
N GLY C 107 17.02 1.79 -16.70
CA GLY C 107 17.54 2.33 -17.95
C GLY C 107 16.82 1.82 -19.18
N GLU C 108 16.59 0.50 -19.25
CA GLU C 108 15.98 -0.05 -20.45
C GLU C 108 14.50 0.27 -20.55
N LEU C 109 13.78 0.26 -19.43
CA LEU C 109 12.42 0.79 -19.43
C LEU C 109 12.41 2.27 -19.78
N ALA C 110 13.33 3.03 -19.18
CA ALA C 110 13.31 4.49 -19.32
C ALA C 110 13.57 4.88 -20.77
N LYS C 111 14.50 4.21 -21.45
CA LYS C 111 14.83 4.61 -22.81
C LYS C 111 13.63 4.53 -23.73
N HIS C 112 12.91 3.41 -23.69
CA HIS C 112 11.75 3.27 -24.57
C HIS C 112 10.54 4.05 -24.07
N ALA C 113 10.42 4.26 -22.76
CA ALA C 113 9.38 5.15 -22.26
C ALA C 113 9.59 6.57 -22.80
N VAL C 114 10.83 7.04 -22.76
CA VAL C 114 11.18 8.33 -23.35
C VAL C 114 10.92 8.32 -24.84
N SER C 115 11.26 7.21 -25.50
CA SER C 115 10.99 7.08 -26.94
C SER C 115 9.52 7.29 -27.24
N GLU C 116 8.65 6.60 -26.49
CA GLU C 116 7.21 6.72 -26.73
C GLU C 116 6.70 8.11 -26.36
N GLY C 117 7.24 8.71 -25.30
CA GLY C 117 6.88 10.07 -24.98
C GLY C 117 7.19 11.03 -26.10
N THR C 118 8.41 10.93 -26.64
CA THR C 118 8.81 11.79 -27.76
C THR C 118 7.97 11.50 -29.00
N ARG C 119 7.66 10.22 -29.24
CA ARG C 119 6.81 9.86 -30.38
C ARG C 119 5.44 10.52 -30.26
N ALA C 120 4.81 10.39 -29.10
CA ALA C 120 3.48 10.98 -28.93
C ALA C 120 3.53 12.50 -29.02
N VAL C 121 4.56 13.11 -28.43
CA VAL C 121 4.70 14.57 -28.51
C VAL C 121 4.86 15.02 -29.96
N THR C 122 5.69 14.30 -30.73
CA THR C 122 5.89 14.65 -32.13
C THR C 122 4.61 14.46 -32.93
N LYS C 123 3.91 13.35 -32.71
CA LYS C 123 2.67 13.09 -33.43
C LYS C 123 1.61 14.14 -33.11
N TYR C 124 1.51 14.52 -31.84
CA TYR C 124 0.61 15.60 -31.44
C TYR C 124 0.99 16.93 -32.08
N SER C 125 2.30 17.23 -32.11
CA SER C 125 2.75 18.53 -32.60
C SER C 125 2.59 18.66 -34.10
N SER C 126 2.61 17.54 -34.83
CA SER C 126 2.50 17.57 -36.30
C SER C 126 1.16 18.14 -36.74
N VAL D 11 34.74 -37.58 15.78
CA VAL D 11 34.40 -36.16 15.86
C VAL D 11 32.89 -35.99 15.99
N PRO D 12 32.47 -35.33 17.06
CA PRO D 12 31.02 -35.12 17.25
C PRO D 12 30.48 -34.12 16.24
N THR D 13 29.43 -34.52 15.54
CA THR D 13 28.78 -33.68 14.54
C THR D 13 27.32 -33.50 14.88
N PHE D 14 26.81 -32.29 14.70
CA PHE D 14 25.45 -31.94 15.08
C PHE D 14 24.72 -31.32 13.91
N LYS D 15 23.44 -31.67 13.76
CA LYS D 15 22.56 -31.04 12.80
C LYS D 15 22.02 -29.74 13.39
N LEU D 16 22.25 -28.64 12.69
CA LEU D 16 21.75 -27.33 13.09
C LEU D 16 20.86 -26.81 11.98
N VAL D 17 19.58 -26.62 12.27
CA VAL D 17 18.67 -26.03 11.29
C VAL D 17 18.63 -24.53 11.51
N LEU D 18 19.19 -23.79 10.56
CA LEU D 18 19.14 -22.33 10.62
C LEU D 18 17.81 -21.89 10.03
N VAL D 19 17.00 -21.24 10.83
CA VAL D 19 15.62 -20.98 10.47
C VAL D 19 15.34 -19.52 10.79
N GLY D 20 14.38 -18.95 10.10
CA GLY D 20 14.03 -17.56 10.34
C GLY D 20 13.45 -16.94 9.09
N ASP D 21 12.80 -15.80 9.28
CA ASP D 21 12.07 -15.11 8.23
C ASP D 21 12.93 -14.88 6.99
N GLY D 22 12.31 -14.69 5.83
CA GLY D 22 13.07 -14.49 4.62
C GLY D 22 13.68 -13.11 4.56
N GLY D 23 14.80 -13.01 3.84
CA GLY D 23 15.46 -11.73 3.65
C GLY D 23 16.31 -11.27 4.80
N THR D 24 16.37 -12.03 5.90
CA THR D 24 16.89 -11.50 7.16
C THR D 24 18.39 -11.69 7.35
N GLY D 25 19.04 -12.55 6.57
CA GLY D 25 20.48 -12.65 6.67
C GLY D 25 21.02 -14.04 6.89
N LYS D 26 20.15 -15.05 6.84
CA LYS D 26 20.56 -16.41 7.16
C LYS D 26 21.62 -16.92 6.22
N THR D 27 21.46 -16.68 4.92
CA THR D 27 22.33 -17.34 3.95
C THR D 27 23.72 -16.73 3.94
N THR D 28 23.80 -15.40 4.03
CA THR D 28 25.10 -14.75 4.01
C THR D 28 25.89 -15.03 5.28
N PHE D 29 25.20 -15.19 6.40
CA PHE D 29 25.87 -15.52 7.66
C PHE D 29 26.62 -16.84 7.55
N VAL D 30 25.93 -17.86 7.04
CA VAL D 30 26.58 -19.15 6.84
C VAL D 30 27.67 -19.05 5.78
N LYS D 31 27.42 -18.27 4.73
CA LYS D 31 28.41 -18.14 3.66
C LYS D 31 29.70 -17.51 4.17
N ARG D 32 29.58 -16.50 5.05
CA ARG D 32 30.76 -15.89 5.63
C ARG D 32 31.47 -16.81 6.59
N HIS D 33 30.72 -17.52 7.44
CA HIS D 33 31.38 -18.53 8.26
C HIS D 33 32.08 -19.57 7.40
N LEU D 34 31.59 -19.79 6.18
CA LEU D 34 32.18 -20.81 5.32
C LEU D 34 33.36 -20.27 4.53
N THR D 35 33.25 -19.04 4.00
CA THR D 35 34.30 -18.48 3.16
C THR D 35 34.94 -17.21 3.69
N GLY D 36 34.27 -16.47 4.57
CA GLY D 36 34.83 -15.27 5.15
C GLY D 36 34.48 -13.97 4.45
N GLU D 37 33.83 -14.00 3.30
CA GLU D 37 33.53 -12.79 2.55
C GLU D 37 32.04 -12.47 2.62
N PHE D 38 31.73 -11.20 2.85
CA PHE D 38 30.36 -10.72 2.91
C PHE D 38 29.72 -10.78 1.53
N GLU D 39 28.40 -10.62 1.49
CA GLU D 39 27.63 -10.69 0.24
C GLU D 39 26.51 -9.66 0.28
N LYS D 40 26.59 -8.65 -0.58
CA LYS D 40 25.64 -7.54 -0.52
C LYS D 40 24.28 -7.94 -1.07
N LYS D 41 24.24 -8.63 -2.20
CA LYS D 41 22.98 -8.83 -2.91
C LYS D 41 22.15 -9.95 -2.29
N TYR D 42 20.85 -9.91 -2.57
CA TYR D 42 19.87 -10.84 -2.02
C TYR D 42 19.39 -11.81 -3.09
N ILE D 43 19.68 -13.08 -2.91
CA ILE D 43 19.08 -14.16 -3.68
C ILE D 43 18.36 -15.06 -2.71
N ALA D 44 17.05 -15.19 -2.86
CA ALA D 44 16.26 -16.00 -1.95
C ALA D 44 16.64 -17.47 -2.11
N THR D 45 16.93 -18.12 -0.99
CA THR D 45 17.19 -19.56 -1.00
C THR D 45 15.88 -20.30 -1.28
N ILE D 46 15.99 -21.39 -2.04
CA ILE D 46 14.84 -22.22 -2.35
C ILE D 46 15.11 -23.62 -1.80
N GLY D 47 14.15 -24.14 -1.03
CA GLY D 47 14.37 -25.35 -0.27
C GLY D 47 15.35 -25.16 0.86
N VAL D 48 16.39 -25.99 0.92
CA VAL D 48 17.48 -25.83 1.87
C VAL D 48 18.81 -26.11 1.19
N GLU D 49 19.85 -25.46 1.69
CA GLU D 49 21.23 -25.85 1.41
C GLU D 49 21.85 -26.33 2.70
N VAL D 50 22.64 -27.41 2.64
CA VAL D 50 23.31 -27.95 3.80
C VAL D 50 24.81 -27.64 3.65
N HIS D 51 25.35 -26.94 4.64
CA HIS D 51 26.74 -26.51 4.63
C HIS D 51 27.45 -27.07 5.84
N PRO D 52 28.44 -27.93 5.67
CA PRO D 52 29.16 -28.45 6.84
C PRO D 52 30.20 -27.48 7.39
N LEU D 53 29.91 -26.89 8.55
CA LEU D 53 30.89 -26.02 9.21
C LEU D 53 31.80 -26.84 10.10
N SER D 54 32.85 -26.18 10.59
CA SER D 54 33.73 -26.77 11.58
C SER D 54 34.31 -25.67 12.45
N PHE D 55 34.60 -26.02 13.70
CA PHE D 55 35.28 -25.11 14.62
C PHE D 55 36.38 -25.86 15.35
N TYR D 56 37.55 -25.26 15.43
CA TYR D 56 38.64 -25.79 16.23
C TYR D 56 38.55 -25.16 17.62
N THR D 57 38.59 -26.01 18.64
CA THR D 57 38.36 -25.58 20.01
C THR D 57 39.44 -26.14 20.91
N ASN D 58 39.43 -25.70 22.17
CA ASN D 58 40.03 -26.52 23.21
C ASN D 58 39.14 -27.74 23.43
N PHE D 59 39.73 -28.79 24.00
CA PHE D 59 39.07 -30.07 24.21
C PHE D 59 38.86 -30.81 22.89
N GLY D 60 39.23 -30.20 21.77
CA GLY D 60 39.15 -30.87 20.50
C GLY D 60 38.36 -30.17 19.41
N GLU D 61 37.41 -30.89 18.81
CA GLU D 61 36.77 -30.51 17.56
C GLU D 61 35.27 -30.39 17.73
N ILE D 62 34.68 -29.43 17.03
CA ILE D 62 33.22 -29.28 16.93
C ILE D 62 32.88 -29.17 15.45
N LYS D 63 31.84 -29.88 15.03
CA LYS D 63 31.41 -29.89 13.65
C LYS D 63 29.90 -29.72 13.57
N PHE D 64 29.44 -28.95 12.59
CA PHE D 64 28.02 -28.72 12.36
C PHE D 64 27.66 -28.97 10.91
N ASP D 65 26.46 -29.51 10.69
CA ASP D 65 25.80 -29.44 9.39
C ASP D 65 24.65 -28.45 9.52
N VAL D 66 24.76 -27.33 8.81
CA VAL D 66 23.81 -26.24 8.94
C VAL D 66 22.80 -26.37 7.82
N TRP D 67 21.53 -26.53 8.19
CA TRP D 67 20.43 -26.57 7.22
C TRP D 67 19.87 -25.16 7.11
N ASP D 68 20.25 -24.47 6.04
CA ASP D 68 19.81 -23.10 5.79
C ASP D 68 18.46 -23.16 5.08
N THR D 69 17.38 -22.90 5.80
CA THR D 69 16.05 -23.04 5.23
C THR D 69 15.59 -21.77 4.54
N ALA D 70 14.75 -21.94 3.53
CA ALA D 70 14.10 -20.81 2.87
C ALA D 70 13.10 -20.14 3.80
N GLY D 71 13.30 -18.86 4.04
CA GLY D 71 12.38 -18.11 4.87
C GLY D 71 11.12 -17.64 4.19
N LEU D 72 11.01 -17.82 2.89
CA LEU D 72 9.84 -17.40 2.13
C LEU D 72 8.91 -18.58 1.94
N GLU D 73 7.65 -18.41 2.35
CA GLU D 73 6.70 -19.53 2.33
C GLU D 73 6.48 -20.05 0.92
N LYS D 74 6.62 -19.20 -0.10
CA LYS D 74 6.52 -19.66 -1.47
C LYS D 74 7.64 -20.65 -1.82
N PHE D 75 8.74 -20.62 -1.07
CA PHE D 75 9.86 -21.51 -1.32
C PHE D 75 10.10 -22.51 -0.19
N GLY D 76 9.27 -22.48 0.85
CA GLY D 76 9.41 -23.41 1.94
C GLY D 76 8.76 -24.75 1.66
N GLY D 77 9.15 -25.38 0.55
CA GLY D 77 8.61 -26.67 0.21
C GLY D 77 9.04 -27.75 1.16
N LEU D 78 8.07 -28.40 1.81
CA LEU D 78 8.31 -29.47 2.76
C LEU D 78 9.32 -29.04 3.82
N ARG D 79 9.01 -27.91 4.47
CA ARG D 79 9.99 -27.24 5.33
C ARG D 79 10.14 -27.94 6.67
N ASP D 80 9.02 -28.27 7.32
CA ASP D 80 9.09 -28.90 8.63
C ASP D 80 9.77 -30.27 8.57
N GLY D 81 9.78 -30.91 7.41
CA GLY D 81 10.46 -32.17 7.30
C GLY D 81 11.96 -32.07 7.41
N TYR D 82 12.51 -30.85 7.41
CA TYR D 82 13.92 -30.65 7.60
C TYR D 82 14.30 -30.59 9.07
N TYR D 83 13.33 -30.43 9.97
CA TYR D 83 13.61 -30.31 11.39
C TYR D 83 13.71 -31.65 12.10
N ILE D 84 13.53 -32.76 11.37
CA ILE D 84 13.28 -34.06 12.02
C ILE D 84 14.35 -34.37 13.06
N ASN D 85 15.60 -34.49 12.62
CA ASN D 85 16.68 -34.88 13.52
C ASN D 85 17.53 -33.70 13.98
N ALA D 86 16.96 -32.50 14.00
CA ALA D 86 17.71 -31.33 14.44
C ALA D 86 18.09 -31.48 15.91
N GLN D 87 19.35 -31.18 16.21
CA GLN D 87 19.85 -31.20 17.57
C GLN D 87 20.01 -29.82 18.17
N CYS D 88 20.06 -28.79 17.33
CA CYS D 88 20.10 -27.41 17.77
C CYS D 88 19.60 -26.54 16.62
N ALA D 89 19.21 -25.32 16.94
CA ALA D 89 18.67 -24.43 15.93
C ALA D 89 19.01 -22.99 16.25
N ILE D 90 19.07 -22.17 15.21
CA ILE D 90 19.21 -20.73 15.34
C ILE D 90 17.98 -20.08 14.71
N ILE D 91 17.30 -19.23 15.46
CA ILE D 91 16.22 -18.42 14.92
C ILE D 91 16.78 -17.04 14.65
N MET D 92 16.84 -16.65 13.38
CA MET D 92 17.38 -15.37 12.98
C MET D 92 16.27 -14.42 12.59
N PHE D 93 16.30 -13.23 13.15
CA PHE D 93 15.43 -12.16 12.72
C PHE D 93 16.28 -10.94 12.40
N ASP D 94 15.66 -9.83 12.07
CA ASP D 94 16.39 -8.65 11.62
C ASP D 94 15.96 -7.50 12.50
N VAL D 95 16.93 -6.79 13.07
CA VAL D 95 16.64 -5.69 13.98
C VAL D 95 16.03 -4.48 13.29
N THR D 96 16.14 -4.38 11.97
CA THR D 96 15.63 -3.23 11.24
C THR D 96 14.23 -3.40 10.70
N SER D 97 13.62 -4.58 10.86
CA SER D 97 12.28 -4.86 10.33
C SER D 97 11.51 -5.62 11.39
N ARG D 98 10.60 -4.92 12.06
CA ARG D 98 9.93 -5.45 13.25
C ARG D 98 9.07 -6.67 12.93
N ILE D 99 8.57 -6.78 11.70
CA ILE D 99 7.75 -7.92 11.33
C ILE D 99 8.54 -9.21 11.49
N THR D 100 9.83 -9.19 11.15
CA THR D 100 10.64 -10.40 11.30
C THR D 100 10.77 -10.78 12.77
N TYR D 101 10.71 -9.81 13.68
CA TYR D 101 10.74 -10.14 15.09
C TYR D 101 9.41 -10.70 15.55
N LYS D 102 8.30 -10.14 15.08
CA LYS D 102 7.00 -10.69 15.48
C LYS D 102 6.76 -12.07 14.88
N ASN D 103 7.50 -12.43 13.82
CA ASN D 103 7.44 -13.78 13.29
C ASN D 103 8.15 -14.79 14.19
N VAL D 104 8.92 -14.33 15.17
CA VAL D 104 9.78 -15.24 15.94
C VAL D 104 9.01 -16.30 16.70
N PRO D 105 7.95 -15.98 17.46
CA PRO D 105 7.29 -17.03 18.24
C PRO D 105 6.74 -18.16 17.40
N ASN D 106 6.34 -17.87 16.16
CA ASN D 106 5.82 -18.91 15.29
C ASN D 106 6.92 -19.87 14.86
N TRP D 107 8.09 -19.33 14.53
CA TRP D 107 9.21 -20.19 14.17
C TRP D 107 9.61 -21.08 15.33
N HIS D 108 9.63 -20.52 16.54
CA HIS D 108 9.96 -21.28 17.73
C HIS D 108 8.95 -22.40 17.95
N ARG D 109 7.66 -22.09 17.80
CA ARG D 109 6.64 -23.12 17.97
C ARG D 109 6.81 -24.23 16.93
N ASP D 110 7.11 -23.87 15.68
CA ASP D 110 7.32 -24.89 14.66
C ASP D 110 8.53 -25.76 14.98
N LEU D 111 9.61 -25.16 15.50
CA LEU D 111 10.77 -25.97 15.91
C LEU D 111 10.41 -26.90 17.05
N VAL D 112 9.71 -26.38 18.05
CA VAL D 112 9.36 -27.19 19.22
C VAL D 112 8.50 -28.37 18.83
N ARG D 113 7.51 -28.14 17.96
CA ARG D 113 6.56 -29.19 17.62
C ARG D 113 7.23 -30.42 17.04
N VAL D 114 8.31 -30.24 16.29
CA VAL D 114 8.99 -31.35 15.63
C VAL D 114 10.07 -31.94 16.52
N CYS D 115 10.70 -31.11 17.34
CA CYS D 115 11.79 -31.53 18.22
C CYS D 115 11.72 -30.67 19.48
N GLU D 116 11.33 -31.27 20.60
CA GLU D 116 10.77 -30.50 21.70
C GLU D 116 11.81 -29.70 22.49
N ASN D 117 12.97 -30.26 22.76
CA ASN D 117 13.81 -29.66 23.80
C ASN D 117 15.25 -29.41 23.36
N ILE D 118 15.50 -29.23 22.07
CA ILE D 118 16.82 -28.87 21.60
C ILE D 118 17.15 -27.47 22.09
N PRO D 119 18.44 -27.12 22.25
CA PRO D 119 18.78 -25.74 22.61
C PRO D 119 18.61 -24.81 21.43
N ILE D 120 17.99 -23.66 21.68
CA ILE D 120 17.72 -22.66 20.66
C ILE D 120 18.45 -21.38 21.05
N VAL D 121 19.01 -20.71 20.05
CA VAL D 121 19.60 -19.38 20.23
C VAL D 121 18.94 -18.43 19.25
N LEU D 122 18.58 -17.24 19.72
CA LEU D 122 17.89 -16.24 18.93
C LEU D 122 18.87 -15.13 18.58
N CYS D 123 18.98 -14.81 17.29
CA CYS D 123 19.98 -13.86 16.80
C CYS D 123 19.30 -12.70 16.08
N GLY D 124 19.60 -11.48 16.52
CA GLY D 124 19.18 -10.28 15.82
C GLY D 124 20.22 -9.77 14.85
N ASN D 125 20.04 -10.02 13.57
CA ASN D 125 21.06 -9.75 12.57
C ASN D 125 21.02 -8.28 12.11
N LYS D 126 22.06 -7.88 11.37
CA LYS D 126 22.19 -6.54 10.81
C LYS D 126 22.11 -5.46 11.89
N VAL D 127 22.83 -5.68 13.00
CA VAL D 127 22.90 -4.64 14.02
C VAL D 127 23.79 -3.50 13.59
N ASP D 128 24.58 -3.67 12.54
CA ASP D 128 25.51 -2.63 12.11
C ASP D 128 24.86 -1.59 11.20
N VAL D 129 23.72 -1.05 11.62
CA VAL D 129 23.08 0.08 10.96
C VAL D 129 22.43 0.93 12.03
N LYS D 130 22.51 2.25 11.86
CA LYS D 130 21.93 3.16 12.85
C LYS D 130 20.41 3.09 12.89
N GLU D 131 19.80 2.48 11.88
CA GLU D 131 18.36 2.52 11.68
C GLU D 131 17.61 1.39 12.36
N ARG D 132 18.20 0.75 13.38
CA ARG D 132 17.52 -0.39 13.99
C ARG D 132 16.17 0.02 14.54
N LYS D 133 15.15 -0.82 14.29
CA LYS D 133 13.78 -0.51 14.62
C LYS D 133 13.26 -1.28 15.83
N VAL D 134 13.95 -2.34 16.24
CA VAL D 134 13.61 -3.09 17.44
C VAL D 134 14.86 -3.18 18.30
N LYS D 135 14.70 -3.02 19.61
CA LYS D 135 15.82 -2.93 20.52
C LYS D 135 15.68 -3.97 21.61
N ALA D 136 16.73 -4.09 22.44
CA ALA D 136 16.75 -5.10 23.48
C ALA D 136 15.55 -4.99 24.42
N LYS D 137 15.00 -3.79 24.58
CA LYS D 137 13.84 -3.63 25.45
C LYS D 137 12.65 -4.42 24.93
N THR D 138 12.39 -4.34 23.62
CA THR D 138 11.30 -5.09 23.04
C THR D 138 11.62 -6.58 22.94
N ILE D 139 12.92 -6.93 22.94
CA ILE D 139 13.32 -8.32 22.80
C ILE D 139 13.04 -9.02 24.12
N THR D 140 11.90 -9.69 24.21
CA THR D 140 11.47 -10.36 25.43
C THR D 140 11.09 -11.82 25.26
N PHE D 141 11.04 -12.34 24.03
CA PHE D 141 10.63 -13.74 23.86
C PHE D 141 11.57 -14.68 24.59
N HIS D 142 12.84 -14.29 24.76
CA HIS D 142 13.80 -15.16 25.43
C HIS D 142 13.45 -15.35 26.90
N ARG D 143 13.18 -14.26 27.61
CA ARG D 143 13.10 -14.23 29.08
C ARG D 143 12.07 -15.25 29.55
N LYS D 144 11.06 -15.51 28.73
CA LYS D 144 9.97 -16.42 29.02
C LYS D 144 10.35 -17.87 28.70
N LYS D 145 10.76 -18.12 27.45
CA LYS D 145 11.11 -19.45 26.98
C LYS D 145 12.49 -19.88 27.40
N ASN D 146 13.32 -18.96 27.93
CA ASN D 146 14.67 -19.25 28.38
C ASN D 146 15.52 -19.84 27.24
N LEU D 147 15.69 -19.04 26.19
CA LEU D 147 16.63 -19.34 25.13
C LEU D 147 17.59 -18.16 24.95
N GLN D 148 18.85 -18.47 24.68
CA GLN D 148 19.89 -17.45 24.64
C GLN D 148 19.64 -16.48 23.49
N TYR D 149 20.03 -15.21 23.69
CA TYR D 149 19.84 -14.17 22.67
C TYR D 149 21.12 -13.37 22.44
N TYR D 150 21.48 -13.14 21.17
CA TYR D 150 22.64 -12.33 20.81
C TYR D 150 22.28 -11.35 19.70
N ASP D 151 22.98 -10.19 19.73
CA ASP D 151 22.86 -9.21 18.62
C ASP D 151 24.11 -9.38 17.76
N ILE D 152 23.95 -9.74 16.48
CA ILE D 152 25.05 -10.07 15.57
C ILE D 152 24.94 -9.20 14.34
N SER D 153 25.97 -9.27 13.50
CA SER D 153 25.91 -8.73 12.15
C SER D 153 26.87 -9.53 11.29
N ALA D 154 26.51 -9.69 10.02
CA ALA D 154 27.34 -10.47 9.11
C ALA D 154 28.37 -9.62 8.40
N LYS D 155 28.14 -8.31 8.27
CA LYS D 155 29.12 -7.45 7.62
C LYS D 155 30.28 -7.14 8.56
N SER D 156 29.97 -6.60 9.74
CA SER D 156 31.00 -6.18 10.69
C SER D 156 31.52 -7.31 11.55
N ASN D 157 30.87 -8.48 11.53
CA ASN D 157 31.26 -9.64 12.33
C ASN D 157 31.15 -9.38 13.83
N TYR D 158 30.24 -8.51 14.23
CA TYR D 158 29.97 -8.36 15.65
C TYR D 158 29.28 -9.61 16.17
N ASN D 159 29.81 -10.16 17.28
CA ASN D 159 29.32 -11.41 17.86
C ASN D 159 29.27 -12.52 16.83
N PHE D 160 30.25 -12.54 15.94
CA PHE D 160 30.18 -13.38 14.76
C PHE D 160 30.12 -14.85 15.10
N GLU D 161 30.87 -15.29 16.11
CA GLU D 161 30.96 -16.70 16.46
C GLU D 161 30.21 -17.08 17.73
N LYS D 162 29.63 -16.12 18.45
CA LYS D 162 29.01 -16.46 19.73
C LYS D 162 27.86 -17.45 19.66
N PRO D 163 26.93 -17.38 18.70
CA PRO D 163 25.87 -18.41 18.68
C PRO D 163 26.42 -19.82 18.60
N PHE D 164 27.37 -20.07 17.70
CA PHE D 164 27.97 -21.40 17.60
C PHE D 164 28.71 -21.77 18.87
N LEU D 165 29.39 -20.81 19.49
CA LEU D 165 30.10 -21.11 20.74
C LEU D 165 29.13 -21.54 21.82
N TRP D 166 28.05 -20.79 22.00
CA TRP D 166 27.07 -21.14 23.03
C TRP D 166 26.45 -22.49 22.75
N LEU D 167 26.11 -22.76 21.49
CA LEU D 167 25.50 -24.04 21.15
C LEU D 167 26.47 -25.19 21.37
N ALA D 168 27.74 -25.00 21.02
CA ALA D 168 28.71 -26.07 21.22
C ALA D 168 28.94 -26.33 22.70
N ARG D 169 28.96 -25.28 23.52
CA ARG D 169 29.06 -25.47 24.95
C ARG D 169 27.86 -26.25 25.48
N LYS D 170 26.66 -25.91 25.01
CA LYS D 170 25.47 -26.58 25.50
C LYS D 170 25.44 -28.05 25.07
N LEU D 171 25.81 -28.33 23.83
CA LEU D 171 25.71 -29.70 23.34
C LEU D 171 26.83 -30.58 23.91
N ALA D 172 28.05 -30.06 23.98
CA ALA D 172 29.13 -30.84 24.56
C ALA D 172 29.07 -30.89 26.08
N GLY D 173 28.24 -30.06 26.71
CA GLY D 173 28.14 -30.05 28.15
C GLY D 173 29.40 -29.63 28.86
N ASN D 174 30.14 -28.69 28.28
CA ASN D 174 31.49 -28.35 28.73
C ASN D 174 31.63 -26.84 28.76
N PRO D 175 31.19 -26.19 29.84
CA PRO D 175 31.15 -24.72 29.85
C PRO D 175 32.51 -24.06 29.67
N GLN D 176 33.60 -24.78 29.84
CA GLN D 176 34.92 -24.23 29.62
C GLN D 176 35.37 -24.31 28.17
N LEU D 177 34.55 -24.88 27.29
CA LEU D 177 34.87 -24.93 25.87
C LEU D 177 35.03 -23.53 25.31
N GLU D 178 36.03 -23.34 24.45
CA GLU D 178 36.20 -22.06 23.79
C GLU D 178 36.95 -22.28 22.49
N PHE D 179 36.67 -21.43 21.49
CA PHE D 179 37.17 -21.65 20.15
C PHE D 179 38.58 -21.06 19.97
N VAL D 180 39.33 -21.66 19.06
CA VAL D 180 40.66 -21.16 18.74
C VAL D 180 40.89 -21.24 17.24
N GLY E 86 -13.96 9.05 -1.62
CA GLY E 86 -12.95 8.57 -0.68
C GLY E 86 -12.44 9.65 0.24
N TYR E 87 -11.60 10.54 -0.31
CA TYR E 87 -11.07 11.64 0.50
C TYR E 87 -12.17 12.59 0.95
N VAL E 88 -13.32 12.58 0.26
CA VAL E 88 -14.47 13.33 0.74
C VAL E 88 -14.88 12.83 2.12
N GLY E 89 -14.85 11.51 2.31
CA GLY E 89 -15.05 10.96 3.65
C GLY E 89 -13.92 11.31 4.59
N GLY E 90 -12.68 11.28 4.09
CA GLY E 90 -11.54 11.64 4.91
C GLY E 90 -11.55 13.08 5.38
N LEU E 91 -12.35 13.93 4.76
CA LEU E 91 -12.49 15.31 5.19
C LEU E 91 -13.21 15.35 6.54
N PRO E 92 -13.07 16.47 7.29
CA PRO E 92 -13.69 16.55 8.62
C PRO E 92 -15.19 16.28 8.64
N LYS E 93 -15.75 16.07 9.83
CA LYS E 93 -17.13 15.61 9.96
C LYS E 93 -18.16 16.61 9.44
N ASN E 94 -17.77 17.86 9.20
CA ASN E 94 -18.66 18.79 8.52
C ASN E 94 -19.04 18.24 7.15
N VAL E 95 -18.05 17.68 6.44
CA VAL E 95 -18.31 17.12 5.13
C VAL E 95 -19.25 15.92 5.22
N LYS E 96 -19.02 15.02 6.17
CA LYS E 96 -19.93 13.89 6.31
C LYS E 96 -21.34 14.33 6.67
N GLU E 97 -21.48 15.30 7.59
CA GLU E 97 -22.83 15.70 7.98
C GLU E 97 -23.55 16.41 6.82
N LYS E 98 -22.83 17.26 6.07
CA LYS E 98 -23.47 17.90 4.92
C LYS E 98 -23.88 16.88 3.88
N LEU E 99 -23.05 15.87 3.62
CA LEU E 99 -23.43 14.92 2.59
C LEU E 99 -24.49 13.94 3.09
N LEU E 100 -24.55 13.70 4.40
CA LEU E 100 -25.70 13.00 4.98
C LEU E 100 -26.98 13.78 4.76
N SER E 101 -26.93 15.09 4.97
CA SER E 101 -28.07 15.92 4.66
C SER E 101 -28.42 15.84 3.18
N LEU E 102 -27.40 15.77 2.32
CA LEU E 102 -27.65 15.62 0.88
C LEU E 102 -28.35 14.29 0.59
N LYS E 103 -27.94 13.22 1.27
CA LYS E 103 -28.60 11.92 1.07
C LYS E 103 -30.04 11.94 1.57
N THR E 104 -30.29 12.62 2.69
CA THR E 104 -31.67 12.79 3.16
C THR E 104 -32.50 13.53 2.13
N LEU E 105 -31.99 14.65 1.63
CA LEU E 105 -32.68 15.36 0.57
C LEU E 105 -32.88 14.49 -0.66
N GLN E 106 -31.91 13.63 -0.96
CA GLN E 106 -32.02 12.74 -2.11
C GLN E 106 -33.16 11.74 -1.92
N SER E 107 -33.32 11.21 -0.72
CA SER E 107 -34.47 10.36 -0.44
C SER E 107 -35.77 11.13 -0.62
N GLU E 108 -35.78 12.40 -0.20
CA GLU E 108 -36.95 13.24 -0.45
C GLU E 108 -37.19 13.40 -1.95
N LEU E 109 -36.12 13.57 -2.72
CA LEU E 109 -36.26 13.66 -4.19
C LEU E 109 -36.85 12.36 -4.71
N PHE E 110 -36.46 11.23 -4.12
CA PHE E 110 -36.91 9.93 -4.61
C PHE E 110 -38.40 9.76 -4.36
N GLU E 111 -38.87 10.20 -3.18
CA GLU E 111 -40.31 10.18 -2.92
C GLU E 111 -41.07 11.07 -3.90
N VAL E 112 -40.59 12.30 -4.10
CA VAL E 112 -41.27 13.20 -5.03
C VAL E 112 -41.25 12.62 -6.43
N GLU E 113 -40.17 11.91 -6.78
CA GLU E 113 -40.04 11.33 -8.11
C GLU E 113 -40.97 10.14 -8.28
N LYS E 114 -41.19 9.37 -7.21
CA LYS E 114 -42.23 8.34 -7.23
C LYS E 114 -43.59 8.95 -7.53
N GLU E 115 -43.92 10.04 -6.82
CA GLU E 115 -45.20 10.70 -7.07
C GLU E 115 -45.27 11.27 -8.48
N PHE E 116 -44.14 11.74 -9.00
CA PHE E 116 -44.05 12.18 -10.39
C PHE E 116 -44.34 11.05 -11.36
N GLN E 117 -43.79 9.87 -11.09
CA GLN E 117 -44.08 8.70 -11.91
C GLN E 117 -45.55 8.36 -11.86
N VAL E 118 -46.16 8.46 -10.68
CA VAL E 118 -47.59 8.18 -10.56
C VAL E 118 -48.40 9.14 -11.41
N GLU E 119 -48.07 10.43 -11.32
CA GLU E 119 -48.80 11.43 -12.10
C GLU E 119 -48.62 11.20 -13.59
N MET E 120 -47.40 10.93 -14.03
CA MET E 120 -47.21 10.65 -15.46
C MET E 120 -48.02 9.44 -15.88
N PHE E 121 -47.89 8.32 -15.18
CA PHE E 121 -48.62 7.11 -15.58
C PHE E 121 -50.10 7.40 -15.70
N GLU E 122 -50.64 8.25 -14.82
CA GLU E 122 -51.99 8.75 -15.01
C GLU E 122 -52.13 9.46 -16.36
N LEU E 123 -51.12 10.27 -16.74
CA LEU E 123 -51.23 11.06 -17.96
C LEU E 123 -51.12 10.20 -19.23
N GLU E 124 -50.15 9.29 -19.31
CA GLU E 124 -50.15 8.35 -20.44
C GLU E 124 -51.38 7.46 -20.45
N ASN E 125 -51.94 7.11 -19.30
CA ASN E 125 -53.21 6.36 -19.35
C ASN E 125 -54.32 7.21 -19.96
N LYS E 126 -54.41 8.49 -19.54
CA LYS E 126 -55.40 9.40 -20.07
C LYS E 126 -55.28 9.52 -21.59
N PHE E 127 -54.06 9.76 -22.07
CA PHE E 127 -53.88 9.90 -23.51
C PHE E 127 -53.91 8.58 -24.26
N LEU E 128 -53.70 7.45 -23.59
CA LEU E 128 -53.90 6.16 -24.22
C LEU E 128 -55.39 5.90 -24.44
N GLN E 129 -56.23 6.40 -23.54
CA GLN E 129 -57.67 6.36 -23.79
C GLN E 129 -58.04 7.12 -25.05
N LYS E 130 -57.27 8.15 -25.41
CA LYS E 130 -57.47 8.84 -26.69
C LYS E 130 -56.83 8.08 -27.84
N TYR E 131 -55.69 7.44 -27.59
CA TYR E 131 -55.00 6.68 -28.63
C TYR E 131 -55.86 5.53 -29.13
N LYS E 132 -56.55 4.85 -28.21
CA LYS E 132 -57.25 3.61 -28.54
C LYS E 132 -58.28 3.77 -29.66
N PRO E 133 -59.13 4.81 -29.67
CA PRO E 133 -60.10 4.92 -30.78
C PRO E 133 -59.46 4.96 -32.15
N ILE E 134 -58.35 5.68 -32.31
CA ILE E 134 -57.70 5.77 -33.62
C ILE E 134 -57.18 4.40 -34.05
N TRP E 135 -56.53 3.69 -33.13
CA TRP E 135 -56.00 2.36 -33.45
C TRP E 135 -57.12 1.40 -33.80
N GLU E 136 -58.22 1.44 -33.05
CA GLU E 136 -59.36 0.58 -33.37
C GLU E 136 -59.95 0.93 -34.72
N GLN E 137 -60.06 2.22 -35.03
CA GLN E 137 -60.62 2.64 -36.31
C GLN E 137 -59.75 2.15 -37.47
N ARG E 138 -58.42 2.33 -37.35
CA ARG E 138 -57.55 1.88 -38.43
C ARG E 138 -57.57 0.37 -38.55
N SER E 139 -57.66 -0.35 -37.42
CA SER E 139 -57.76 -1.80 -37.47
C SER E 139 -59.03 -2.24 -38.17
N ARG E 140 -60.15 -1.56 -37.88
CA ARG E 140 -61.41 -1.90 -38.53
C ARG E 140 -61.32 -1.62 -40.03
N ILE E 141 -60.67 -0.51 -40.41
CA ILE E 141 -60.46 -0.23 -41.82
C ILE E 141 -59.64 -1.33 -42.48
N ILE E 142 -58.56 -1.74 -41.82
CA ILE E 142 -57.66 -2.75 -42.40
C ILE E 142 -58.38 -4.07 -42.55
N SER E 143 -59.13 -4.48 -41.52
CA SER E 143 -59.89 -5.71 -41.57
C SER E 143 -61.11 -5.62 -42.50
N GLY E 144 -61.44 -4.43 -42.99
CA GLY E 144 -62.54 -4.26 -43.91
C GLY E 144 -63.91 -4.14 -43.29
N GLN E 145 -64.02 -4.13 -41.96
CA GLN E 145 -65.31 -3.97 -41.31
C GLN E 145 -65.86 -2.55 -41.48
N GLU E 146 -65.00 -1.58 -41.81
CA GLU E 146 -65.42 -0.20 -41.98
C GLU E 146 -64.78 0.35 -43.25
N GLN E 147 -65.48 1.30 -43.88
CA GLN E 147 -65.06 1.90 -45.12
C GLN E 147 -64.64 3.35 -44.90
N PRO E 148 -63.70 3.87 -45.71
CA PRO E 148 -63.32 5.28 -45.58
C PRO E 148 -64.42 6.23 -46.04
N LYS E 149 -64.13 7.53 -45.99
CA LYS E 149 -65.06 8.57 -46.42
C LYS E 149 -64.35 9.52 -47.37
N PRO E 150 -65.09 10.16 -48.28
CA PRO E 150 -64.42 11.02 -49.28
C PRO E 150 -63.60 12.14 -48.65
N GLU E 151 -64.06 12.72 -47.54
CA GLU E 151 -63.26 13.73 -46.86
C GLU E 151 -61.96 13.15 -46.36
N GLN E 152 -62.02 11.97 -45.75
CA GLN E 152 -60.79 11.30 -45.31
C GLN E 152 -59.88 10.99 -46.50
N ILE E 153 -60.47 10.55 -47.61
CA ILE E 153 -59.69 10.24 -48.80
C ILE E 153 -58.93 11.46 -49.27
N ALA E 154 -59.64 12.59 -49.41
CA ALA E 154 -59.01 13.80 -49.91
C ALA E 154 -57.93 14.30 -48.95
N LYS E 155 -58.27 14.40 -47.66
CA LYS E 155 -57.30 14.94 -46.70
C LYS E 155 -56.07 14.04 -46.62
N GLY E 156 -56.25 12.72 -46.76
CA GLY E 156 -55.09 11.86 -46.98
C GLY E 156 -54.35 12.21 -48.26
N GLN E 157 -55.06 12.67 -49.28
CA GLN E 157 -54.41 13.07 -50.53
C GLN E 157 -53.49 14.27 -50.31
N GLU E 158 -53.99 15.30 -49.63
CA GLU E 158 -53.10 16.46 -49.32
C GLU E 158 -51.93 15.96 -48.47
N ILE E 159 -52.21 15.14 -47.46
CA ILE E 159 -51.13 14.68 -46.57
C ILE E 159 -50.05 13.97 -47.38
N VAL E 160 -50.45 13.08 -48.29
CA VAL E 160 -49.48 12.36 -49.11
C VAL E 160 -48.72 13.32 -50.03
N GLU E 161 -49.43 14.28 -50.63
CA GLU E 161 -48.77 15.24 -51.50
C GLU E 161 -47.72 16.03 -50.75
N SER E 162 -48.03 16.45 -49.52
CA SER E 162 -47.04 17.15 -48.72
C SER E 162 -45.89 16.25 -48.31
N LEU E 163 -46.15 14.96 -48.08
CA LEU E 163 -45.08 14.07 -47.61
C LEU E 163 -44.05 13.77 -48.69
N ASN E 164 -44.43 13.91 -49.97
CA ASN E 164 -43.74 13.60 -51.24
C ASN E 164 -43.83 12.11 -51.58
N GLU E 165 -44.55 11.31 -50.79
CA GLU E 165 -44.68 9.88 -51.04
C GLU E 165 -45.69 9.65 -52.16
N THR E 166 -45.27 10.02 -53.38
CA THR E 166 -46.15 10.00 -54.54
C THR E 166 -46.49 8.59 -55.01
N GLU E 167 -46.07 7.54 -54.30
CA GLU E 167 -46.42 6.19 -54.71
C GLU E 167 -47.88 5.87 -54.44
N LEU E 168 -48.47 6.46 -53.40
CA LEU E 168 -49.86 6.18 -53.04
C LEU E 168 -50.87 6.86 -53.95
N LEU E 169 -50.42 7.72 -54.87
CA LEU E 169 -51.34 8.47 -55.70
C LEU E 169 -52.18 7.55 -56.58
N VAL E 170 -53.43 7.96 -56.81
CA VAL E 170 -54.34 7.22 -57.66
C VAL E 170 -54.08 7.57 -59.12
N ASP E 171 -54.24 6.58 -60.00
CA ASP E 171 -54.05 6.77 -61.43
C ASP E 171 -55.32 6.37 -62.17
N GLU E 172 -55.46 6.90 -63.39
CA GLU E 172 -56.67 6.64 -64.18
C GLU E 172 -56.83 5.15 -64.48
N GLU E 173 -55.71 4.44 -64.69
CA GLU E 173 -55.78 3.01 -64.92
C GLU E 173 -56.38 2.29 -63.72
N GLU E 174 -55.98 2.68 -62.51
CA GLU E 174 -56.57 2.11 -61.30
C GLU E 174 -58.05 2.47 -61.19
N LYS E 175 -58.41 3.69 -61.57
CA LYS E 175 -59.82 4.09 -61.53
C LYS E 175 -60.67 3.24 -62.46
N ALA E 176 -60.08 2.70 -63.53
CA ALA E 176 -60.83 1.87 -64.46
C ALA E 176 -61.33 0.57 -63.82
N GLN E 177 -60.75 0.17 -62.70
CA GLN E 177 -61.19 -1.04 -62.01
C GLN E 177 -62.65 -0.91 -61.59
N ASN E 178 -63.44 -1.95 -61.86
CA ASN E 178 -64.85 -1.95 -61.52
C ASN E 178 -65.04 -2.24 -60.03
N ASP E 179 -66.26 -1.96 -59.55
CA ASP E 179 -66.57 -2.19 -58.15
C ASP E 179 -66.51 -3.68 -57.82
N SER E 180 -66.91 -4.54 -58.75
CA SER E 180 -66.85 -5.98 -58.51
C SER E 180 -65.41 -6.43 -58.28
N GLU E 181 -64.47 -5.93 -59.09
CA GLU E 181 -63.06 -6.28 -58.89
C GLU E 181 -62.54 -5.75 -57.57
N GLU E 182 -62.92 -4.53 -57.20
CA GLU E 182 -62.43 -3.95 -55.95
C GLU E 182 -62.93 -4.71 -54.73
N GLU E 183 -64.20 -5.14 -54.75
CA GLU E 183 -64.82 -5.77 -53.60
C GLU E 183 -64.46 -7.25 -53.46
N GLN E 184 -63.59 -7.79 -54.31
CA GLN E 184 -63.17 -9.17 -54.16
C GLN E 184 -62.43 -9.40 -52.85
N VAL E 185 -61.81 -8.36 -52.29
CA VAL E 185 -61.18 -8.42 -50.98
C VAL E 185 -61.76 -7.29 -50.12
N LYS E 186 -62.21 -7.62 -48.92
CA LYS E 186 -62.76 -6.61 -48.02
C LYS E 186 -61.65 -5.83 -47.35
N GLY E 187 -60.72 -6.52 -46.70
CA GLY E 187 -59.61 -5.86 -46.04
C GLY E 187 -58.36 -5.78 -46.90
N ILE E 188 -57.37 -5.07 -46.37
CA ILE E 188 -56.09 -4.89 -47.05
C ILE E 188 -55.33 -6.22 -46.98
N PRO E 189 -54.95 -6.81 -48.11
CA PRO E 189 -54.26 -8.11 -48.07
C PRO E 189 -52.88 -7.99 -47.43
N SER E 190 -52.70 -8.74 -46.35
CA SER E 190 -51.41 -8.83 -45.65
C SER E 190 -50.88 -7.45 -45.26
N PHE E 191 -51.78 -6.61 -44.75
CA PHE E 191 -51.35 -5.30 -44.26
C PHE E 191 -50.38 -5.44 -43.10
N TRP E 192 -50.83 -6.07 -42.02
CA TRP E 192 -49.99 -6.26 -40.85
C TRP E 192 -48.79 -7.14 -41.17
N LEU E 193 -48.98 -8.13 -42.04
CA LEU E 193 -47.84 -8.93 -42.48
C LEU E 193 -46.77 -8.04 -43.11
N THR E 194 -47.16 -7.17 -44.04
CA THR E 194 -46.19 -6.30 -44.69
C THR E 194 -45.57 -5.33 -43.70
N ALA E 195 -46.37 -4.78 -42.78
CA ALA E 195 -45.84 -3.84 -41.80
C ALA E 195 -44.79 -4.50 -40.92
N LEU E 196 -45.05 -5.73 -40.47
CA LEU E 196 -44.07 -6.44 -39.67
C LEU E 196 -42.83 -6.83 -40.49
N GLU E 197 -43.03 -7.18 -41.76
CA GLU E 197 -41.88 -7.48 -42.61
C GLU E 197 -40.99 -6.26 -42.78
N ASN E 198 -41.59 -5.08 -42.94
CA ASN E 198 -40.80 -3.86 -42.98
C ASN E 198 -40.21 -3.52 -41.62
N LEU E 199 -40.82 -3.99 -40.54
CA LEU E 199 -40.27 -3.74 -39.21
C LEU E 199 -38.93 -4.46 -39.09
N PRO E 200 -37.90 -3.79 -38.53
CA PRO E 200 -36.53 -4.32 -38.62
C PRO E 200 -36.32 -5.71 -38.06
N ILE E 201 -36.58 -5.91 -36.77
CA ILE E 201 -36.19 -7.13 -36.09
C ILE E 201 -37.30 -8.17 -36.12
N VAL E 202 -38.55 -7.76 -35.89
CA VAL E 202 -39.64 -8.73 -35.80
C VAL E 202 -39.83 -9.46 -37.12
N ALA E 203 -39.49 -8.81 -38.23
CA ALA E 203 -39.57 -9.47 -39.54
C ALA E 203 -38.72 -10.73 -39.58
N ASP E 204 -37.59 -10.75 -38.88
CA ASP E 204 -36.73 -11.92 -38.88
C ASP E 204 -37.41 -13.13 -38.26
N THR E 205 -38.32 -12.92 -37.30
CA THR E 205 -38.98 -14.00 -36.60
C THR E 205 -40.06 -14.66 -37.45
N ILE E 206 -40.56 -13.98 -38.47
CA ILE E 206 -41.71 -14.46 -39.24
C ILE E 206 -41.26 -15.51 -40.24
N THR E 207 -41.92 -16.67 -40.22
CA THR E 207 -41.70 -17.72 -41.20
C THR E 207 -42.83 -17.71 -42.23
N ASP E 208 -42.73 -18.60 -43.22
CA ASP E 208 -43.74 -18.68 -44.27
C ASP E 208 -45.10 -19.06 -43.69
N ARG E 209 -45.12 -20.09 -42.83
CA ARG E 209 -46.38 -20.46 -42.18
C ARG E 209 -46.87 -19.35 -41.26
N ASP E 210 -45.94 -18.66 -40.60
CA ASP E 210 -46.31 -17.50 -39.80
C ASP E 210 -46.93 -16.41 -40.66
N ALA E 211 -46.35 -16.18 -41.85
CA ALA E 211 -46.91 -15.19 -42.76
C ALA E 211 -48.32 -15.59 -43.21
N GLU E 212 -48.53 -16.88 -43.47
CA GLU E 212 -49.87 -17.36 -43.81
C GLU E 212 -50.84 -17.14 -42.66
N VAL E 213 -50.41 -17.42 -41.43
CA VAL E 213 -51.33 -17.36 -40.29
C VAL E 213 -51.68 -15.91 -39.98
N LEU E 214 -50.69 -15.02 -39.98
CA LEU E 214 -50.92 -13.64 -39.55
C LEU E 214 -51.87 -12.90 -40.48
N GLU E 215 -52.14 -13.45 -41.67
CA GLU E 215 -53.21 -12.90 -42.51
C GLU E 215 -54.54 -12.93 -41.77
N TYR E 216 -54.68 -13.80 -40.76
CA TYR E 216 -55.87 -13.87 -39.93
C TYR E 216 -55.81 -12.93 -38.72
N LEU E 217 -54.74 -12.16 -38.56
CA LEU E 217 -54.66 -11.18 -37.49
C LEU E 217 -55.56 -9.99 -37.84
N GLN E 218 -56.36 -9.54 -36.86
CA GLN E 218 -57.29 -8.44 -37.08
C GLN E 218 -56.95 -7.17 -36.32
N ASP E 219 -56.29 -7.26 -35.16
CA ASP E 219 -55.87 -6.03 -34.48
C ASP E 219 -54.65 -6.28 -33.61
N ILE E 220 -53.90 -5.21 -33.35
CA ILE E 220 -52.87 -5.17 -32.33
C ILE E 220 -53.26 -4.08 -31.33
N GLY E 221 -53.47 -4.46 -30.07
CA GLY E 221 -53.89 -3.53 -29.05
C GLY E 221 -52.90 -3.47 -27.91
N LEU E 222 -52.89 -2.34 -27.21
CA LEU E 222 -52.00 -2.11 -26.09
C LEU E 222 -52.80 -1.60 -24.89
N GLU E 223 -52.32 -1.94 -23.70
CA GLU E 223 -52.98 -1.53 -22.46
C GLU E 223 -51.92 -1.36 -21.37
N TYR E 224 -52.28 -0.60 -20.35
CA TYR E 224 -51.42 -0.35 -19.20
C TYR E 224 -51.92 -1.13 -18.00
N LEU E 225 -51.00 -1.65 -17.20
CA LEU E 225 -51.34 -2.38 -15.99
C LEU E 225 -51.47 -1.39 -14.84
N THR E 226 -52.68 -1.28 -14.28
CA THR E 226 -52.95 -0.30 -13.25
C THR E 226 -52.91 -0.90 -11.84
N ASP E 227 -53.44 -2.10 -11.65
CA ASP E 227 -53.56 -2.65 -10.32
C ASP E 227 -52.25 -3.28 -9.89
N GLY E 228 -51.96 -3.12 -8.60
CA GLY E 228 -50.76 -3.71 -8.03
C GLY E 228 -49.50 -3.20 -8.71
N ARG E 229 -48.64 -4.15 -9.03
CA ARG E 229 -47.33 -3.82 -9.60
C ARG E 229 -47.48 -3.19 -10.99
N PRO E 230 -46.60 -2.27 -11.38
CA PRO E 230 -46.74 -1.64 -12.71
C PRO E 230 -46.31 -2.53 -13.86
N GLY E 231 -46.85 -2.22 -15.04
CA GLY E 231 -46.50 -2.91 -16.27
C GLY E 231 -47.39 -2.41 -17.39
N PHE E 232 -47.19 -2.97 -18.58
CA PHE E 232 -48.08 -2.72 -19.71
C PHE E 232 -48.36 -4.04 -20.43
N LYS E 233 -49.47 -4.07 -21.15
CA LYS E 233 -49.94 -5.28 -21.81
C LYS E 233 -50.14 -5.03 -23.30
N LEU E 234 -49.88 -6.05 -24.11
CA LEU E 234 -50.15 -6.05 -25.53
C LEU E 234 -51.22 -7.08 -25.86
N LEU E 235 -52.01 -6.81 -26.90
CA LEU E 235 -53.08 -7.70 -27.32
C LEU E 235 -53.09 -7.82 -28.84
N PHE E 236 -53.41 -9.02 -29.34
CA PHE E 236 -53.64 -9.25 -30.76
C PHE E 236 -55.01 -9.88 -30.97
N ARG E 237 -55.63 -9.56 -32.10
CA ARG E 237 -56.95 -10.06 -32.46
C ARG E 237 -56.85 -10.87 -33.75
N PHE E 238 -57.47 -12.04 -33.76
CA PHE E 238 -57.54 -12.91 -34.94
C PHE E 238 -58.99 -13.29 -35.21
N ASP E 239 -59.34 -13.43 -36.49
CA ASP E 239 -60.67 -13.94 -36.86
C ASP E 239 -60.67 -15.45 -36.68
N SER E 240 -60.90 -15.87 -35.44
CA SER E 240 -60.88 -17.29 -35.12
C SER E 240 -61.95 -18.07 -35.88
N SER E 241 -63.02 -17.40 -36.30
CA SER E 241 -64.08 -18.07 -37.05
C SER E 241 -63.55 -18.65 -38.35
N ALA E 242 -62.77 -17.86 -39.10
CA ALA E 242 -62.16 -18.32 -40.34
C ALA E 242 -60.73 -18.79 -40.15
N ASN E 243 -60.17 -18.65 -38.96
CA ASN E 243 -58.79 -19.08 -38.71
C ASN E 243 -58.75 -20.59 -38.57
N PRO E 244 -58.02 -21.30 -39.44
CA PRO E 244 -57.93 -22.76 -39.34
C PRO E 244 -56.80 -23.27 -38.46
N PHE E 245 -56.15 -22.40 -37.69
CA PHE E 245 -54.95 -22.74 -36.95
C PHE E 245 -55.16 -22.83 -35.45
N PHE E 246 -55.92 -21.90 -34.87
CA PHE E 246 -56.23 -21.96 -33.44
C PHE E 246 -57.57 -21.30 -33.18
N THR E 247 -58.17 -21.66 -32.05
CA THR E 247 -59.47 -21.15 -31.65
C THR E 247 -59.38 -19.90 -30.78
N ASN E 248 -58.16 -19.44 -30.46
CA ASN E 248 -57.98 -18.28 -29.61
C ASN E 248 -58.45 -17.01 -30.30
N ASP E 249 -59.58 -16.45 -29.84
CA ASP E 249 -60.10 -15.23 -30.44
C ASP E 249 -59.16 -14.04 -30.21
N ILE E 250 -58.63 -13.91 -29.00
CA ILE E 250 -57.74 -12.82 -28.64
C ILE E 250 -56.59 -13.38 -27.81
N LEU E 251 -55.37 -12.96 -28.16
CA LEU E 251 -54.17 -13.31 -27.40
C LEU E 251 -53.59 -12.06 -26.79
N ALA E 252 -53.26 -12.12 -25.50
CA ALA E 252 -52.72 -10.99 -24.77
C ALA E 252 -51.34 -11.32 -24.22
N LYS E 253 -50.44 -10.34 -24.33
CA LYS E 253 -49.07 -10.46 -23.82
C LYS E 253 -48.84 -9.34 -22.82
N THR E 254 -48.27 -9.69 -21.66
CA THR E 254 -48.08 -8.75 -20.58
C THR E 254 -46.60 -8.49 -20.33
N TYR E 255 -46.27 -7.23 -20.04
CA TYR E 255 -44.93 -6.79 -19.67
C TYR E 255 -44.96 -6.14 -18.30
N PHE E 256 -43.80 -6.17 -17.63
CA PHE E 256 -43.73 -5.91 -16.20
C PHE E 256 -42.50 -5.08 -15.90
N TYR E 257 -42.59 -4.29 -14.84
CA TYR E 257 -41.49 -3.48 -14.34
C TYR E 257 -41.28 -3.79 -12.87
N GLN E 258 -40.12 -3.41 -12.34
CA GLN E 258 -39.85 -3.68 -10.93
C GLN E 258 -40.61 -2.72 -10.01
N LYS E 259 -40.62 -3.07 -8.72
CA LYS E 259 -41.50 -2.41 -7.76
C LYS E 259 -41.12 -0.94 -7.57
N GLU E 260 -39.86 -0.67 -7.26
CA GLU E 260 -39.43 0.69 -6.95
C GLU E 260 -38.88 1.37 -8.21
N LEU E 261 -38.38 2.59 -8.03
CA LEU E 261 -37.85 3.37 -9.14
C LEU E 261 -36.50 2.81 -9.55
N GLY E 262 -36.41 2.31 -10.79
CA GLY E 262 -35.11 2.02 -11.36
C GLY E 262 -34.29 3.29 -11.47
N TYR E 263 -32.99 3.15 -11.26
CA TYR E 263 -32.13 4.33 -11.26
C TYR E 263 -32.16 5.02 -12.62
N SER E 264 -31.83 6.31 -12.61
CA SER E 264 -31.92 7.27 -13.72
C SER E 264 -33.35 7.73 -13.94
N GLY E 265 -34.29 7.38 -13.05
CA GLY E 265 -35.64 7.88 -13.14
C GLY E 265 -36.58 7.11 -14.03
N ASP E 266 -36.16 5.96 -14.55
CA ASP E 266 -37.01 5.11 -15.37
C ASP E 266 -37.27 3.80 -14.64
N PHE E 267 -38.07 2.94 -15.25
CA PHE E 267 -38.29 1.60 -14.76
C PHE E 267 -37.46 0.60 -15.55
N ILE E 268 -36.91 -0.37 -14.86
CA ILE E 268 -36.18 -1.46 -15.48
C ILE E 268 -37.12 -2.65 -15.60
N TYR E 269 -36.83 -3.52 -16.57
CA TYR E 269 -37.73 -4.63 -16.87
C TYR E 269 -37.79 -5.62 -15.71
N ASP E 270 -38.90 -6.32 -15.64
CA ASP E 270 -38.99 -7.57 -14.91
C ASP E 270 -39.91 -8.52 -15.67
N HIS E 271 -39.86 -9.80 -15.30
CA HIS E 271 -40.32 -10.91 -16.15
C HIS E 271 -41.72 -10.72 -16.72
N ALA E 272 -42.00 -11.38 -17.84
CA ALA E 272 -43.23 -11.22 -18.59
C ALA E 272 -44.02 -12.52 -18.62
N GLU E 273 -45.32 -12.41 -18.86
CA GLU E 273 -46.21 -13.56 -18.94
C GLU E 273 -47.10 -13.43 -20.17
N GLY E 274 -47.49 -14.57 -20.74
CA GLY E 274 -48.33 -14.60 -21.92
C GLY E 274 -49.26 -15.79 -21.88
N ALA E 275 -50.15 -15.85 -22.86
CA ALA E 275 -51.16 -16.89 -22.93
C ALA E 275 -50.63 -18.11 -23.71
N GLU E 276 -51.43 -19.17 -23.71
CA GLU E 276 -51.14 -20.38 -24.45
C GLU E 276 -52.11 -20.52 -25.60
N ILE E 277 -51.59 -20.87 -26.77
CA ILE E 277 -52.38 -20.92 -28.00
C ILE E 277 -53.04 -22.29 -28.11
N SER E 278 -54.37 -22.29 -28.24
CA SER E 278 -55.14 -23.53 -28.35
C SER E 278 -55.22 -23.92 -29.84
N TRP E 279 -54.15 -24.57 -30.30
CA TRP E 279 -54.08 -25.01 -31.69
C TRP E 279 -55.17 -26.03 -32.00
N LYS E 280 -55.80 -25.87 -33.17
CA LYS E 280 -56.82 -26.81 -33.60
C LYS E 280 -56.22 -28.20 -33.82
N ASP E 281 -55.05 -28.27 -34.43
CA ASP E 281 -54.35 -29.54 -34.61
C ASP E 281 -52.86 -29.25 -34.78
N ASN E 282 -52.06 -30.31 -34.59
CA ASN E 282 -50.61 -30.14 -34.68
C ASN E 282 -50.17 -29.81 -36.10
N ALA E 283 -50.90 -30.29 -37.11
CA ALA E 283 -50.57 -29.93 -38.48
C ALA E 283 -50.69 -28.43 -38.71
N HIS E 284 -51.75 -27.81 -38.17
CA HIS E 284 -51.92 -26.37 -38.29
C HIS E 284 -51.14 -25.59 -37.24
N ASN E 285 -50.54 -26.28 -36.27
CA ASN E 285 -49.72 -25.66 -35.24
C ASN E 285 -48.41 -25.20 -35.89
N VAL E 286 -48.29 -23.91 -36.18
CA VAL E 286 -47.08 -23.39 -36.80
C VAL E 286 -45.92 -23.26 -35.82
N THR E 287 -46.17 -23.42 -34.52
CA THR E 287 -45.10 -23.48 -33.54
C THR E 287 -44.54 -24.89 -33.41
N VAL E 288 -45.01 -25.83 -34.22
CA VAL E 288 -44.64 -27.24 -34.12
C VAL E 288 -44.53 -27.82 -35.52
N ASP E 289 -43.55 -28.67 -35.74
CA ASP E 289 -43.48 -29.48 -36.95
C ASP E 289 -44.00 -30.87 -36.66
N LEU E 290 -44.81 -31.39 -37.56
CA LEU E 290 -45.59 -32.60 -37.32
C LEU E 290 -45.00 -33.79 -38.07
N GLU E 291 -45.04 -34.95 -37.41
CA GLU E 291 -44.70 -36.23 -38.03
C GLU E 291 -45.83 -37.21 -37.77
N MET E 292 -46.31 -37.86 -38.82
CA MET E 292 -47.36 -38.85 -38.71
C MET E 292 -46.77 -40.24 -38.92
N ARG E 293 -47.04 -41.15 -37.98
CA ARG E 293 -46.50 -42.49 -38.05
C ARG E 293 -47.60 -43.49 -37.69
N LYS E 294 -47.72 -44.53 -38.51
CA LYS E 294 -48.57 -45.69 -38.21
C LYS E 294 -47.66 -46.90 -38.14
N GLN E 295 -47.61 -47.54 -36.98
CA GLN E 295 -46.61 -48.57 -36.71
C GLN E 295 -47.25 -49.79 -36.07
N ARG E 296 -46.61 -50.93 -36.29
CA ARG E 296 -46.91 -52.17 -35.56
C ARG E 296 -45.67 -52.49 -34.74
N ASN E 297 -45.78 -52.35 -33.42
CA ASN E 297 -44.61 -52.42 -32.56
C ASN E 297 -43.89 -53.76 -32.71
N LYS E 298 -42.57 -53.70 -32.84
CA LYS E 298 -41.79 -54.92 -33.06
C LYS E 298 -41.66 -55.75 -31.79
N THR E 299 -41.74 -55.12 -30.63
CA THR E 299 -41.60 -55.84 -29.36
C THR E 299 -42.92 -56.43 -28.89
N THR E 300 -43.95 -55.59 -28.73
CA THR E 300 -45.23 -56.03 -28.21
C THR E 300 -46.22 -56.46 -29.29
N LYS E 301 -45.90 -56.23 -30.56
CA LYS E 301 -46.76 -56.61 -31.69
C LYS E 301 -48.15 -55.97 -31.59
N GLN E 302 -48.24 -54.80 -30.97
CA GLN E 302 -49.48 -54.05 -30.93
C GLN E 302 -49.60 -53.17 -32.18
N VAL E 303 -50.83 -52.72 -32.44
CA VAL E 303 -51.13 -51.83 -33.56
C VAL E 303 -51.47 -50.47 -33.00
N ARG E 304 -50.79 -49.43 -33.51
CA ARG E 304 -50.95 -48.10 -32.96
C ARG E 304 -50.79 -47.06 -34.07
N THR E 305 -51.43 -45.90 -33.86
CA THR E 305 -51.27 -44.74 -34.72
C THR E 305 -50.71 -43.61 -33.87
N ILE E 306 -49.67 -42.94 -34.36
CA ILE E 306 -48.89 -42.01 -33.57
C ILE E 306 -49.03 -40.60 -34.13
N GLU E 307 -49.26 -39.64 -33.23
CA GLU E 307 -49.22 -38.22 -33.55
C GLU E 307 -48.11 -37.59 -32.72
N LYS E 308 -47.11 -37.02 -33.40
CA LYS E 308 -45.88 -36.61 -32.75
C LYS E 308 -45.72 -35.10 -32.85
N ILE E 309 -45.10 -34.51 -31.83
CA ILE E 309 -45.00 -33.07 -31.68
C ILE E 309 -43.55 -32.69 -31.42
N THR E 310 -43.10 -31.59 -32.05
CA THR E 310 -41.77 -31.04 -31.83
C THR E 310 -41.83 -29.53 -32.04
N PRO E 311 -41.60 -28.73 -31.00
CA PRO E 311 -41.72 -27.27 -31.15
C PRO E 311 -40.68 -26.70 -32.09
N ILE E 312 -41.07 -25.61 -32.77
CA ILE E 312 -40.18 -24.87 -33.65
C ILE E 312 -40.37 -23.38 -33.41
N GLU E 313 -39.36 -22.59 -33.80
CA GLU E 313 -39.43 -21.15 -33.62
C GLU E 313 -40.43 -20.54 -34.59
N SER E 314 -41.07 -19.46 -34.17
CA SER E 314 -42.09 -18.78 -34.96
C SER E 314 -42.37 -17.43 -34.33
N PHE E 315 -43.19 -16.63 -35.02
CA PHE E 315 -43.58 -15.33 -34.49
C PHE E 315 -44.41 -15.47 -33.22
N PHE E 316 -45.05 -16.63 -33.02
CA PHE E 316 -45.80 -16.90 -31.80
C PHE E 316 -44.95 -17.44 -30.67
N ASN E 317 -43.64 -17.65 -30.89
CA ASN E 317 -42.73 -17.74 -29.75
C ASN E 317 -42.63 -16.42 -29.01
N PHE E 318 -43.15 -15.34 -29.61
CA PHE E 318 -43.47 -14.14 -28.85
C PHE E 318 -44.33 -14.47 -27.64
N PHE E 319 -45.31 -15.36 -27.82
CA PHE E 319 -46.05 -15.91 -26.70
C PHE E 319 -45.26 -17.07 -26.08
N ASP E 320 -45.78 -17.60 -24.99
CA ASP E 320 -45.02 -18.48 -24.10
C ASP E 320 -43.69 -17.81 -23.73
N PRO E 321 -43.72 -16.63 -23.13
CA PRO E 321 -42.49 -15.87 -22.90
C PRO E 321 -41.60 -16.55 -21.87
N PRO E 322 -40.42 -16.01 -21.58
CA PRO E 322 -39.62 -16.54 -20.49
C PRO E 322 -40.42 -16.57 -19.19
N LYS E 323 -40.30 -17.68 -18.46
CA LYS E 323 -41.21 -17.98 -17.36
C LYS E 323 -41.09 -16.96 -16.23
N ILE E 324 -39.92 -16.88 -15.60
CA ILE E 324 -39.72 -16.05 -14.43
C ILE E 324 -38.38 -15.32 -14.56
N GLN E 325 -38.25 -14.22 -13.81
CA GLN E 325 -37.00 -13.47 -13.82
C GLN E 325 -35.85 -14.29 -13.27
N ASN E 326 -36.08 -15.01 -12.17
CA ASN E 326 -35.02 -15.79 -11.54
C ASN E 326 -35.61 -16.77 -10.53
N GLU E 327 -35.23 -18.04 -10.64
CA GLU E 327 -35.72 -19.06 -9.72
C GLU E 327 -34.67 -20.14 -9.61
N ASP E 328 -34.72 -20.88 -8.50
CA ASP E 328 -33.69 -21.88 -8.23
C ASP E 328 -33.68 -22.99 -9.26
N GLN E 329 -34.86 -23.45 -9.68
CA GLN E 329 -34.96 -24.59 -10.58
C GLN E 329 -34.80 -24.20 -12.05
N ASP E 330 -34.78 -22.91 -12.38
CA ASP E 330 -34.82 -22.48 -13.77
C ASP E 330 -33.49 -21.93 -14.27
N GLU E 331 -32.42 -21.98 -13.47
CA GLU E 331 -31.18 -21.30 -13.82
C GLU E 331 -30.66 -21.71 -15.20
N GLU E 332 -30.55 -23.02 -15.44
CA GLU E 332 -30.16 -23.51 -16.75
C GLU E 332 -31.11 -22.99 -17.83
N LEU E 333 -32.42 -23.01 -17.54
CA LEU E 333 -33.36 -22.32 -18.40
C LEU E 333 -33.14 -20.81 -18.34
N GLU E 334 -32.81 -20.28 -17.16
CA GLU E 334 -32.74 -18.83 -16.98
C GLU E 334 -31.73 -18.17 -17.91
N GLU E 335 -30.70 -18.90 -18.34
CA GLU E 335 -29.80 -18.34 -19.34
C GLU E 335 -30.56 -17.92 -20.59
N ASP E 336 -31.21 -18.90 -21.25
CA ASP E 336 -32.02 -18.60 -22.42
C ASP E 336 -33.18 -17.67 -22.07
N LEU E 337 -33.69 -17.75 -20.84
CA LEU E 337 -34.76 -16.85 -20.43
C LEU E 337 -34.30 -15.40 -20.44
N GLU E 338 -33.10 -15.13 -19.92
CA GLU E 338 -32.57 -13.78 -19.95
C GLU E 338 -32.30 -13.31 -21.38
N GLU E 339 -31.73 -14.19 -22.20
CA GLU E 339 -31.46 -13.81 -23.60
C GLU E 339 -32.77 -13.48 -24.32
N ARG E 340 -33.75 -14.37 -24.24
CA ARG E 340 -35.04 -14.15 -24.86
C ARG E 340 -35.81 -13.01 -24.22
N LEU E 341 -35.55 -12.72 -22.94
CA LEU E 341 -36.17 -11.55 -22.32
C LEU E 341 -35.64 -10.27 -22.93
N ALA E 342 -34.31 -10.19 -23.11
CA ALA E 342 -33.74 -9.04 -23.79
C ALA E 342 -34.33 -8.89 -25.18
N LEU E 343 -34.37 -9.99 -25.95
CA LEU E 343 -34.91 -9.93 -27.30
C LEU E 343 -36.38 -9.55 -27.31
N ASP E 344 -37.16 -10.11 -26.39
CA ASP E 344 -38.61 -9.88 -26.35
C ASP E 344 -38.93 -8.47 -25.90
N TYR E 345 -38.15 -7.93 -24.96
CA TYR E 345 -38.35 -6.54 -24.55
C TYR E 345 -37.95 -5.58 -25.66
N SER E 346 -36.90 -5.90 -26.42
CA SER E 346 -36.58 -5.08 -27.58
C SER E 346 -37.73 -5.11 -28.59
N ILE E 347 -38.28 -6.31 -28.83
CA ILE E 347 -39.40 -6.45 -29.76
C ILE E 347 -40.62 -5.67 -29.27
N GLY E 348 -40.94 -5.80 -27.98
CA GLY E 348 -42.11 -5.14 -27.44
C GLY E 348 -41.98 -3.63 -27.41
N GLU E 349 -40.77 -3.14 -27.10
CA GLU E 349 -40.52 -1.70 -27.17
C GLU E 349 -40.65 -1.20 -28.60
N GLN E 350 -40.14 -1.97 -29.57
CA GLN E 350 -40.32 -1.62 -30.97
C GLN E 350 -41.80 -1.51 -31.32
N LEU E 351 -42.58 -2.55 -30.98
CA LEU E 351 -44.04 -2.48 -31.13
C LEU E 351 -44.59 -1.19 -30.55
N LYS E 352 -44.42 -1.00 -29.24
CA LYS E 352 -45.06 0.07 -28.50
C LYS E 352 -44.69 1.44 -29.05
N ASP E 353 -43.43 1.63 -29.44
CA ASP E 353 -43.00 2.95 -29.89
C ASP E 353 -43.34 3.18 -31.36
N LYS E 354 -43.06 2.20 -32.23
CA LYS E 354 -43.18 2.38 -33.66
C LYS E 354 -44.50 1.83 -34.21
N LEU E 355 -44.74 0.53 -34.07
CA LEU E 355 -45.74 -0.12 -34.91
C LEU E 355 -47.16 0.31 -34.56
N ILE E 356 -47.54 0.18 -33.28
CA ILE E 356 -48.87 0.64 -32.87
C ILE E 356 -49.07 2.12 -33.10
N PRO E 357 -48.14 3.02 -32.78
CA PRO E 357 -48.36 4.43 -33.13
C PRO E 357 -48.16 4.72 -34.61
N ARG E 358 -47.26 4.01 -35.28
CA ARG E 358 -47.00 4.20 -36.71
C ARG E 358 -47.16 2.84 -37.37
N ALA E 359 -48.28 2.61 -38.03
CA ALA E 359 -48.53 1.34 -38.70
C ALA E 359 -48.58 1.46 -40.21
N VAL E 360 -49.09 2.59 -40.70
CA VAL E 360 -49.31 2.74 -42.13
C VAL E 360 -47.99 2.92 -42.88
N ASP E 361 -47.12 3.78 -42.35
CA ASP E 361 -45.84 4.00 -42.99
C ASP E 361 -44.99 2.74 -43.00
N TRP E 362 -44.99 1.99 -41.90
CA TRP E 362 -44.26 0.73 -41.87
C TRP E 362 -44.85 -0.28 -42.85
N PHE E 363 -46.18 -0.32 -42.98
CA PHE E 363 -46.77 -1.17 -44.02
C PHE E 363 -46.29 -0.75 -45.40
N THR E 364 -46.36 0.55 -45.69
CA THR E 364 -45.93 1.06 -46.98
C THR E 364 -44.42 1.10 -47.11
N GLY E 365 -43.69 0.97 -46.01
CA GLY E 365 -42.25 1.01 -46.02
C GLY E 365 -41.66 2.41 -45.97
N ALA E 366 -42.49 3.44 -45.95
CA ALA E 366 -41.97 4.81 -45.89
C ALA E 366 -41.24 5.07 -44.58
N ALA E 367 -41.63 4.38 -43.52
CA ALA E 367 -40.98 4.56 -42.23
C ALA E 367 -39.56 4.01 -42.20
N LEU E 368 -39.17 3.24 -43.22
CA LEU E 368 -37.81 2.70 -43.29
C LEU E 368 -36.78 3.81 -43.37
N ASP F 84 -41.89 -2.10 -51.92
CA ASP F 84 -41.95 -2.67 -53.26
C ASP F 84 -42.86 -1.83 -54.14
N SER F 85 -42.27 -1.11 -55.09
CA SER F 85 -43.04 -0.25 -55.98
C SER F 85 -44.03 -1.05 -56.81
N GLY F 86 -43.62 -2.23 -57.27
CA GLY F 86 -44.52 -3.08 -58.03
C GLY F 86 -45.77 -3.44 -57.24
N TYR F 87 -45.59 -3.82 -55.98
CA TYR F 87 -46.74 -4.10 -55.13
C TYR F 87 -47.62 -2.86 -54.97
N VAL F 88 -46.99 -1.71 -54.65
CA VAL F 88 -47.75 -0.49 -54.39
C VAL F 88 -48.60 -0.14 -55.61
N GLY F 89 -48.02 -0.26 -56.80
CA GLY F 89 -48.83 -0.13 -58.01
C GLY F 89 -49.90 -1.19 -58.12
N GLY F 90 -49.61 -2.40 -57.61
CA GLY F 90 -50.57 -3.49 -57.66
C GLY F 90 -51.76 -3.34 -56.75
N LEU F 91 -51.66 -2.52 -55.70
CA LEU F 91 -52.80 -2.31 -54.81
C LEU F 91 -53.97 -1.71 -55.59
N PRO F 92 -55.18 -2.21 -55.40
CA PRO F 92 -56.34 -1.60 -56.04
C PRO F 92 -56.54 -0.16 -55.57
N LYS F 93 -57.31 0.58 -56.38
CA LYS F 93 -57.65 1.95 -56.03
C LYS F 93 -58.32 2.03 -54.65
N ASN F 94 -59.27 1.12 -54.40
CA ASN F 94 -60.02 1.14 -53.15
C ASN F 94 -59.09 1.05 -51.94
N VAL F 95 -58.14 0.14 -51.99
CA VAL F 95 -57.15 0.05 -50.93
C VAL F 95 -56.32 1.32 -50.89
N LYS F 96 -56.19 2.03 -52.01
CA LYS F 96 -55.40 3.25 -52.01
C LYS F 96 -56.10 4.36 -51.23
N GLU F 97 -57.41 4.56 -51.42
CA GLU F 97 -58.04 5.56 -50.56
C GLU F 97 -58.11 5.06 -49.11
N LYS F 98 -58.19 3.75 -48.92
CA LYS F 98 -58.08 3.22 -47.55
C LYS F 98 -56.76 3.63 -46.91
N LEU F 99 -55.66 3.50 -47.66
CA LEU F 99 -54.35 3.88 -47.13
C LEU F 99 -54.26 5.39 -46.91
N LEU F 100 -54.88 6.18 -47.79
CA LEU F 100 -54.91 7.63 -47.59
C LEU F 100 -55.61 7.98 -46.29
N SER F 101 -56.76 7.34 -46.03
CA SER F 101 -57.46 7.57 -44.77
C SER F 101 -56.63 7.12 -43.58
N LEU F 102 -55.89 6.02 -43.74
CA LEU F 102 -55.01 5.56 -42.66
C LEU F 102 -53.89 6.57 -42.39
N LYS F 103 -53.34 7.17 -43.45
CA LYS F 103 -52.37 8.25 -43.28
C LYS F 103 -52.99 9.43 -42.52
N THR F 104 -54.25 9.73 -42.84
CA THR F 104 -54.96 10.77 -42.11
C THR F 104 -55.08 10.43 -40.63
N LEU F 105 -55.39 9.17 -40.33
CA LEU F 105 -55.48 8.74 -38.93
C LEU F 105 -54.14 8.88 -38.24
N GLN F 106 -53.05 8.55 -38.94
CA GLN F 106 -51.71 8.76 -38.37
C GLN F 106 -51.48 10.24 -38.07
N SER F 107 -51.92 11.12 -38.97
CA SER F 107 -51.76 12.56 -38.74
C SER F 107 -52.56 13.02 -37.52
N GLU F 108 -53.80 12.54 -37.40
CA GLU F 108 -54.60 12.88 -36.22
C GLU F 108 -53.91 12.40 -34.95
N LEU F 109 -53.32 11.20 -35.00
CA LEU F 109 -52.51 10.73 -33.88
C LEU F 109 -51.34 11.67 -33.62
N PHE F 110 -50.79 12.27 -34.68
CA PHE F 110 -49.71 13.25 -34.49
C PHE F 110 -50.19 14.46 -33.70
N GLU F 111 -51.38 14.99 -34.02
CA GLU F 111 -51.90 16.10 -33.22
C GLU F 111 -52.18 15.67 -31.78
N VAL F 112 -52.67 14.44 -31.60
CA VAL F 112 -52.88 13.94 -30.24
C VAL F 112 -51.56 13.85 -29.49
N GLU F 113 -50.50 13.45 -30.18
CA GLU F 113 -49.16 13.43 -29.59
C GLU F 113 -48.70 14.83 -29.23
N LYS F 114 -49.03 15.81 -30.07
CA LYS F 114 -48.71 17.21 -29.74
C LYS F 114 -49.37 17.62 -28.44
N GLU F 115 -50.66 17.31 -28.29
CA GLU F 115 -51.36 17.63 -27.04
C GLU F 115 -50.74 16.89 -25.87
N PHE F 116 -50.38 15.63 -26.08
CA PHE F 116 -49.70 14.84 -25.05
C PHE F 116 -48.41 15.50 -24.60
N GLN F 117 -47.61 15.97 -25.56
CA GLN F 117 -46.36 16.63 -25.23
C GLN F 117 -46.60 17.94 -24.50
N VAL F 118 -47.64 18.68 -24.89
CA VAL F 118 -47.98 19.91 -24.19
C VAL F 118 -48.33 19.63 -22.73
N GLU F 119 -49.15 18.60 -22.50
CA GLU F 119 -49.53 18.24 -21.14
C GLU F 119 -48.31 17.79 -20.34
N MET F 120 -47.43 16.99 -20.94
CA MET F 120 -46.22 16.57 -20.25
C MET F 120 -45.32 17.75 -19.91
N PHE F 121 -45.19 18.72 -20.83
CA PHE F 121 -44.38 19.90 -20.54
C PHE F 121 -44.97 20.70 -19.38
N GLU F 122 -46.29 20.89 -19.37
CA GLU F 122 -46.92 21.63 -18.29
C GLU F 122 -46.71 20.92 -16.94
N LEU F 123 -46.92 19.60 -16.92
CA LEU F 123 -46.76 18.88 -15.66
C LEU F 123 -45.30 18.80 -15.23
N GLU F 124 -44.38 18.74 -16.19
CA GLU F 124 -42.96 18.77 -15.86
C GLU F 124 -42.57 20.12 -15.26
N ASN F 125 -43.13 21.21 -15.79
CA ASN F 125 -42.86 22.52 -15.19
C ASN F 125 -43.41 22.57 -13.77
N LYS F 126 -44.63 22.05 -13.58
CA LYS F 126 -45.19 21.98 -12.23
C LYS F 126 -44.28 21.20 -11.29
N PHE F 127 -43.78 20.06 -11.75
CA PHE F 127 -42.90 19.29 -10.88
C PHE F 127 -41.56 19.95 -10.70
N LEU F 128 -41.10 20.76 -11.67
CA LEU F 128 -39.91 21.57 -11.44
C LEU F 128 -40.14 22.57 -10.30
N GLN F 129 -41.32 23.20 -10.30
CA GLN F 129 -41.68 24.07 -9.18
C GLN F 129 -41.70 23.30 -7.88
N LYS F 130 -42.20 22.07 -7.91
CA LYS F 130 -42.16 21.22 -6.73
C LYS F 130 -40.71 20.92 -6.32
N TYR F 131 -39.82 20.75 -7.30
CA TYR F 131 -38.44 20.42 -7.03
C TYR F 131 -37.66 21.59 -6.42
N LYS F 132 -37.94 22.80 -6.86
CA LYS F 132 -37.04 23.94 -6.59
C LYS F 132 -36.56 24.02 -5.14
N PRO F 133 -37.40 23.90 -4.10
CA PRO F 133 -36.88 24.07 -2.73
C PRO F 133 -35.80 23.07 -2.34
N ILE F 134 -35.86 21.82 -2.79
CA ILE F 134 -34.89 20.82 -2.33
C ILE F 134 -33.53 21.01 -2.99
N TRP F 135 -33.51 21.26 -4.30
CA TRP F 135 -32.34 21.85 -4.93
C TRP F 135 -31.83 23.11 -4.23
N GLU F 136 -32.73 24.02 -3.84
CA GLU F 136 -32.27 25.21 -3.14
C GLU F 136 -31.59 24.85 -1.82
N GLN F 137 -32.19 23.92 -1.08
CA GLN F 137 -31.64 23.52 0.21
C GLN F 137 -30.29 22.82 0.04
N ARG F 138 -30.19 21.90 -0.93
CA ARG F 138 -28.91 21.24 -1.11
C ARG F 138 -27.85 22.20 -1.60
N SER F 139 -28.26 23.21 -2.38
CA SER F 139 -27.32 24.25 -2.81
C SER F 139 -26.81 25.04 -1.63
N ARG F 140 -27.69 25.37 -0.68
CA ARG F 140 -27.25 26.04 0.54
C ARG F 140 -26.27 25.16 1.32
N ILE F 141 -26.56 23.86 1.38
CA ILE F 141 -25.63 22.93 2.03
C ILE F 141 -24.30 22.91 1.29
N ILE F 142 -24.34 22.89 -0.04
CA ILE F 142 -23.13 22.84 -0.86
C ILE F 142 -22.28 24.08 -0.63
N SER F 143 -22.91 25.24 -0.56
CA SER F 143 -22.20 26.49 -0.33
C SER F 143 -21.85 26.70 1.14
N GLY F 144 -22.36 25.86 2.04
CA GLY F 144 -22.11 26.04 3.45
C GLY F 144 -23.01 27.06 4.13
N GLN F 145 -23.93 27.67 3.39
CA GLN F 145 -24.82 28.66 3.98
C GLN F 145 -25.74 28.06 5.03
N GLU F 146 -25.98 26.75 4.97
CA GLU F 146 -26.84 26.07 5.94
C GLU F 146 -26.10 24.87 6.51
N GLN F 147 -26.37 24.57 7.78
CA GLN F 147 -25.75 23.44 8.46
C GLN F 147 -26.78 22.32 8.69
N PRO F 148 -26.37 21.07 8.53
CA PRO F 148 -27.32 19.96 8.72
C PRO F 148 -27.85 19.92 10.14
N LYS F 149 -29.12 19.57 10.26
CA LYS F 149 -29.77 19.48 11.55
C LYS F 149 -29.88 18.01 11.93
N PRO F 150 -29.67 17.64 13.19
CA PRO F 150 -29.43 16.22 13.51
C PRO F 150 -30.55 15.27 13.09
N GLU F 151 -31.78 15.75 12.90
CA GLU F 151 -32.78 14.87 12.27
C GLU F 151 -32.37 14.51 10.85
N GLN F 152 -31.97 15.51 10.06
CA GLN F 152 -31.49 15.21 8.72
C GLN F 152 -30.20 14.40 8.76
N ILE F 153 -29.35 14.64 9.76
CA ILE F 153 -28.15 13.85 9.91
C ILE F 153 -28.49 12.38 10.15
N ALA F 154 -29.46 12.14 11.05
CA ALA F 154 -29.87 10.77 11.35
C ALA F 154 -30.54 10.10 10.15
N LYS F 155 -31.34 10.86 9.41
CA LYS F 155 -31.96 10.30 8.21
C LYS F 155 -30.91 9.93 7.17
N GLY F 156 -29.91 10.79 7.00
CA GLY F 156 -28.79 10.45 6.13
C GLY F 156 -28.04 9.23 6.61
N GLN F 157 -27.87 9.09 7.94
CA GLN F 157 -27.19 7.93 8.50
C GLN F 157 -27.97 6.65 8.20
N GLU F 158 -29.30 6.68 8.37
CA GLU F 158 -30.09 5.48 8.13
C GLU F 158 -30.15 5.15 6.64
N ILE F 159 -30.10 6.17 5.77
CA ILE F 159 -29.96 5.90 4.34
C ILE F 159 -28.61 5.28 4.03
N VAL F 160 -27.57 5.75 4.71
CA VAL F 160 -26.24 5.16 4.57
C VAL F 160 -26.25 3.69 4.94
N GLU F 161 -26.93 3.36 6.04
CA GLU F 161 -27.08 1.96 6.42
C GLU F 161 -27.72 1.14 5.30
N SER F 162 -28.63 1.74 4.54
CA SER F 162 -29.14 1.10 3.34
C SER F 162 -28.09 1.13 2.23
N LEU F 163 -28.14 0.13 1.37
CA LEU F 163 -27.17 -0.05 0.29
C LEU F 163 -25.75 0.00 0.86
N ASN F 164 -24.90 0.88 0.33
CA ASN F 164 -23.51 0.98 0.79
C ASN F 164 -23.06 2.43 0.63
N GLU F 165 -23.08 3.18 1.75
CA GLU F 165 -22.53 4.53 1.77
C GLU F 165 -21.72 4.76 3.03
N THR F 166 -21.09 3.71 3.56
CA THR F 166 -20.38 3.77 4.84
C THR F 166 -19.30 4.85 4.89
N GLU F 167 -18.96 5.45 3.75
CA GLU F 167 -18.04 6.59 3.75
C GLU F 167 -18.56 7.73 4.62
N LEU F 168 -19.88 7.84 4.74
CA LEU F 168 -20.48 8.96 5.47
C LEU F 168 -20.61 8.72 6.97
N LEU F 169 -20.43 7.49 7.44
CA LEU F 169 -20.52 7.22 8.87
C LEU F 169 -19.40 7.96 9.59
N VAL F 170 -19.78 8.89 10.48
CA VAL F 170 -18.80 9.74 11.14
C VAL F 170 -18.05 8.93 12.19
N ASP F 171 -16.72 9.02 12.17
CA ASP F 171 -15.88 8.28 13.08
C ASP F 171 -15.59 9.08 14.35
N GLU F 172 -14.98 8.41 15.32
CA GLU F 172 -14.67 9.05 16.60
C GLU F 172 -13.66 10.16 16.43
N GLU F 173 -12.69 9.99 15.51
CA GLU F 173 -11.64 10.99 15.35
C GLU F 173 -12.21 12.33 14.92
N GLU F 174 -13.25 12.33 14.09
CA GLU F 174 -13.81 13.59 13.62
C GLU F 174 -14.66 14.27 14.70
N LYS F 175 -15.31 13.49 15.55
CA LYS F 175 -16.13 14.09 16.62
C LYS F 175 -15.28 14.89 17.59
N ALA F 176 -14.00 14.55 17.74
CA ALA F 176 -13.10 15.34 18.57
C ALA F 176 -12.82 16.71 17.96
N GLN F 177 -13.02 16.87 16.66
CA GLN F 177 -12.79 18.16 16.00
C GLN F 177 -13.84 19.17 16.43
N ASN F 178 -13.53 20.45 16.20
CA ASN F 178 -14.40 21.55 16.56
C ASN F 178 -14.86 22.28 15.30
N ASP F 179 -16.03 22.93 15.41
CA ASP F 179 -16.56 23.65 14.27
C ASP F 179 -15.63 24.76 13.80
N SER F 180 -14.92 25.40 14.73
CA SER F 180 -14.01 26.49 14.36
C SER F 180 -12.92 25.99 13.40
N GLU F 181 -12.35 24.82 13.69
CA GLU F 181 -11.37 24.25 12.78
C GLU F 181 -12.02 23.81 11.47
N GLU F 182 -13.21 23.23 11.55
CA GLU F 182 -13.86 22.70 10.35
C GLU F 182 -14.39 23.81 9.45
N GLU F 183 -14.99 24.85 10.05
CA GLU F 183 -15.58 25.93 9.27
C GLU F 183 -14.55 26.84 8.61
N GLN F 184 -13.26 26.58 8.80
CA GLN F 184 -12.24 27.34 8.05
C GLN F 184 -12.43 27.17 6.55
N VAL F 185 -12.92 26.01 6.11
CA VAL F 185 -13.33 25.78 4.74
C VAL F 185 -14.86 25.68 4.74
N LYS F 186 -15.51 26.62 4.06
CA LYS F 186 -16.96 26.70 4.07
C LYS F 186 -17.51 26.19 2.74
N GLY F 187 -18.49 25.30 2.81
CA GLY F 187 -19.06 24.73 1.62
C GLY F 187 -18.29 23.52 1.11
N ILE F 188 -18.66 23.09 -0.09
CA ILE F 188 -18.06 21.92 -0.72
C ILE F 188 -17.05 22.41 -1.75
N PRO F 189 -15.75 22.16 -1.56
CA PRO F 189 -14.78 22.58 -2.57
C PRO F 189 -15.02 21.86 -3.90
N SER F 190 -15.17 22.67 -4.96
CA SER F 190 -15.28 22.16 -6.33
C SER F 190 -16.37 21.09 -6.47
N PHE F 191 -17.52 21.33 -5.84
CA PHE F 191 -18.63 20.39 -5.96
C PHE F 191 -19.11 20.30 -7.40
N TRP F 192 -19.42 21.45 -7.99
CA TRP F 192 -19.99 21.45 -9.34
C TRP F 192 -18.94 21.15 -10.39
N LEU F 193 -17.69 21.55 -10.14
CA LEU F 193 -16.60 21.17 -11.03
C LEU F 193 -16.47 19.66 -11.16
N THR F 194 -16.39 18.96 -10.03
CA THR F 194 -16.25 17.50 -10.08
C THR F 194 -17.53 16.85 -10.58
N ALA F 195 -18.69 17.40 -10.23
CA ALA F 195 -19.95 16.86 -10.73
C ALA F 195 -20.00 16.93 -12.25
N LEU F 196 -19.58 18.04 -12.83
CA LEU F 196 -19.52 18.15 -14.29
C LEU F 196 -18.48 17.22 -14.88
N GLU F 197 -17.28 17.23 -14.30
CA GLU F 197 -16.19 16.42 -14.84
C GLU F 197 -16.42 14.93 -14.64
N ASN F 198 -17.39 14.55 -13.80
CA ASN F 198 -17.82 13.16 -13.72
C ASN F 198 -18.84 12.81 -14.80
N LEU F 199 -19.41 13.80 -15.48
CA LEU F 199 -20.39 13.53 -16.52
C LEU F 199 -19.67 13.17 -17.81
N PRO F 200 -20.02 12.04 -18.45
CA PRO F 200 -19.20 11.50 -19.53
C PRO F 200 -18.99 12.43 -20.71
N ILE F 201 -20.08 12.87 -21.36
CA ILE F 201 -19.96 13.66 -22.57
C ILE F 201 -19.45 15.06 -22.26
N VAL F 202 -19.95 15.67 -21.19
CA VAL F 202 -19.65 17.07 -20.92
C VAL F 202 -18.20 17.27 -20.48
N ALA F 203 -17.66 16.33 -19.69
CA ALA F 203 -16.33 16.50 -19.11
C ALA F 203 -15.27 16.72 -20.17
N ASP F 204 -15.41 16.06 -21.32
CA ASP F 204 -14.38 16.13 -22.36
C ASP F 204 -14.23 17.54 -22.94
N THR F 205 -15.22 18.41 -22.75
CA THR F 205 -15.14 19.77 -23.27
C THR F 205 -14.48 20.74 -22.30
N ILE F 206 -14.39 20.38 -21.02
CA ILE F 206 -13.91 21.30 -19.98
C ILE F 206 -12.38 21.26 -19.97
N THR F 207 -11.75 22.30 -20.49
CA THR F 207 -10.32 22.47 -20.33
C THR F 207 -9.99 23.00 -18.94
N ASP F 208 -8.70 22.97 -18.59
CA ASP F 208 -8.27 23.50 -17.30
C ASP F 208 -8.57 24.99 -17.19
N ARG F 209 -8.42 25.74 -18.28
CA ARG F 209 -8.78 27.16 -18.26
C ARG F 209 -10.27 27.33 -17.97
N ASP F 210 -11.12 26.50 -18.58
CA ASP F 210 -12.53 26.49 -18.22
C ASP F 210 -12.73 26.08 -16.77
N ALA F 211 -12.03 25.02 -16.34
CA ALA F 211 -12.18 24.52 -14.99
C ALA F 211 -11.84 25.57 -13.94
N GLU F 212 -10.98 26.54 -14.31
CA GLU F 212 -10.65 27.61 -13.37
C GLU F 212 -11.89 28.41 -12.99
N VAL F 213 -12.76 28.72 -13.95
CA VAL F 213 -13.98 29.46 -13.64
C VAL F 213 -14.94 28.59 -12.86
N LEU F 214 -15.06 27.31 -13.24
CA LEU F 214 -16.02 26.41 -12.61
C LEU F 214 -15.77 26.26 -11.12
N GLU F 215 -14.55 26.55 -10.66
CA GLU F 215 -14.27 26.58 -9.23
C GLU F 215 -15.18 27.55 -8.50
N TYR F 216 -15.58 28.64 -9.17
CA TYR F 216 -16.50 29.61 -8.60
C TYR F 216 -17.96 29.26 -8.82
N LEU F 217 -18.25 28.22 -9.61
CA LEU F 217 -19.63 27.76 -9.75
C LEU F 217 -20.13 27.21 -8.42
N GLN F 218 -21.27 27.75 -7.96
CA GLN F 218 -21.90 27.29 -6.75
C GLN F 218 -23.33 26.81 -6.93
N ASP F 219 -23.94 27.08 -8.08
CA ASP F 219 -25.32 26.70 -8.36
C ASP F 219 -25.47 26.38 -9.84
N ILE F 220 -26.30 25.39 -10.14
CA ILE F 220 -26.73 25.10 -11.50
C ILE F 220 -28.24 24.88 -11.44
N GLY F 221 -29.01 25.80 -12.03
CA GLY F 221 -30.45 25.69 -12.00
C GLY F 221 -31.06 25.42 -13.36
N LEU F 222 -32.28 24.88 -13.37
CA LEU F 222 -33.04 24.63 -14.59
C LEU F 222 -34.23 25.55 -14.65
N GLU F 223 -34.53 26.05 -15.85
CA GLU F 223 -35.72 26.85 -16.10
C GLU F 223 -36.31 26.42 -17.43
N TYR F 224 -37.62 26.18 -17.43
CA TYR F 224 -38.33 25.74 -18.63
C TYR F 224 -39.02 26.93 -19.27
N LEU F 225 -38.76 27.14 -20.56
CA LEU F 225 -39.29 28.30 -21.26
C LEU F 225 -40.77 28.15 -21.54
N THR F 226 -41.59 28.19 -20.49
CA THR F 226 -43.04 28.16 -20.68
C THR F 226 -43.51 29.38 -21.47
N ASP F 227 -42.97 30.55 -21.16
CA ASP F 227 -43.28 31.75 -21.93
C ASP F 227 -42.41 31.82 -23.19
N GLY F 228 -42.96 32.43 -24.23
CA GLY F 228 -42.21 32.57 -25.46
C GLY F 228 -42.02 31.24 -26.17
N ARG F 229 -40.94 31.16 -26.95
CA ARG F 229 -40.63 29.94 -27.67
C ARG F 229 -40.33 28.80 -26.71
N PRO F 230 -40.78 27.58 -27.01
CA PRO F 230 -40.56 26.46 -26.10
C PRO F 230 -39.08 26.11 -25.98
N GLY F 231 -38.71 25.59 -24.82
CA GLY F 231 -37.35 25.20 -24.57
C GLY F 231 -37.06 25.16 -23.09
N PHE F 232 -35.79 24.88 -22.79
CA PHE F 232 -35.29 24.86 -21.43
C PHE F 232 -34.01 25.65 -21.35
N LYS F 233 -33.81 26.37 -20.24
CA LYS F 233 -32.65 27.24 -20.07
C LYS F 233 -31.84 26.75 -18.88
N LEU F 234 -30.53 26.63 -19.08
CA LEU F 234 -29.61 26.22 -18.04
C LEU F 234 -28.97 27.46 -17.42
N LEU F 235 -28.80 27.45 -16.10
CA LEU F 235 -28.30 28.60 -15.36
C LEU F 235 -27.04 28.21 -14.61
N PHE F 236 -25.99 29.01 -14.77
CA PHE F 236 -24.74 28.86 -14.03
C PHE F 236 -24.50 30.13 -13.25
N ARG F 237 -24.27 30.00 -11.94
CA ARG F 237 -24.19 31.14 -11.05
C ARG F 237 -22.78 31.31 -10.51
N PHE F 238 -22.38 32.56 -10.31
CA PHE F 238 -21.06 32.92 -9.81
C PHE F 238 -21.19 34.13 -8.89
N ASP F 239 -20.08 34.47 -8.24
CA ASP F 239 -20.01 35.64 -7.37
C ASP F 239 -19.02 36.61 -8.00
N SER F 240 -19.50 37.80 -8.36
CA SER F 240 -18.65 38.79 -9.00
C SER F 240 -17.52 39.24 -8.08
N SER F 241 -17.82 39.43 -6.80
CA SER F 241 -16.80 39.85 -5.84
C SER F 241 -15.73 38.78 -5.63
N ALA F 242 -15.98 37.55 -6.07
CA ALA F 242 -15.04 36.45 -5.89
C ALA F 242 -14.27 36.14 -7.17
N ASN F 243 -14.98 35.87 -8.27
CA ASN F 243 -14.30 35.47 -9.49
C ASN F 243 -13.61 36.67 -10.13
N PRO F 244 -12.41 36.47 -10.69
CA PRO F 244 -11.70 37.55 -11.39
C PRO F 244 -11.91 37.57 -12.91
N PHE F 245 -12.82 36.74 -13.43
CA PHE F 245 -12.95 36.54 -14.86
C PHE F 245 -13.99 37.46 -15.50
N PHE F 246 -15.20 37.48 -14.94
CA PHE F 246 -16.30 38.26 -15.50
C PHE F 246 -17.14 38.84 -14.37
N THR F 247 -17.93 39.85 -14.72
CA THR F 247 -18.78 40.54 -13.75
C THR F 247 -20.19 39.97 -13.69
N ASN F 248 -20.48 38.90 -14.42
CA ASN F 248 -21.80 38.30 -14.41
C ASN F 248 -21.91 37.32 -13.24
N ASP F 249 -22.90 37.56 -12.38
CA ASP F 249 -23.16 36.61 -11.30
C ASP F 249 -23.77 35.32 -11.82
N ILE F 250 -24.55 35.39 -12.90
CA ILE F 250 -25.24 34.24 -13.47
C ILE F 250 -24.95 34.18 -14.96
N LEU F 251 -24.51 33.02 -15.43
CA LEU F 251 -24.37 32.74 -16.85
C LEU F 251 -25.39 31.69 -17.25
N ALA F 252 -26.10 31.93 -18.35
CA ALA F 252 -27.21 31.08 -18.75
C ALA F 252 -27.04 30.62 -20.18
N LYS F 253 -27.48 29.39 -20.44
CA LYS F 253 -27.52 28.81 -21.77
C LYS F 253 -28.96 28.41 -22.09
N THR F 254 -29.35 28.60 -23.34
CA THR F 254 -30.73 28.41 -23.78
C THR F 254 -30.79 27.38 -24.91
N TYR F 255 -31.83 26.55 -24.86
CA TYR F 255 -32.17 25.63 -25.93
C TYR F 255 -33.61 25.87 -26.37
N PHE F 256 -33.86 25.69 -27.66
CA PHE F 256 -35.18 25.94 -28.25
C PHE F 256 -35.56 24.76 -29.13
N TYR F 257 -36.84 24.43 -29.13
CA TYR F 257 -37.39 23.39 -30.01
C TYR F 257 -38.23 24.04 -31.10
N GLN F 258 -38.46 23.26 -32.17
CA GLN F 258 -39.33 23.71 -33.25
C GLN F 258 -40.78 23.67 -32.81
N LYS F 259 -41.62 24.38 -33.55
CA LYS F 259 -43.04 24.46 -33.23
C LYS F 259 -43.77 23.14 -33.48
N GLU F 260 -43.16 22.20 -34.21
CA GLU F 260 -43.76 20.91 -34.50
C GLU F 260 -42.92 19.80 -33.87
N LEU F 261 -43.61 18.72 -33.50
CA LEU F 261 -42.93 17.56 -32.92
C LEU F 261 -42.14 16.81 -33.97
N GLY F 262 -41.27 15.92 -33.49
CA GLY F 262 -40.52 15.06 -34.38
C GLY F 262 -41.34 13.90 -34.91
N TYR F 263 -40.73 13.15 -35.83
CA TYR F 263 -41.42 12.01 -36.43
C TYR F 263 -41.75 10.95 -35.39
N SER F 264 -40.81 10.65 -34.50
CA SER F 264 -41.04 9.65 -33.46
C SER F 264 -42.01 10.13 -32.38
N GLY F 265 -42.38 11.41 -32.40
CA GLY F 265 -43.24 11.98 -31.38
C GLY F 265 -42.50 12.80 -30.34
N ASP F 266 -41.18 12.68 -30.27
CA ASP F 266 -40.39 13.48 -29.35
C ASP F 266 -40.15 14.87 -29.93
N PHE F 267 -39.73 15.78 -29.06
CA PHE F 267 -39.44 17.15 -29.49
C PHE F 267 -38.22 17.17 -30.41
N ILE F 268 -38.23 18.11 -31.35
CA ILE F 268 -37.10 18.33 -32.24
C ILE F 268 -36.62 19.75 -32.02
N TYR F 269 -35.33 19.96 -32.29
CA TYR F 269 -34.62 21.15 -31.83
C TYR F 269 -34.65 22.28 -32.83
N ASP F 270 -34.48 23.49 -32.31
CA ASP F 270 -34.29 24.71 -33.06
C ASP F 270 -32.94 25.29 -32.66
N HIS F 271 -32.45 26.26 -33.45
CA HIS F 271 -31.17 26.88 -33.18
C HIS F 271 -31.12 27.45 -31.76
N ALA F 272 -30.00 27.24 -31.08
CA ALA F 272 -29.85 27.67 -29.70
C ALA F 272 -29.21 29.07 -29.65
N GLU F 273 -29.19 29.64 -28.44
CA GLU F 273 -28.59 30.94 -28.21
C GLU F 273 -27.86 30.93 -26.86
N GLY F 274 -26.81 31.74 -26.77
CA GLY F 274 -26.04 31.83 -25.54
C GLY F 274 -25.75 33.28 -25.23
N ALA F 275 -25.43 33.52 -23.95
CA ALA F 275 -25.24 34.87 -23.45
C ALA F 275 -23.83 35.36 -23.73
N GLU F 276 -23.69 36.68 -23.89
CA GLU F 276 -22.40 37.31 -24.05
C GLU F 276 -21.81 37.58 -22.67
N ILE F 277 -20.78 36.81 -22.30
CA ILE F 277 -20.21 36.89 -20.96
C ILE F 277 -19.46 38.21 -20.80
N SER F 278 -19.75 38.93 -19.72
CA SER F 278 -19.15 40.24 -19.47
C SER F 278 -17.80 40.03 -18.78
N TRP F 279 -16.82 39.59 -19.57
CA TRP F 279 -15.46 39.40 -19.08
C TRP F 279 -14.88 40.68 -18.51
N LYS F 280 -14.17 40.55 -17.39
CA LYS F 280 -13.51 41.71 -16.82
C LYS F 280 -12.42 42.25 -17.74
N ASP F 281 -11.66 41.35 -18.36
CA ASP F 281 -10.64 41.78 -19.32
C ASP F 281 -10.39 40.65 -20.32
N ASN F 282 -9.84 41.03 -21.47
CA ASN F 282 -9.52 40.06 -22.51
C ASN F 282 -8.44 39.08 -22.06
N ALA F 283 -7.55 39.51 -21.16
CA ALA F 283 -6.57 38.60 -20.60
C ALA F 283 -7.25 37.48 -19.83
N HIS F 284 -8.28 37.81 -19.05
CA HIS F 284 -9.04 36.80 -18.33
C HIS F 284 -10.03 36.05 -19.22
N ASN F 285 -10.21 36.49 -20.46
CA ASN F 285 -11.04 35.73 -21.39
C ASN F 285 -10.49 34.33 -21.58
N VAL F 286 -11.40 33.36 -21.63
CA VAL F 286 -11.02 31.95 -21.76
C VAL F 286 -11.30 31.37 -23.13
N THR F 287 -12.06 32.06 -23.98
CA THR F 287 -12.47 31.51 -25.26
C THR F 287 -11.69 32.05 -26.45
N VAL F 288 -10.66 32.88 -26.23
CA VAL F 288 -9.79 33.34 -27.31
C VAL F 288 -8.36 33.41 -26.82
N ASP F 289 -7.43 33.53 -27.76
CA ASP F 289 -6.02 33.75 -27.50
C ASP F 289 -5.60 35.06 -28.16
N LEU F 290 -4.87 35.90 -27.41
CA LEU F 290 -4.48 37.21 -27.89
C LEU F 290 -2.98 37.30 -28.12
N GLU F 291 -2.61 38.18 -29.05
CA GLU F 291 -1.23 38.58 -29.26
C GLU F 291 -1.18 40.07 -29.55
N MET F 292 -0.21 40.75 -28.96
CA MET F 292 -0.06 42.20 -29.10
C MET F 292 1.39 42.52 -29.39
N ARG F 293 1.62 43.53 -30.23
CA ARG F 293 2.97 43.80 -30.71
C ARG F 293 3.06 45.21 -31.28
N LYS F 294 4.25 45.80 -31.16
CA LYS F 294 4.53 47.16 -31.60
C LYS F 294 5.56 47.14 -32.72
N GLN F 295 5.27 47.84 -33.81
CA GLN F 295 6.18 47.94 -34.96
C GLN F 295 6.27 49.36 -35.49
N ARG F 296 7.50 49.78 -35.77
CA ARG F 296 7.81 50.89 -36.67
C ARG F 296 7.72 50.36 -38.09
N ASN F 297 6.49 50.21 -38.57
CA ASN F 297 6.21 49.47 -39.80
C ASN F 297 6.74 50.20 -41.03
N LYS F 298 7.88 49.73 -41.56
CA LYS F 298 8.49 50.35 -42.73
C LYS F 298 7.59 50.31 -43.95
N THR F 299 6.71 49.30 -44.05
CA THR F 299 5.91 49.14 -45.27
C THR F 299 4.87 50.25 -45.41
N THR F 300 4.34 50.75 -44.28
CA THR F 300 3.27 51.74 -44.32
C THR F 300 3.64 53.04 -43.63
N LYS F 301 4.90 53.20 -43.21
CA LYS F 301 5.36 54.40 -42.52
C LYS F 301 4.51 54.66 -41.27
N GLN F 302 4.19 53.59 -40.55
CA GLN F 302 3.28 53.67 -39.41
C GLN F 302 3.98 53.10 -38.18
N VAL F 303 4.06 53.91 -37.13
CA VAL F 303 4.53 53.45 -35.81
C VAL F 303 3.27 53.02 -35.07
N ARG F 304 2.88 51.77 -35.29
CA ARG F 304 1.55 51.29 -34.93
C ARG F 304 1.61 50.10 -33.99
N THR F 305 0.55 49.94 -33.20
CA THR F 305 0.38 48.81 -32.30
C THR F 305 -0.70 47.89 -32.86
N ILE F 306 -0.43 46.59 -32.84
CA ILE F 306 -1.32 45.59 -33.41
C ILE F 306 -1.76 44.64 -32.31
N GLU F 307 -3.06 44.32 -32.30
CA GLU F 307 -3.65 43.37 -31.37
C GLU F 307 -4.32 42.26 -32.18
N LYS F 308 -4.15 41.02 -31.73
CA LYS F 308 -4.71 39.86 -32.40
C LYS F 308 -5.57 39.08 -31.43
N ILE F 309 -6.72 38.60 -31.92
CA ILE F 309 -7.66 37.80 -31.14
C ILE F 309 -8.01 36.57 -31.97
N THR F 310 -7.92 35.39 -31.37
CA THR F 310 -8.18 34.13 -32.06
C THR F 310 -9.05 33.24 -31.18
N PRO F 311 -10.25 32.89 -31.63
CA PRO F 311 -11.09 31.97 -30.84
C PRO F 311 -10.39 30.62 -30.65
N ILE F 312 -10.60 30.03 -29.47
CA ILE F 312 -9.98 28.77 -29.12
C ILE F 312 -11.03 27.83 -28.56
N GLU F 313 -10.73 26.53 -28.60
CA GLU F 313 -11.64 25.54 -28.05
C GLU F 313 -11.67 25.65 -26.53
N SER F 314 -12.88 25.59 -25.97
CA SER F 314 -13.09 25.76 -24.54
C SER F 314 -14.53 25.36 -24.22
N PHE F 315 -14.75 24.99 -22.95
CA PHE F 315 -16.11 24.63 -22.54
C PHE F 315 -17.06 25.81 -22.67
N PHE F 316 -16.60 27.02 -22.39
CA PHE F 316 -17.45 28.20 -22.52
C PHE F 316 -17.79 28.53 -23.96
N ASN F 317 -17.22 27.80 -24.93
CA ASN F 317 -17.78 27.81 -26.28
C ASN F 317 -19.13 27.10 -26.33
N PHE F 318 -19.53 26.44 -25.24
CA PHE F 318 -20.90 25.95 -25.12
C PHE F 318 -21.91 27.07 -25.28
N PHE F 319 -21.56 28.29 -24.84
CA PHE F 319 -22.38 29.46 -25.10
C PHE F 319 -22.07 29.96 -26.50
N ASP F 320 -22.67 31.10 -26.88
CA ASP F 320 -22.57 31.70 -28.21
C ASP F 320 -22.62 30.65 -29.33
N PRO F 321 -23.65 29.83 -29.39
CA PRO F 321 -23.70 28.75 -30.38
C PRO F 321 -23.80 29.31 -31.79
N PRO F 322 -23.50 28.51 -32.80
CA PRO F 322 -23.43 29.04 -34.18
C PRO F 322 -24.78 29.51 -34.69
N LYS F 323 -24.74 30.44 -35.63
CA LYS F 323 -25.90 30.95 -36.32
C LYS F 323 -25.67 30.87 -37.82
N ILE F 324 -26.70 31.14 -38.60
CA ILE F 324 -26.71 30.83 -40.02
C ILE F 324 -26.76 32.10 -40.84
N GLN F 325 -25.96 32.13 -41.91
CA GLN F 325 -26.06 33.13 -42.98
C GLN F 325 -26.20 32.38 -44.28
N ASN F 326 -27.26 32.70 -45.03
CA ASN F 326 -27.80 31.79 -46.06
C ASN F 326 -26.71 31.31 -47.04
N GLU F 327 -25.99 32.26 -47.64
CA GLU F 327 -25.00 31.88 -48.65
C GLU F 327 -23.90 31.03 -48.03
N ASP F 328 -23.42 31.42 -46.84
CA ASP F 328 -22.48 30.59 -46.11
C ASP F 328 -23.17 29.38 -45.48
N GLN F 329 -24.46 29.50 -45.19
CA GLN F 329 -25.19 28.37 -44.60
C GLN F 329 -25.21 27.18 -45.54
N ASP F 330 -25.44 27.43 -46.83
CA ASP F 330 -25.57 26.32 -47.78
C ASP F 330 -24.28 25.51 -47.88
N GLU F 331 -23.13 26.19 -47.92
CA GLU F 331 -21.86 25.49 -48.11
C GLU F 331 -21.17 25.16 -46.80
N GLU F 332 -20.82 26.18 -46.02
CA GLU F 332 -19.98 25.97 -44.85
C GLU F 332 -20.78 25.50 -43.65
N LEU F 333 -21.88 26.20 -43.33
CA LEU F 333 -22.59 25.95 -42.08
C LEU F 333 -23.51 24.73 -42.14
N GLU F 334 -23.63 24.07 -43.30
CA GLU F 334 -24.33 22.79 -43.32
C GLU F 334 -23.62 21.76 -42.46
N GLU F 335 -22.32 21.57 -42.68
CA GLU F 335 -21.53 20.70 -41.81
C GLU F 335 -21.49 21.23 -40.40
N ASP F 336 -21.52 22.55 -40.24
CA ASP F 336 -21.52 23.15 -38.90
C ASP F 336 -22.75 22.75 -38.11
N LEU F 337 -23.92 22.79 -38.74
CA LEU F 337 -25.13 22.36 -38.05
C LEU F 337 -25.16 20.84 -37.90
N GLU F 338 -24.57 20.11 -38.84
CA GLU F 338 -24.51 18.66 -38.71
C GLU F 338 -23.70 18.24 -37.48
N GLU F 339 -22.59 18.92 -37.22
CA GLU F 339 -21.71 18.53 -36.12
C GLU F 339 -22.03 19.25 -34.81
N ARG F 340 -21.93 20.58 -34.81
CA ARG F 340 -22.01 21.33 -33.55
C ARG F 340 -23.38 21.18 -32.90
N LEU F 341 -24.46 21.27 -33.68
CA LEU F 341 -25.79 21.22 -33.08
C LEU F 341 -26.04 19.88 -32.40
N ALA F 342 -25.61 18.78 -33.02
CA ALA F 342 -25.81 17.47 -32.40
C ALA F 342 -25.11 17.39 -31.05
N LEU F 343 -23.83 17.78 -31.01
CA LEU F 343 -23.09 17.76 -29.76
C LEU F 343 -23.69 18.69 -28.72
N ASP F 344 -24.09 19.90 -29.16
CA ASP F 344 -24.69 20.86 -28.24
C ASP F 344 -25.96 20.31 -27.62
N TYR F 345 -26.86 19.76 -28.44
CA TYR F 345 -28.11 19.23 -27.95
C TYR F 345 -27.87 18.03 -27.04
N SER F 346 -26.93 17.15 -27.41
CA SER F 346 -26.64 16.00 -26.56
C SER F 346 -26.11 16.43 -25.21
N ILE F 347 -25.21 17.42 -25.20
CA ILE F 347 -24.66 17.91 -23.94
C ILE F 347 -25.77 18.51 -23.07
N GLY F 348 -26.64 19.31 -23.68
CA GLY F 348 -27.73 19.91 -22.93
C GLY F 348 -28.67 18.87 -22.34
N GLU F 349 -29.05 17.89 -23.16
CA GLU F 349 -29.92 16.82 -22.68
C GLU F 349 -29.28 16.03 -21.57
N GLN F 350 -28.00 15.69 -21.73
CA GLN F 350 -27.30 14.94 -20.69
C GLN F 350 -27.29 15.71 -19.38
N LEU F 351 -26.90 16.99 -19.44
CA LEU F 351 -26.95 17.82 -18.23
C LEU F 351 -28.33 17.77 -17.59
N LYS F 352 -29.34 18.22 -18.34
CA LYS F 352 -30.66 18.44 -17.76
C LYS F 352 -31.23 17.15 -17.16
N ASP F 353 -31.06 16.03 -17.87
CA ASP F 353 -31.66 14.78 -17.41
C ASP F 353 -30.79 14.12 -16.34
N LYS F 354 -29.56 13.77 -16.71
CA LYS F 354 -28.73 12.95 -15.84
C LYS F 354 -28.22 13.72 -14.64
N LEU F 355 -27.72 14.94 -14.85
CA LEU F 355 -26.81 15.54 -13.88
C LEU F 355 -27.54 16.10 -12.66
N ILE F 356 -28.35 17.12 -12.85
CA ILE F 356 -28.91 17.90 -11.74
C ILE F 356 -29.82 17.06 -10.85
N PRO F 357 -30.73 16.24 -11.40
CA PRO F 357 -31.56 15.41 -10.50
C PRO F 357 -30.74 14.49 -9.63
N ARG F 358 -29.56 14.06 -10.07
CA ARG F 358 -28.73 13.21 -9.24
C ARG F 358 -27.39 13.88 -8.96
N ALA F 359 -27.42 15.20 -8.75
CA ALA F 359 -26.17 15.96 -8.62
C ALA F 359 -25.31 15.44 -7.49
N VAL F 360 -25.93 15.00 -6.39
CA VAL F 360 -25.17 14.41 -5.29
C VAL F 360 -24.45 13.14 -5.77
N ASP F 361 -25.18 12.26 -6.45
CA ASP F 361 -24.60 11.01 -6.90
C ASP F 361 -23.53 11.24 -7.97
N TRP F 362 -23.78 12.20 -8.88
CA TRP F 362 -22.75 12.52 -9.86
C TRP F 362 -21.52 13.11 -9.20
N PHE F 363 -21.71 13.92 -8.16
CA PHE F 363 -20.59 14.44 -7.39
C PHE F 363 -19.77 13.31 -6.77
N THR F 364 -20.46 12.36 -6.14
CA THR F 364 -19.75 11.22 -5.55
C THR F 364 -19.49 10.11 -6.56
N GLY F 365 -20.00 10.23 -7.78
CA GLY F 365 -19.82 9.22 -8.79
C GLY F 365 -20.79 8.05 -8.72
N ALA F 366 -21.67 8.03 -7.71
CA ALA F 366 -22.63 6.93 -7.59
C ALA F 366 -23.64 6.93 -8.72
N ALA F 367 -23.81 8.05 -9.42
CA ALA F 367 -24.75 8.11 -10.53
C ALA F 367 -24.20 7.47 -11.80
N LEU F 368 -22.92 7.13 -11.84
CA LEU F 368 -22.33 6.50 -13.01
C LEU F 368 -22.89 5.09 -13.21
#